data_2IZ1
#
_entry.id   2IZ1
#
_cell.length_a   71.069
_cell.length_b   104.879
_cell.length_c   240.542
_cell.angle_alpha   90.00
_cell.angle_beta   98.31
_cell.angle_gamma   90.00
#
_symmetry.space_group_name_H-M   'C 1 2 1'
#
loop_
_entity.id
_entity.type
_entity.pdbx_description
1 polymer '6-PHOSPHOGLUCONATE DEHYDROGENASE, DECARBOXYLATING'
2 non-polymer "2'-MONOPHOSPHOADENOSINE-5'-DIPHOSPHATE"
3 non-polymer '4-PHOSPHO-D-ERYTHRONOHYDROXAMIC ACID'
4 non-polymer 3,6,9,12,15,18-HEXAOXAICOSANE-1,20-DIOL
5 non-polymer DI(HYDROXYETHYL)ETHER
6 non-polymer 'CHLORIDE ION'
7 water water
#
_entity_poly.entity_id   1
_entity_poly.type   'polypeptide(L)'
_entity_poly.pdbx_seq_one_letter_code
;HHMAQANFGVVGMAVMGKNLALNVESRGYTVAIYNRTTSKTEEVFKEHQDKNLVFTKTLEEFVGSLEKPRRIMLMVQAGA
ATDATIKSLLPLLDIGDILIDGGNTHFPDTMRRNAELADSGINFIGTGVSGGEKGALLGPSMMPGGQKEAYDLVAPIFEQ
IAAKAPQDGKPCVAYMGANGAGHYVKMVHNGIEYGDMQLIAESYDLLKRILGLSNAEIQAIFEEWNEGELDSYLIEITKE
VLKRKDDEGEGYIVDKILDKAGNKGTGKWTSESALDLGVPLPLITESVFARYISTYKDERVKASKVLSGPALDFSGDKKE
VIEKIRKALYFSKIMSYAQGFAQLRKASEEFDWDLPYGTIAQIWRAGCIIRAEFLQNITDAFDKDSELENLLLDDYFVDI
TKRYQEAVRDVVSLAVQAGTPIPTFTSAISYYDSYRSENLPANLIQAQRDYFGAHTYERTDKAGIFHYDWYTED
;
_entity_poly.pdbx_strand_id   A,B,C
#
loop_
_chem_comp.id
_chem_comp.type
_chem_comp.name
_chem_comp.formula
ATR non-polymer 2'-MONOPHOSPHOADENOSINE-5'-DIPHOSPHATE 'C10 H16 N5 O13 P3'
CL non-polymer 'CHLORIDE ION' 'Cl -1'
P33 non-polymer 3,6,9,12,15,18-HEXAOXAICOSANE-1,20-DIOL 'C14 H30 O8'
PEG non-polymer DI(HYDROXYETHYL)ETHER 'C4 H10 O3'
RES non-polymer '4-PHOSPHO-D-ERYTHRONOHYDROXAMIC ACID' 'C4 H10 N O8 P'
#
# COMPACT_ATOMS: atom_id res chain seq x y z
N MET A 3 16.00 9.89 -24.03
CA MET A 3 14.58 9.49 -23.93
CA MET A 3 14.51 9.78 -24.10
C MET A 3 13.84 10.21 -22.79
N ALA A 4 14.49 11.19 -22.15
CA ALA A 4 13.99 11.87 -20.93
C ALA A 4 12.57 12.49 -21.06
N GLN A 5 11.65 11.75 -21.67
CA GLN A 5 10.27 12.15 -21.86
C GLN A 5 9.40 11.91 -20.61
N ALA A 6 9.77 10.94 -19.76
CA ALA A 6 8.89 10.45 -18.70
C ALA A 6 8.96 11.21 -17.38
N ASN A 7 7.78 11.50 -16.82
CA ASN A 7 7.65 12.24 -15.55
C ASN A 7 7.74 11.33 -14.32
N PHE A 8 7.48 10.04 -14.51
CA PHE A 8 7.38 9.05 -13.45
C PHE A 8 7.72 7.69 -14.04
N GLY A 9 8.30 6.81 -13.22
CA GLY A 9 8.69 5.47 -13.64
C GLY A 9 8.19 4.39 -12.69
N VAL A 10 7.67 3.31 -13.27
CA VAL A 10 7.27 2.14 -12.50
C VAL A 10 8.06 0.88 -12.89
N VAL A 11 8.68 0.24 -11.89
CA VAL A 11 9.36 -1.03 -12.03
C VAL A 11 8.50 -2.14 -11.41
N GLY A 12 8.26 -3.20 -12.18
CA GLY A 12 7.38 -4.30 -11.77
C GLY A 12 6.06 -4.19 -12.51
N MET A 13 5.86 -5.03 -13.54
CA MET A 13 4.67 -4.93 -14.38
C MET A 13 3.61 -6.02 -14.13
N ALA A 14 3.59 -6.54 -12.90
CA ALA A 14 2.54 -7.41 -12.45
C ALA A 14 1.32 -6.58 -12.06
N VAL A 15 0.33 -7.22 -11.44
CA VAL A 15 -1.00 -6.64 -11.18
C VAL A 15 -0.97 -5.22 -10.56
N MET A 16 -0.09 -5.04 -9.57
CA MET A 16 -0.03 -3.80 -8.82
C MET A 16 0.69 -2.70 -9.59
N GLY A 17 1.86 -3.03 -10.12
CA GLY A 17 2.69 -2.07 -10.84
C GLY A 17 2.09 -1.61 -12.16
N LYS A 18 1.47 -2.55 -12.88
CA LYS A 18 0.77 -2.23 -14.12
C LYS A 18 -0.32 -1.19 -13.86
N ASN A 19 -1.19 -1.50 -12.90
CA ASN A 19 -2.30 -0.63 -12.52
C ASN A 19 -1.85 0.72 -11.96
N LEU A 20 -0.77 0.75 -11.17
CA LEU A 20 -0.21 2.00 -10.64
CA LEU A 20 -0.24 2.01 -10.64
C LEU A 20 0.28 2.89 -11.78
N ALA A 21 1.03 2.29 -12.70
CA ALA A 21 1.50 2.99 -13.90
C ALA A 21 0.35 3.64 -14.66
N LEU A 22 -0.72 2.87 -14.87
CA LEU A 22 -1.92 3.37 -15.54
C LEU A 22 -2.62 4.47 -14.74
N ASN A 23 -2.69 4.30 -13.42
CA ASN A 23 -3.18 5.35 -12.53
C ASN A 23 -2.43 6.65 -12.77
N VAL A 24 -1.10 6.60 -12.65
CA VAL A 24 -0.25 7.77 -12.83
C VAL A 24 -0.44 8.41 -14.20
N GLU A 25 -0.46 7.59 -15.26
CA GLU A 25 -0.66 8.07 -16.62
C GLU A 25 -2.01 8.77 -16.78
N SER A 26 -3.04 8.27 -16.12
CA SER A 26 -4.39 8.88 -16.20
C SER A 26 -4.45 10.30 -15.61
N ARG A 27 -3.52 10.62 -14.72
CA ARG A 27 -3.41 11.96 -14.11
C ARG A 27 -2.69 12.97 -15.02
N GLY A 28 -2.43 12.58 -16.27
CA GLY A 28 -1.88 13.48 -17.27
C GLY A 28 -0.36 13.52 -17.28
N TYR A 29 0.25 12.35 -17.13
CA TYR A 29 1.71 12.18 -17.12
C TYR A 29 2.14 11.21 -18.21
N THR A 30 3.39 11.34 -18.67
CA THR A 30 3.98 10.24 -19.42
C THR A 30 4.78 9.36 -18.46
N VAL A 31 4.55 8.05 -18.54
CA VAL A 31 5.05 7.11 -17.54
C VAL A 31 5.94 6.04 -18.16
N ALA A 32 7.19 5.95 -17.67
CA ALA A 32 8.10 4.86 -18.04
C ALA A 32 7.73 3.58 -17.32
N ILE A 33 7.75 2.47 -18.06
CA ILE A 33 7.45 1.16 -17.49
C ILE A 33 8.60 0.16 -17.71
N TYR A 34 8.91 -0.60 -16.67
CA TYR A 34 9.92 -1.64 -16.74
C TYR A 34 9.50 -2.89 -15.94
N ASN A 35 9.92 -4.05 -16.44
CA ASN A 35 9.75 -5.34 -15.77
C ASN A 35 10.89 -6.25 -16.17
N ARG A 36 11.38 -7.03 -15.22
CA ARG A 36 12.51 -7.93 -15.47
C ARG A 36 12.22 -8.90 -16.64
N THR A 37 11.06 -9.54 -16.62
CA THR A 37 10.58 -10.28 -17.80
C THR A 37 9.98 -9.28 -18.81
N THR A 38 10.69 -9.08 -19.92
CA THR A 38 10.36 -8.05 -20.91
C THR A 38 8.99 -8.21 -21.57
N SER A 39 8.54 -9.45 -21.76
CA SER A 39 7.29 -9.74 -22.46
C SER A 39 6.08 -9.17 -21.73
N LYS A 40 6.17 -9.07 -20.41
CA LYS A 40 5.10 -8.52 -19.58
C LYS A 40 4.93 -7.02 -19.84
N THR A 41 6.05 -6.32 -19.92
CA THR A 41 6.10 -4.90 -20.28
C THR A 41 5.51 -4.68 -21.68
N GLU A 42 5.88 -5.59 -22.60
CA GLU A 42 5.39 -5.57 -23.98
C GLU A 42 3.87 -5.68 -24.07
N GLU A 43 3.28 -6.58 -23.28
CA GLU A 43 1.81 -6.72 -23.22
C GLU A 43 1.08 -5.44 -22.87
N VAL A 44 1.40 -4.85 -21.71
CA VAL A 44 0.75 -3.60 -21.26
C VAL A 44 1.02 -2.41 -22.19
N PHE A 45 2.22 -2.34 -22.76
CA PHE A 45 2.52 -1.32 -23.77
C PHE A 45 1.62 -1.48 -24.99
N LYS A 46 1.49 -2.72 -25.45
CA LYS A 46 0.70 -3.05 -26.63
C LYS A 46 -0.80 -2.92 -26.36
N GLU A 47 -1.24 -3.39 -25.18
CA GLU A 47 -2.65 -3.30 -24.78
C GLU A 47 -3.14 -1.88 -24.46
N HIS A 48 -2.21 -0.95 -24.30
CA HIS A 48 -2.54 0.44 -23.99
C HIS A 48 -1.67 1.38 -24.84
N GLN A 49 -1.88 1.35 -26.14
CA GLN A 49 -1.12 2.18 -27.07
C GLN A 49 -1.61 3.63 -27.10
N ASP A 50 -2.86 3.83 -26.67
CA ASP A 50 -3.45 5.15 -26.56
CA ASP A 50 -3.40 5.18 -26.59
C ASP A 50 -2.94 5.93 -25.33
N LYS A 51 -2.30 5.22 -24.40
CA LYS A 51 -1.79 5.82 -23.17
C LYS A 51 -0.36 6.30 -23.35
N ASN A 52 0.03 7.33 -22.61
CA ASN A 52 1.39 7.85 -22.68
C ASN A 52 2.38 7.04 -21.83
N LEU A 53 2.69 5.84 -22.31
CA LEU A 53 3.65 4.95 -21.66
C LEU A 53 4.92 4.85 -22.50
N VAL A 54 6.06 4.75 -21.82
CA VAL A 54 7.34 4.54 -22.49
C VAL A 54 7.81 3.12 -22.20
N PHE A 55 7.86 2.31 -23.25
CA PHE A 55 8.43 0.96 -23.19
C PHE A 55 9.94 1.03 -23.03
N THR A 56 10.45 0.38 -21.98
CA THR A 56 11.89 0.18 -21.79
C THR A 56 12.18 -1.29 -21.49
N LYS A 57 13.36 -1.76 -21.94
CA LYS A 57 13.71 -3.17 -21.81
C LYS A 57 14.86 -3.45 -20.84
N THR A 58 15.71 -2.44 -20.62
CA THR A 58 16.80 -2.53 -19.65
C THR A 58 16.65 -1.43 -18.59
N LEU A 59 17.32 -1.61 -17.45
CA LEU A 59 17.30 -0.63 -16.37
C LEU A 59 17.98 0.69 -16.74
N GLU A 60 19.05 0.62 -17.54
CA GLU A 60 19.75 1.83 -18.00
CA GLU A 60 19.74 1.83 -17.98
C GLU A 60 18.86 2.65 -18.92
N GLU A 61 18.02 1.98 -19.68
CA GLU A 61 17.08 2.63 -20.60
C GLU A 61 15.94 3.24 -19.80
N PHE A 62 15.42 2.46 -18.85
CA PHE A 62 14.41 2.92 -17.91
C PHE A 62 14.84 4.24 -17.25
N VAL A 63 15.99 4.21 -16.59
CA VAL A 63 16.56 5.40 -15.93
C VAL A 63 16.78 6.55 -16.93
N GLY A 64 17.33 6.22 -18.10
CA GLY A 64 17.56 7.20 -19.14
C GLY A 64 16.30 7.89 -19.63
N SER A 65 15.18 7.17 -19.64
CA SER A 65 13.92 7.70 -20.15
C SER A 65 13.25 8.70 -19.24
N LEU A 66 13.75 8.83 -18.01
CA LEU A 66 13.10 9.67 -16.99
C LEU A 66 13.72 11.06 -16.87
N GLU A 67 12.86 12.06 -16.73
CA GLU A 67 13.32 13.43 -16.51
CA GLU A 67 13.30 13.44 -16.50
C GLU A 67 13.82 13.57 -15.07
N LYS A 68 14.90 14.32 -14.92
CA LYS A 68 15.50 14.53 -13.61
C LYS A 68 14.86 15.75 -12.95
N PRO A 69 14.70 15.72 -11.60
CA PRO A 69 14.99 14.61 -10.72
C PRO A 69 14.00 13.45 -10.96
N ARG A 70 14.54 12.24 -11.09
CA ARG A 70 13.73 11.09 -11.44
C ARG A 70 12.85 10.64 -10.29
N ARG A 71 11.64 10.18 -10.61
CA ARG A 71 10.76 9.57 -9.64
C ARG A 71 10.46 8.14 -10.09
N ILE A 72 10.95 7.19 -9.31
CA ILE A 72 10.89 5.79 -9.62
C ILE A 72 10.17 5.08 -8.48
N MET A 73 9.11 4.35 -8.81
CA MET A 73 8.39 3.54 -7.83
C MET A 73 8.51 2.06 -8.16
N LEU A 74 8.90 1.30 -7.15
CA LEU A 74 9.08 -0.14 -7.24
C LEU A 74 7.86 -0.91 -6.71
N MET A 75 7.36 -1.80 -7.55
CA MET A 75 6.26 -2.70 -7.18
C MET A 75 6.73 -4.13 -7.47
N VAL A 76 7.75 -4.56 -6.73
CA VAL A 76 8.44 -5.83 -6.95
CA VAL A 76 8.35 -5.88 -6.97
C VAL A 76 8.23 -6.79 -5.77
N GLN A 77 8.37 -8.09 -6.01
CA GLN A 77 8.25 -9.11 -4.98
C GLN A 77 9.13 -8.78 -3.78
N ALA A 78 8.53 -8.83 -2.59
CA ALA A 78 9.23 -8.49 -1.37
C ALA A 78 10.44 -9.41 -1.13
N GLY A 79 11.47 -8.84 -0.52
CA GLY A 79 12.67 -9.60 -0.14
C GLY A 79 13.81 -9.46 -1.12
N ALA A 80 14.40 -10.61 -1.48
CA ALA A 80 15.58 -10.64 -2.36
C ALA A 80 15.32 -9.99 -3.71
N ALA A 81 14.13 -10.20 -4.28
CA ALA A 81 13.72 -9.55 -5.54
C ALA A 81 13.85 -8.03 -5.46
N THR A 82 13.28 -7.44 -4.41
CA THR A 82 13.35 -6.00 -4.16
C THR A 82 14.78 -5.53 -3.87
N ASP A 83 15.53 -6.31 -3.09
CA ASP A 83 16.92 -5.99 -2.74
C ASP A 83 17.81 -5.93 -3.97
N ALA A 84 17.67 -6.92 -4.85
CA ALA A 84 18.48 -6.99 -6.08
C ALA A 84 18.12 -5.86 -7.06
N THR A 85 16.83 -5.57 -7.17
CA THR A 85 16.35 -4.49 -8.03
C THR A 85 16.92 -3.12 -7.62
N ILE A 86 16.84 -2.82 -6.31
CA ILE A 86 17.39 -1.57 -5.76
C ILE A 86 18.91 -1.53 -5.93
N LYS A 87 19.57 -2.65 -5.67
CA LYS A 87 21.02 -2.76 -5.86
C LYS A 87 21.45 -2.46 -7.31
N SER A 88 20.73 -3.04 -8.28
CA SER A 88 21.00 -2.78 -9.70
C SER A 88 20.73 -1.31 -10.08
N LEU A 89 19.76 -0.72 -9.39
CA LEU A 89 19.22 0.58 -9.74
C LEU A 89 20.05 1.75 -9.21
N LEU A 90 20.54 1.62 -7.98
CA LEU A 90 21.29 2.68 -7.30
C LEU A 90 22.43 3.34 -8.11
N PRO A 91 23.35 2.52 -8.69
CA PRO A 91 24.46 3.09 -9.48
C PRO A 91 24.05 3.88 -10.73
N LEU A 92 22.86 3.60 -11.25
CA LEU A 92 22.31 4.31 -12.41
C LEU A 92 21.76 5.70 -12.06
N LEU A 93 21.59 5.97 -10.77
CA LEU A 93 20.82 7.12 -10.29
C LEU A 93 21.69 8.35 -10.00
N ASP A 94 21.05 9.52 -10.01
CA ASP A 94 21.73 10.79 -9.71
C ASP A 94 21.25 11.41 -8.40
N ILE A 95 22.08 12.29 -7.85
CA ILE A 95 21.72 13.05 -6.65
C ILE A 95 20.44 13.84 -6.93
N GLY A 96 19.51 13.81 -5.99
CA GLY A 96 18.21 14.45 -6.15
C GLY A 96 17.12 13.49 -6.63
N ASP A 97 17.52 12.37 -7.23
CA ASP A 97 16.57 11.34 -7.67
C ASP A 97 15.81 10.74 -6.48
N ILE A 98 14.57 10.30 -6.73
CA ILE A 98 13.71 9.74 -5.69
C ILE A 98 13.39 8.29 -5.95
N LEU A 99 13.72 7.42 -4.99
CA LEU A 99 13.43 6.02 -5.09
C LEU A 99 12.33 5.63 -4.09
N ILE A 100 11.26 5.04 -4.61
CA ILE A 100 10.12 4.64 -3.81
C ILE A 100 9.95 3.13 -3.85
N ASP A 101 9.99 2.50 -2.68
CA ASP A 101 9.64 1.09 -2.55
C ASP A 101 8.19 0.99 -2.09
N GLY A 102 7.31 0.68 -3.04
CA GLY A 102 5.89 0.50 -2.77
C GLY A 102 5.46 -0.91 -2.40
N GLY A 103 6.39 -1.86 -2.33
CA GLY A 103 6.05 -3.24 -1.99
C GLY A 103 5.74 -3.44 -0.51
N ASN A 104 5.26 -4.64 -0.16
CA ASN A 104 5.06 -5.05 1.24
C ASN A 104 6.37 -5.54 1.81
N THR A 105 7.30 -4.61 1.93
CA THR A 105 8.64 -4.88 2.44
C THR A 105 8.58 -4.91 3.96
N HIS A 106 9.28 -5.89 4.55
CA HIS A 106 9.38 -6.00 5.99
C HIS A 106 10.09 -4.77 6.50
N PHE A 107 9.43 -4.04 7.42
CA PHE A 107 9.90 -2.71 7.84
C PHE A 107 11.41 -2.60 8.21
N PRO A 108 12.00 -3.63 8.88
CA PRO A 108 13.45 -3.52 9.18
C PRO A 108 14.36 -3.37 7.96
N ASP A 109 13.98 -3.97 6.84
CA ASP A 109 14.71 -3.81 5.58
C ASP A 109 14.72 -2.35 5.13
N THR A 110 13.58 -1.69 5.33
CA THR A 110 13.39 -0.28 4.96
C THR A 110 14.20 0.63 5.89
N MET A 111 14.16 0.33 7.19
CA MET A 111 14.96 1.03 8.19
C MET A 111 16.47 0.99 7.88
N ARG A 112 16.96 -0.19 7.50
CA ARG A 112 18.34 -0.40 7.08
CA ARG A 112 18.35 -0.38 7.08
C ARG A 112 18.65 0.39 5.79
N ARG A 113 17.74 0.31 4.82
CA ARG A 113 17.88 0.98 3.53
C ARG A 113 17.98 2.48 3.74
N ASN A 114 17.07 3.02 4.55
CA ASN A 114 17.03 4.44 4.86
C ASN A 114 18.33 4.93 5.50
N ALA A 115 18.85 4.18 6.47
CA ALA A 115 20.11 4.53 7.14
C ALA A 115 21.27 4.52 6.15
N GLU A 116 21.35 3.48 5.33
CA GLU A 116 22.38 3.34 4.32
C GLU A 116 22.37 4.45 3.27
N LEU A 117 21.18 4.92 2.92
CA LEU A 117 21.02 5.93 1.87
C LEU A 117 20.93 7.37 2.39
N ALA A 118 21.09 7.55 3.71
CA ALA A 118 20.91 8.84 4.37
C ALA A 118 21.74 9.99 3.80
N ASP A 119 22.94 9.70 3.30
CA ASP A 119 23.81 10.74 2.76
C ASP A 119 24.30 10.48 1.32
N SER A 120 23.55 9.66 0.59
CA SER A 120 23.86 9.33 -0.80
C SER A 120 23.40 10.42 -1.76
N GLY A 121 22.47 11.27 -1.32
CA GLY A 121 21.86 12.27 -2.19
C GLY A 121 20.65 11.70 -2.93
N ILE A 122 20.40 10.41 -2.73
CA ILE A 122 19.23 9.75 -3.28
C ILE A 122 18.12 9.69 -2.23
N ASN A 123 17.01 10.35 -2.55
CA ASN A 123 15.83 10.40 -1.69
C ASN A 123 15.12 9.04 -1.67
N PHE A 124 14.90 8.52 -0.48
CA PHE A 124 14.25 7.22 -0.34
C PHE A 124 12.93 7.27 0.45
N ILE A 125 11.89 6.64 -0.14
CA ILE A 125 10.59 6.50 0.51
CA ILE A 125 10.60 6.49 0.51
C ILE A 125 10.15 5.04 0.45
N GLY A 126 9.91 4.46 1.63
CA GLY A 126 9.26 3.16 1.72
C GLY A 126 7.78 3.44 1.99
N THR A 127 6.91 2.99 1.11
CA THR A 127 5.46 3.25 1.23
C THR A 127 4.62 1.98 1.16
N GLY A 128 3.65 1.87 2.06
CA GLY A 128 2.56 0.92 1.95
C GLY A 128 1.53 1.36 0.92
N VAL A 129 1.01 0.42 0.16
CA VAL A 129 -0.01 0.68 -0.84
C VAL A 129 -1.12 -0.35 -0.61
N SER A 130 -2.35 0.14 -0.43
CA SER A 130 -3.49 -0.72 -0.18
C SER A 130 -4.55 -0.54 -1.28
N GLY A 131 -5.59 -1.39 -1.28
CA GLY A 131 -6.70 -1.26 -2.22
C GLY A 131 -6.74 -2.32 -3.30
N GLY A 132 -5.73 -3.19 -3.34
CA GLY A 132 -5.67 -4.26 -4.33
C GLY A 132 -5.54 -3.76 -5.76
N GLU A 133 -5.82 -4.64 -6.72
CA GLU A 133 -5.60 -4.30 -8.13
C GLU A 133 -6.37 -3.07 -8.63
N LYS A 134 -7.65 -2.97 -8.26
CA LYS A 134 -8.48 -1.80 -8.59
C LYS A 134 -8.10 -0.55 -7.79
N GLY A 135 -7.63 -0.75 -6.56
CA GLY A 135 -7.08 0.34 -5.77
C GLY A 135 -5.90 0.97 -6.48
N ALA A 136 -4.95 0.14 -6.90
CA ALA A 136 -3.78 0.59 -7.66
C ALA A 136 -4.16 1.39 -8.93
N LEU A 137 -5.21 0.95 -9.63
CA LEU A 137 -5.68 1.62 -10.85
C LEU A 137 -6.44 2.93 -10.57
N LEU A 138 -7.37 2.90 -9.63
CA LEU A 138 -8.31 4.00 -9.46
C LEU A 138 -8.00 4.92 -8.28
N GLY A 139 -7.23 4.40 -7.31
CA GLY A 139 -6.92 5.18 -6.12
C GLY A 139 -6.62 4.31 -4.91
N PRO A 140 -5.33 4.12 -4.58
CA PRO A 140 -4.96 3.37 -3.38
C PRO A 140 -4.87 4.25 -2.13
N SER A 141 -4.94 3.62 -0.96
CA SER A 141 -4.50 4.26 0.28
C SER A 141 -2.99 4.11 0.31
N MET A 142 -2.27 5.17 0.65
CA MET A 142 -0.80 5.13 0.69
C MET A 142 -0.26 5.52 2.07
N MET A 143 0.77 4.80 2.50
CA MET A 143 1.37 4.97 3.83
C MET A 143 2.89 5.13 3.70
N PRO A 144 3.35 6.33 3.31
CA PRO A 144 4.78 6.57 3.12
C PRO A 144 5.54 7.01 4.38
N GLY A 145 6.76 6.49 4.52
CA GLY A 145 7.73 6.94 5.52
C GLY A 145 9.10 7.23 4.91
N GLY A 146 9.94 7.95 5.65
CA GLY A 146 11.24 8.40 5.14
C GLY A 146 11.55 9.81 5.64
N GLN A 147 12.53 10.50 5.06
CA GLN A 147 12.78 11.90 5.43
C GLN A 147 11.57 12.71 5.02
N LYS A 148 11.13 13.61 5.90
CA LYS A 148 10.04 14.52 5.59
C LYS A 148 10.31 15.30 4.30
N GLU A 149 11.57 15.63 4.03
CA GLU A 149 11.94 16.36 2.83
C GLU A 149 11.66 15.54 1.57
N ALA A 150 11.97 14.25 1.64
CA ALA A 150 11.68 13.31 0.57
C ALA A 150 10.17 13.15 0.36
N TYR A 151 9.41 13.07 1.46
CA TYR A 151 7.97 12.96 1.37
C TYR A 151 7.35 14.14 0.63
N ASP A 152 7.79 15.35 0.97
CA ASP A 152 7.27 16.57 0.36
C ASP A 152 7.44 16.59 -1.15
N LEU A 153 8.51 15.97 -1.63
CA LEU A 153 8.80 15.88 -3.08
C LEU A 153 7.79 15.02 -3.84
N VAL A 154 7.28 13.97 -3.20
CA VAL A 154 6.34 13.04 -3.83
C VAL A 154 4.88 13.25 -3.41
N ALA A 155 4.65 14.06 -2.38
CA ALA A 155 3.31 14.29 -1.86
C ALA A 155 2.30 14.75 -2.91
N PRO A 156 2.66 15.78 -3.75
CA PRO A 156 1.73 16.22 -4.80
C PRO A 156 1.24 15.10 -5.72
N ILE A 157 2.14 14.31 -6.27
CA ILE A 157 1.73 13.24 -7.17
C ILE A 157 1.06 12.08 -6.44
N PHE A 158 1.49 11.81 -5.19
CA PHE A 158 0.83 10.78 -4.36
C PHE A 158 -0.63 11.16 -4.08
N GLU A 159 -0.86 12.44 -3.84
CA GLU A 159 -2.21 12.95 -3.59
C GLU A 159 -3.09 12.85 -4.83
N GLN A 160 -2.50 13.05 -6.00
CA GLN A 160 -3.24 12.96 -7.26
C GLN A 160 -3.72 11.53 -7.53
N ILE A 161 -2.84 10.55 -7.36
CA ILE A 161 -3.20 9.16 -7.61
C ILE A 161 -4.02 8.51 -6.48
N ALA A 162 -3.89 9.04 -5.25
CA ALA A 162 -4.52 8.44 -4.08
C ALA A 162 -6.05 8.43 -4.16
N ALA A 163 -6.66 7.43 -3.51
CA ALA A 163 -8.09 7.45 -3.25
C ALA A 163 -8.41 8.73 -2.51
N LYS A 164 -9.60 9.27 -2.75
CA LYS A 164 -10.09 10.41 -1.97
C LYS A 164 -11.24 9.89 -1.12
N ALA A 165 -11.29 10.33 0.14
CA ALA A 165 -12.34 9.89 1.04
C ALA A 165 -13.67 10.44 0.52
N PRO A 166 -14.72 9.57 0.48
CA PRO A 166 -16.04 10.05 0.03
C PRO A 166 -16.60 11.16 0.92
N GLN A 167 -16.24 11.11 2.21
CA GLN A 167 -16.75 12.03 3.21
C GLN A 167 -16.37 13.49 2.98
N ASP A 168 -15.11 13.74 2.62
CA ASP A 168 -14.57 15.11 2.62
C ASP A 168 -13.62 15.39 1.46
N GLY A 169 -13.34 14.37 0.67
CA GLY A 169 -12.46 14.53 -0.48
C GLY A 169 -10.97 14.47 -0.17
N LYS A 170 -10.62 14.29 1.11
CA LYS A 170 -9.22 14.26 1.53
C LYS A 170 -8.47 13.03 0.99
N PRO A 171 -7.30 13.26 0.36
CA PRO A 171 -6.43 12.21 -0.17
C PRO A 171 -6.09 11.18 0.90
N CYS A 172 -6.14 9.91 0.53
CA CYS A 172 -5.85 8.81 1.43
C CYS A 172 -4.37 8.48 1.39
N VAL A 173 -3.59 9.50 1.76
CA VAL A 173 -2.13 9.46 1.85
C VAL A 173 -1.73 10.57 2.82
N ALA A 174 -0.80 10.24 3.72
CA ALA A 174 -0.20 11.21 4.62
C ALA A 174 1.18 10.69 5.01
N TYR A 175 2.02 11.59 5.50
CA TYR A 175 3.31 11.25 6.07
C TYR A 175 3.15 10.42 7.34
N MET A 176 3.74 9.22 7.34
CA MET A 176 3.63 8.32 8.48
C MET A 176 4.69 8.59 9.52
N GLY A 177 5.91 8.88 9.04
CA GLY A 177 7.02 9.13 9.95
C GLY A 177 8.34 8.69 9.33
N ALA A 178 9.39 8.70 10.15
CA ALA A 178 10.75 8.46 9.67
C ALA A 178 10.93 7.04 9.18
N ASN A 179 11.93 6.85 8.31
CA ASN A 179 12.38 5.54 7.86
C ASN A 179 11.28 4.49 7.54
N GLY A 180 11.22 3.41 8.32
CA GLY A 180 10.28 2.32 8.07
C GLY A 180 8.87 2.47 8.59
N ALA A 181 8.49 3.65 9.08
CA ALA A 181 7.14 3.86 9.66
C ALA A 181 5.99 3.51 8.71
N GLY A 182 6.13 3.89 7.44
CA GLY A 182 5.09 3.67 6.44
C GLY A 182 4.83 2.21 6.15
N HIS A 183 5.92 1.46 5.97
CA HIS A 183 5.84 0.02 5.79
C HIS A 183 5.35 -0.72 7.03
N TYR A 184 5.68 -0.20 8.21
CA TYR A 184 5.17 -0.75 9.48
C TYR A 184 3.65 -0.59 9.60
N VAL A 185 3.15 0.60 9.26
CA VAL A 185 1.69 0.86 9.23
C VAL A 185 0.96 -0.06 8.24
N LYS A 186 1.52 -0.24 7.03
CA LYS A 186 0.95 -1.19 6.06
C LYS A 186 0.90 -2.63 6.60
N MET A 187 1.94 -3.04 7.33
CA MET A 187 1.99 -4.38 7.92
C MET A 187 0.84 -4.57 8.91
N VAL A 188 0.67 -3.61 9.81
CA VAL A 188 -0.42 -3.64 10.79
C VAL A 188 -1.79 -3.64 10.09
N HIS A 189 -1.92 -2.81 9.05
CA HIS A 189 -3.10 -2.78 8.19
C HIS A 189 -3.42 -4.21 7.71
N ASN A 190 -2.42 -4.91 7.21
CA ASN A 190 -2.63 -6.28 6.78
C ASN A 190 -2.94 -7.27 7.92
N GLY A 191 -2.39 -7.02 9.11
CA GLY A 191 -2.72 -7.80 10.28
C GLY A 191 -4.21 -7.73 10.57
N ILE A 192 -4.71 -6.50 10.65
CA ILE A 192 -6.12 -6.22 10.90
C ILE A 192 -7.01 -6.88 9.83
N GLU A 193 -6.58 -6.75 8.58
CA GLU A 193 -7.17 -7.42 7.43
C GLU A 193 -7.32 -8.95 7.61
N TYR A 194 -6.23 -9.63 7.95
CA TYR A 194 -6.26 -11.06 8.27
C TYR A 194 -7.32 -11.34 9.33
N GLY A 195 -7.36 -10.50 10.37
CA GLY A 195 -8.28 -10.68 11.51
C GLY A 195 -9.74 -10.62 11.09
N ASP A 196 -10.07 -9.60 10.30
CA ASP A 196 -11.43 -9.43 9.82
CA ASP A 196 -11.42 -9.40 9.78
C ASP A 196 -11.86 -10.52 8.83
N MET A 197 -10.94 -10.90 7.93
CA MET A 197 -11.20 -11.99 6.97
C MET A 197 -11.52 -13.31 7.69
N GLN A 198 -10.80 -13.62 8.78
CA GLN A 198 -11.08 -14.83 9.56
C GLN A 198 -12.43 -14.77 10.30
N LEU A 199 -12.76 -13.61 10.86
CA LEU A 199 -14.07 -13.38 11.48
C LEU A 199 -15.22 -13.53 10.49
N ILE A 200 -15.02 -13.03 9.27
CA ILE A 200 -15.99 -13.17 8.19
C ILE A 200 -16.16 -14.63 7.77
N ALA A 201 -15.05 -15.36 7.67
CA ALA A 201 -15.06 -16.78 7.33
C ALA A 201 -15.77 -17.61 8.40
N GLU A 202 -15.56 -17.25 9.65
CA GLU A 202 -16.26 -17.89 10.76
C GLU A 202 -17.77 -17.61 10.73
N SER A 203 -18.15 -16.37 10.45
CA SER A 203 -19.56 -16.00 10.28
C SER A 203 -20.21 -16.83 9.18
N TYR A 204 -19.55 -16.88 8.03
CA TYR A 204 -19.97 -17.69 6.89
C TYR A 204 -20.08 -19.16 7.28
N ASP A 205 -19.10 -19.67 8.03
CA ASP A 205 -19.11 -21.05 8.52
C ASP A 205 -20.32 -21.34 9.44
N LEU A 206 -20.61 -20.40 10.34
CA LEU A 206 -21.79 -20.49 11.21
C LEU A 206 -23.12 -20.48 10.44
N LEU A 207 -23.26 -19.54 9.51
CA LEU A 207 -24.46 -19.45 8.67
C LEU A 207 -24.72 -20.70 7.83
N LYS A 208 -23.63 -21.27 7.31
CA LYS A 208 -23.68 -22.42 6.42
C LYS A 208 -23.85 -23.75 7.18
N ARG A 209 -23.07 -23.96 8.24
CA ARG A 209 -23.07 -25.24 8.97
C ARG A 209 -24.14 -25.37 10.04
N ILE A 210 -24.35 -24.30 10.81
CA ILE A 210 -25.33 -24.34 11.91
C ILE A 210 -26.75 -24.00 11.43
N LEU A 211 -26.90 -22.89 10.70
CA LEU A 211 -28.22 -22.47 10.21
C LEU A 211 -28.60 -23.12 8.88
N GLY A 212 -27.68 -23.87 8.28
CA GLY A 212 -27.93 -24.61 7.04
C GLY A 212 -28.26 -23.76 5.82
N LEU A 213 -27.76 -22.54 5.79
CA LEU A 213 -28.14 -21.60 4.74
C LEU A 213 -27.37 -21.82 3.44
N SER A 214 -28.02 -21.52 2.32
CA SER A 214 -27.42 -21.65 1.00
C SER A 214 -26.56 -20.42 0.70
N ASN A 215 -25.81 -20.48 -0.40
CA ASN A 215 -24.94 -19.37 -0.78
C ASN A 215 -25.70 -18.10 -1.11
N ALA A 216 -26.85 -18.25 -1.77
CA ALA A 216 -27.72 -17.12 -2.09
C ALA A 216 -28.24 -16.46 -0.82
N GLU A 217 -28.64 -17.29 0.14
CA GLU A 217 -29.10 -16.84 1.45
C GLU A 217 -28.03 -16.06 2.23
N ILE A 218 -26.81 -16.59 2.26
CA ILE A 218 -25.66 -15.93 2.89
C ILE A 218 -25.25 -14.67 2.12
N GLN A 219 -25.32 -14.76 0.79
CA GLN A 219 -25.06 -13.60 -0.05
C GLN A 219 -25.97 -12.43 0.34
N ALA A 220 -27.26 -12.70 0.48
CA ALA A 220 -28.26 -11.69 0.84
C ALA A 220 -28.03 -11.12 2.24
N ILE A 221 -27.63 -12.00 3.17
CA ILE A 221 -27.34 -11.58 4.54
C ILE A 221 -26.18 -10.55 4.61
N PHE A 222 -25.05 -10.88 3.98
CA PHE A 222 -23.88 -9.97 3.93
C PHE A 222 -24.19 -8.67 3.21
N GLU A 223 -25.04 -8.76 2.18
CA GLU A 223 -25.54 -7.63 1.45
C GLU A 223 -26.31 -6.65 2.36
N GLU A 224 -27.19 -7.18 3.21
CA GLU A 224 -27.96 -6.38 4.16
CA GLU A 224 -27.94 -6.35 4.14
C GLU A 224 -27.04 -5.79 5.24
N TRP A 225 -26.10 -6.62 5.71
CA TRP A 225 -25.13 -6.21 6.72
C TRP A 225 -24.28 -5.02 6.26
N ASN A 226 -23.90 -5.05 5.00
CA ASN A 226 -23.09 -4.00 4.38
C ASN A 226 -23.83 -2.66 4.26
N GLU A 227 -25.16 -2.70 4.41
CA GLU A 227 -25.99 -1.50 4.39
CA GLU A 227 -26.00 -1.50 4.39
C GLU A 227 -26.03 -0.82 5.76
N GLY A 228 -25.61 -1.54 6.80
CA GLY A 228 -25.58 -0.98 8.15
C GLY A 228 -24.18 -0.60 8.59
N GLU A 229 -23.97 -0.60 9.90
CA GLU A 229 -22.68 -0.26 10.50
C GLU A 229 -21.50 -1.19 10.11
N LEU A 230 -21.81 -2.36 9.54
CA LEU A 230 -20.78 -3.29 9.07
C LEU A 230 -20.23 -2.90 7.71
N ASP A 231 -20.87 -1.92 7.07
CA ASP A 231 -20.39 -1.27 5.85
C ASP A 231 -18.85 -1.26 5.77
N SER A 232 -18.30 -2.11 4.92
CA SER A 232 -16.86 -2.24 4.75
C SER A 232 -16.47 -2.91 3.43
N TYR A 233 -15.21 -2.72 3.04
CA TYR A 233 -14.70 -3.28 1.80
C TYR A 233 -14.78 -4.82 1.79
N LEU A 234 -14.31 -5.44 2.86
CA LEU A 234 -14.31 -6.91 2.98
C LEU A 234 -15.71 -7.54 3.00
N ILE A 235 -16.67 -6.88 3.64
CA ILE A 235 -18.05 -7.36 3.60
C ILE A 235 -18.67 -7.18 2.21
N GLU A 236 -18.36 -6.05 1.57
CA GLU A 236 -18.77 -5.78 0.20
C GLU A 236 -18.26 -6.84 -0.78
N ILE A 237 -16.98 -7.19 -0.71
CA ILE A 237 -16.43 -8.16 -1.65
C ILE A 237 -16.83 -9.61 -1.34
N THR A 238 -17.16 -9.88 -0.08
CA THR A 238 -17.77 -11.16 0.32
C THR A 238 -19.13 -11.40 -0.38
N LYS A 239 -20.01 -10.40 -0.36
CA LYS A 239 -21.31 -10.55 -1.02
CA LYS A 239 -21.32 -10.48 -1.03
C LYS A 239 -21.16 -10.63 -2.55
N GLU A 240 -20.07 -10.08 -3.08
CA GLU A 240 -19.76 -10.18 -4.51
C GLU A 240 -19.25 -11.57 -4.86
N VAL A 241 -18.31 -12.07 -4.06
CA VAL A 241 -17.76 -13.42 -4.22
C VAL A 241 -18.83 -14.52 -4.20
N LEU A 242 -19.77 -14.40 -3.27
CA LEU A 242 -20.81 -15.43 -3.07
C LEU A 242 -21.86 -15.51 -4.19
N LYS A 243 -21.91 -14.49 -5.04
CA LYS A 243 -22.75 -14.48 -6.25
C LYS A 243 -22.23 -15.36 -7.37
N ARG A 244 -20.91 -15.53 -7.45
CA ARG A 244 -20.28 -16.01 -8.68
C ARG A 244 -20.39 -17.50 -8.90
N LYS A 245 -20.67 -17.88 -10.14
CA LYS A 245 -20.77 -19.29 -10.52
C LYS A 245 -19.43 -19.80 -11.04
N ASP A 246 -19.23 -21.10 -10.97
CA ASP A 246 -17.98 -21.74 -11.41
C ASP A 246 -17.72 -21.43 -12.87
N ASP A 247 -16.49 -21.05 -13.20
CA ASP A 247 -16.08 -20.77 -14.58
C ASP A 247 -15.64 -22.05 -15.33
N GLU A 248 -15.55 -23.17 -14.62
CA GLU A 248 -15.11 -24.43 -15.23
C GLU A 248 -16.00 -25.61 -14.82
N GLY A 249 -17.28 -25.32 -14.56
CA GLY A 249 -18.23 -26.34 -14.14
C GLY A 249 -19.50 -25.76 -13.55
N GLU A 250 -20.26 -26.63 -12.89
CA GLU A 250 -21.54 -26.25 -12.28
C GLU A 250 -21.37 -25.81 -10.82
N GLY A 251 -22.25 -24.91 -10.38
CA GLY A 251 -22.26 -24.50 -8.99
C GLY A 251 -21.50 -23.21 -8.76
N TYR A 252 -21.13 -22.95 -7.51
CA TYR A 252 -20.48 -21.71 -7.13
C TYR A 252 -18.96 -21.87 -7.11
N ILE A 253 -18.26 -20.85 -7.61
CA ILE A 253 -16.79 -20.89 -7.63
C ILE A 253 -16.20 -21.04 -6.22
N VAL A 254 -16.77 -20.31 -5.25
CA VAL A 254 -16.32 -20.36 -3.85
C VAL A 254 -16.30 -21.80 -3.30
N ASP A 255 -17.17 -22.64 -3.84
CA ASP A 255 -17.28 -24.04 -3.43
C ASP A 255 -16.24 -24.93 -4.11
N LYS A 256 -15.65 -24.42 -5.19
CA LYS A 256 -14.65 -25.16 -5.95
C LYS A 256 -13.23 -24.71 -5.60
N ILE A 257 -13.10 -23.87 -4.57
CA ILE A 257 -11.79 -23.36 -4.14
C ILE A 257 -11.32 -24.17 -2.94
N LEU A 258 -10.10 -24.73 -3.06
CA LEU A 258 -9.53 -25.54 -2.00
C LEU A 258 -9.25 -24.69 -0.77
N ASP A 259 -9.74 -25.17 0.36
CA ASP A 259 -9.64 -24.48 1.65
C ASP A 259 -8.22 -24.54 2.22
N LYS A 260 -7.27 -23.98 1.46
CA LYS A 260 -5.89 -23.88 1.89
C LYS A 260 -5.42 -22.47 1.70
N ALA A 261 -5.47 -21.70 2.78
CA ALA A 261 -5.18 -20.27 2.75
C ALA A 261 -3.70 -19.99 2.59
N GLY A 262 -3.37 -19.15 1.62
CA GLY A 262 -2.02 -18.69 1.40
C GLY A 262 -1.73 -17.43 2.21
N ASN A 263 -0.45 -17.09 2.31
CA ASN A 263 -0.04 -15.88 2.97
C ASN A 263 1.32 -15.45 2.43
N LYS A 264 1.54 -14.14 2.38
CA LYS A 264 2.80 -13.63 1.85
C LYS A 264 3.61 -12.86 2.92
N GLY A 265 3.33 -13.16 4.18
CA GLY A 265 4.21 -12.76 5.28
C GLY A 265 3.79 -11.63 6.20
N THR A 266 2.93 -10.72 5.73
CA THR A 266 2.60 -9.51 6.51
C THR A 266 1.84 -9.76 7.81
N GLY A 267 0.86 -10.65 7.79
CA GLY A 267 0.14 -11.03 8.99
C GLY A 267 1.06 -11.70 10.01
N LYS A 268 1.93 -12.59 9.53
CA LYS A 268 2.96 -13.22 10.35
C LYS A 268 3.92 -12.19 10.99
N TRP A 269 4.41 -11.27 10.16
CA TRP A 269 5.26 -10.17 10.62
C TRP A 269 4.59 -9.28 11.68
N THR A 270 3.28 -9.06 11.54
CA THR A 270 2.52 -8.30 12.55
C THR A 270 2.58 -9.01 13.93
N SER A 271 2.27 -10.31 13.93
CA SER A 271 2.30 -11.11 15.16
C SER A 271 3.69 -11.18 15.77
N GLU A 272 4.72 -11.39 14.92
CA GLU A 272 6.11 -11.36 15.35
C GLU A 272 6.48 -10.05 16.04
N SER A 273 6.06 -8.92 15.45
CA SER A 273 6.33 -7.62 16.05
C SER A 273 5.61 -7.45 17.38
N ALA A 274 4.34 -7.83 17.44
CA ALA A 274 3.59 -7.88 18.72
C ALA A 274 4.29 -8.72 19.81
N LEU A 275 4.82 -9.89 19.45
CA LEU A 275 5.60 -10.71 20.40
C LEU A 275 6.87 -10.00 20.85
N ASP A 276 7.54 -9.34 19.91
CA ASP A 276 8.75 -8.55 20.20
CA ASP A 276 8.76 -8.59 20.24
C ASP A 276 8.47 -7.35 21.10
N LEU A 277 7.35 -6.66 20.84
CA LEU A 277 7.00 -5.42 21.54
C LEU A 277 6.31 -5.60 22.91
N GLY A 278 5.85 -6.82 23.20
CA GLY A 278 5.10 -7.07 24.43
C GLY A 278 3.63 -6.68 24.29
N VAL A 279 3.11 -6.72 23.07
CA VAL A 279 1.74 -6.30 22.79
C VAL A 279 0.84 -7.51 22.69
N PRO A 280 -0.27 -7.53 23.46
CA PRO A 280 -1.20 -8.63 23.27
C PRO A 280 -1.97 -8.47 21.95
N LEU A 281 -1.72 -9.41 21.03
CA LEU A 281 -2.35 -9.38 19.72
C LEU A 281 -2.99 -10.74 19.38
N PRO A 282 -3.88 -11.25 20.26
CA PRO A 282 -4.42 -12.61 20.07
C PRO A 282 -5.29 -12.82 18.85
N LEU A 283 -6.13 -11.86 18.50
CA LEU A 283 -7.11 -12.07 17.43
C LEU A 283 -6.42 -12.19 16.07
N ILE A 284 -5.58 -11.21 15.73
CA ILE A 284 -4.80 -11.23 14.50
C ILE A 284 -3.89 -12.47 14.43
N THR A 285 -3.25 -12.80 15.54
CA THR A 285 -2.37 -13.96 15.62
C THR A 285 -3.11 -15.28 15.41
N GLU A 286 -4.27 -15.42 16.07
CA GLU A 286 -5.18 -16.55 15.82
C GLU A 286 -5.58 -16.69 14.35
N SER A 287 -5.80 -15.57 13.66
CA SER A 287 -6.19 -15.60 12.25
C SER A 287 -5.04 -16.07 11.34
N VAL A 288 -3.81 -15.72 11.71
CA VAL A 288 -2.62 -16.27 11.07
C VAL A 288 -2.51 -17.80 11.29
N PHE A 289 -2.65 -18.24 12.54
CA PHE A 289 -2.64 -19.69 12.84
C PHE A 289 -3.80 -20.44 12.16
N ALA A 290 -4.93 -19.76 12.00
CA ALA A 290 -6.09 -20.32 11.27
C ALA A 290 -5.77 -20.59 9.80
N ARG A 291 -5.05 -19.65 9.17
CA ARG A 291 -4.47 -19.89 7.84
C ARG A 291 -3.53 -21.09 7.86
N TYR A 292 -2.60 -21.12 8.84
CA TYR A 292 -1.63 -22.21 8.94
C TYR A 292 -2.32 -23.57 9.03
N ILE A 293 -3.31 -23.69 9.94
CA ILE A 293 -3.99 -24.97 10.12
C ILE A 293 -4.81 -25.39 8.88
N SER A 294 -5.22 -24.42 8.05
CA SER A 294 -5.90 -24.75 6.80
C SER A 294 -4.95 -25.44 5.80
N THR A 295 -3.66 -25.08 5.85
CA THR A 295 -2.65 -25.72 5.00
C THR A 295 -2.40 -27.18 5.39
N TYR A 296 -2.77 -27.55 6.61
CA TYR A 296 -2.67 -28.94 7.08
C TYR A 296 -3.87 -29.79 6.60
N LYS A 297 -4.26 -29.58 5.34
CA LYS A 297 -5.44 -30.23 4.74
C LYS A 297 -5.44 -31.76 4.86
N ASP A 298 -4.35 -32.40 4.46
CA ASP A 298 -4.23 -33.87 4.53
C ASP A 298 -4.41 -34.41 5.96
N GLU A 299 -3.86 -33.72 6.94
CA GLU A 299 -4.01 -34.11 8.34
C GLU A 299 -5.45 -33.96 8.83
N ARG A 300 -6.06 -32.83 8.48
CA ARG A 300 -7.43 -32.55 8.84
C ARG A 300 -8.40 -33.58 8.25
N VAL A 301 -8.17 -33.97 6.99
CA VAL A 301 -8.95 -35.03 6.35
C VAL A 301 -8.86 -36.37 7.12
N LYS A 302 -7.64 -36.77 7.49
CA LYS A 302 -7.42 -37.95 8.36
C LYS A 302 -8.12 -37.81 9.72
N ALA A 303 -7.90 -36.65 10.37
CA ALA A 303 -8.40 -36.41 11.72
C ALA A 303 -9.93 -36.41 11.80
N SER A 304 -10.58 -35.90 10.75
CA SER A 304 -12.05 -35.86 10.66
C SER A 304 -12.71 -37.24 10.71
N LYS A 305 -11.99 -38.25 10.23
CA LYS A 305 -12.48 -39.63 10.21
C LYS A 305 -12.28 -40.32 11.56
N VAL A 306 -11.38 -39.79 12.38
CA VAL A 306 -10.99 -40.40 13.65
C VAL A 306 -11.52 -39.67 14.89
N LEU A 307 -11.44 -38.35 14.88
CA LEU A 307 -11.87 -37.55 16.03
C LEU A 307 -13.36 -37.30 15.99
N SER A 308 -14.03 -37.44 17.13
CA SER A 308 -15.48 -37.22 17.20
C SER A 308 -15.86 -35.84 17.74
N GLY A 309 -17.11 -35.46 17.52
CA GLY A 309 -17.62 -34.17 17.97
C GLY A 309 -19.13 -34.12 17.86
N PRO A 310 -19.74 -32.98 18.22
CA PRO A 310 -21.19 -32.88 18.19
C PRO A 310 -21.76 -32.99 16.77
N ALA A 311 -22.89 -33.67 16.67
CA ALA A 311 -23.66 -33.71 15.44
C ALA A 311 -25.04 -33.18 15.76
N LEU A 312 -25.10 -31.91 16.15
CA LEU A 312 -26.38 -31.35 16.56
CA LEU A 312 -26.34 -31.26 16.59
C LEU A 312 -27.06 -30.54 15.46
N ASP A 313 -28.37 -30.41 15.59
CA ASP A 313 -29.18 -29.75 14.60
C ASP A 313 -29.81 -28.53 15.25
N PHE A 314 -29.53 -27.36 14.67
CA PHE A 314 -30.08 -26.12 15.18
C PHE A 314 -31.60 -26.18 15.14
N SER A 315 -32.22 -25.88 16.28
CA SER A 315 -33.67 -25.93 16.40
CA SER A 315 -33.67 -25.94 16.43
C SER A 315 -34.30 -24.57 16.75
N GLY A 316 -33.46 -23.54 16.86
CA GLY A 316 -33.94 -22.23 17.26
C GLY A 316 -34.42 -21.32 16.14
N ASP A 317 -34.48 -20.03 16.46
CA ASP A 317 -34.94 -19.01 15.53
C ASP A 317 -33.78 -18.44 14.74
N LYS A 318 -33.82 -18.62 13.42
CA LYS A 318 -32.72 -18.26 12.54
C LYS A 318 -32.48 -16.76 12.42
N LYS A 319 -33.57 -15.98 12.30
CA LYS A 319 -33.47 -14.53 12.20
CA LYS A 319 -33.48 -14.53 12.20
C LYS A 319 -32.75 -13.94 13.40
N GLU A 320 -33.15 -14.37 14.60
CA GLU A 320 -32.59 -13.89 15.86
C GLU A 320 -31.09 -14.20 15.95
N VAL A 321 -30.72 -15.41 15.54
CA VAL A 321 -29.32 -15.85 15.60
C VAL A 321 -28.44 -15.15 14.56
N ILE A 322 -28.95 -14.98 13.33
CA ILE A 322 -28.29 -14.18 12.29
C ILE A 322 -27.94 -12.78 12.83
N GLU A 323 -28.90 -12.16 13.51
CA GLU A 323 -28.68 -10.83 14.11
C GLU A 323 -27.61 -10.86 15.23
N LYS A 324 -27.59 -11.94 16.01
CA LYS A 324 -26.58 -12.10 17.05
C LYS A 324 -25.18 -12.29 16.46
N ILE A 325 -25.09 -13.06 15.38
CA ILE A 325 -23.83 -13.17 14.62
C ILE A 325 -23.36 -11.80 14.06
N ARG A 326 -24.31 -11.00 13.55
CA ARG A 326 -24.02 -9.64 13.05
C ARG A 326 -23.40 -8.77 14.13
N LYS A 327 -24.09 -8.67 15.28
CA LYS A 327 -23.61 -7.96 16.46
C LYS A 327 -22.23 -8.42 16.89
N ALA A 328 -22.07 -9.74 16.99
CA ALA A 328 -20.80 -10.37 17.36
C ALA A 328 -19.70 -10.07 16.34
N LEU A 329 -20.03 -10.08 15.05
CA LEU A 329 -19.03 -9.79 14.02
C LEU A 329 -18.53 -8.33 14.11
N TYR A 330 -19.44 -7.40 14.38
CA TYR A 330 -19.09 -6.00 14.54
C TYR A 330 -18.24 -5.75 15.78
N PHE A 331 -18.65 -6.37 16.88
CA PHE A 331 -17.95 -6.32 18.16
C PHE A 331 -16.53 -6.84 17.99
N SER A 332 -16.38 -7.96 17.29
CA SER A 332 -15.08 -8.62 17.14
C SER A 332 -14.17 -7.88 16.16
N LYS A 333 -14.79 -7.29 15.12
CA LYS A 333 -14.09 -6.40 14.18
C LYS A 333 -13.43 -5.27 14.97
N ILE A 334 -14.19 -4.68 15.90
CA ILE A 334 -13.67 -3.64 16.77
C ILE A 334 -12.47 -4.12 17.61
N MET A 335 -12.57 -5.33 18.19
CA MET A 335 -11.44 -5.92 18.95
C MET A 335 -10.15 -6.00 18.11
N SER A 336 -10.28 -6.38 16.84
CA SER A 336 -9.15 -6.49 15.92
C SER A 336 -8.44 -5.13 15.73
N TYR A 337 -9.22 -4.09 15.42
CA TYR A 337 -8.69 -2.74 15.26
C TYR A 337 -8.06 -2.20 16.54
N ALA A 338 -8.75 -2.38 17.67
CA ALA A 338 -8.26 -1.94 18.99
C ALA A 338 -6.87 -2.51 19.30
N GLN A 339 -6.68 -3.79 18.96
CA GLN A 339 -5.39 -4.46 19.10
C GLN A 339 -4.36 -3.93 18.11
N GLY A 340 -4.79 -3.68 16.87
CA GLY A 340 -3.89 -3.16 15.86
C GLY A 340 -3.37 -1.78 16.22
N PHE A 341 -4.27 -0.92 16.70
CA PHE A 341 -3.88 0.42 17.14
C PHE A 341 -3.06 0.44 18.43
N ALA A 342 -3.34 -0.49 19.36
CA ALA A 342 -2.51 -0.66 20.55
C ALA A 342 -1.07 -1.04 20.14
N GLN A 343 -0.94 -1.92 19.14
CA GLN A 343 0.38 -2.27 18.59
C GLN A 343 1.09 -1.08 17.98
N LEU A 344 0.37 -0.30 17.16
CA LEU A 344 0.92 0.91 16.57
C LEU A 344 1.45 1.88 17.62
N ARG A 345 0.74 2.03 18.74
CA ARG A 345 1.17 2.92 19.82
CA ARG A 345 1.17 2.92 19.82
C ARG A 345 2.49 2.45 20.44
N LYS A 346 2.62 1.14 20.64
CA LYS A 346 3.84 0.58 21.21
CA LYS A 346 3.84 0.58 21.21
C LYS A 346 5.01 0.64 20.22
N ALA A 347 4.73 0.38 18.95
CA ALA A 347 5.75 0.46 17.90
C ALA A 347 6.26 1.88 17.71
N SER A 348 5.35 2.85 17.72
CA SER A 348 5.69 4.27 17.63
C SER A 348 6.64 4.68 18.75
N GLU A 349 6.36 4.24 19.98
CA GLU A 349 7.22 4.56 21.11
CA GLU A 349 7.21 4.52 21.14
C GLU A 349 8.60 3.88 20.98
N GLU A 350 8.61 2.61 20.57
CA GLU A 350 9.85 1.85 20.40
CA GLU A 350 9.84 1.83 20.38
C GLU A 350 10.77 2.47 19.35
N PHE A 351 10.21 2.85 18.19
CA PHE A 351 11.03 3.35 17.09
C PHE A 351 11.06 4.88 16.94
N ASP A 352 10.44 5.58 17.89
CA ASP A 352 10.42 7.05 17.92
CA ASP A 352 10.43 7.05 17.92
C ASP A 352 9.85 7.65 16.63
N TRP A 353 8.66 7.16 16.25
CA TRP A 353 8.04 7.57 14.98
C TRP A 353 6.97 8.64 15.12
N ASP A 354 6.46 8.84 16.34
CA ASP A 354 5.36 9.76 16.59
C ASP A 354 4.21 9.55 15.59
N LEU A 355 3.74 8.31 15.48
CA LEU A 355 2.74 7.91 14.49
C LEU A 355 1.42 8.68 14.68
N PRO A 356 0.84 9.16 13.58
CA PRO A 356 -0.41 9.93 13.66
C PRO A 356 -1.64 9.02 13.56
N TYR A 357 -2.06 8.46 14.70
CA TYR A 357 -3.11 7.44 14.77
C TYR A 357 -4.42 7.89 14.10
N GLY A 358 -4.88 9.08 14.48
CA GLY A 358 -6.08 9.66 13.86
C GLY A 358 -5.98 9.83 12.35
N THR A 359 -4.82 10.26 11.87
CA THR A 359 -4.58 10.42 10.42
C THR A 359 -4.57 9.07 9.72
N ILE A 360 -3.98 8.06 10.38
CA ILE A 360 -3.97 6.69 9.85
C ILE A 360 -5.39 6.19 9.56
N ALA A 361 -6.29 6.37 10.53
CA ALA A 361 -7.69 5.99 10.36
C ALA A 361 -8.35 6.74 9.20
N GLN A 362 -8.00 8.02 9.01
CA GLN A 362 -8.53 8.85 7.92
C GLN A 362 -8.13 8.32 6.55
N ILE A 363 -6.87 7.97 6.38
CA ILE A 363 -6.37 7.56 5.06
C ILE A 363 -6.80 6.14 4.72
N TRP A 364 -7.40 5.46 5.70
CA TRP A 364 -7.95 4.12 5.50
C TRP A 364 -9.43 4.18 5.07
N ARG A 365 -9.96 5.39 4.86
CA ARG A 365 -11.38 5.57 4.53
C ARG A 365 -11.75 5.20 3.09
N ALA A 366 -10.74 4.97 2.25
CA ALA A 366 -10.93 4.67 0.84
C ALA A 366 -9.62 4.11 0.29
N GLY A 367 -9.71 3.43 -0.86
CA GLY A 367 -8.55 2.84 -1.54
C GLY A 367 -7.91 1.80 -0.66
N CYS A 368 -8.73 1.20 0.19
CA CYS A 368 -8.22 0.50 1.34
C CYS A 368 -9.04 -0.78 1.60
N ILE A 369 -8.35 -1.93 1.60
CA ILE A 369 -8.97 -3.21 1.93
C ILE A 369 -9.65 -3.22 3.30
N ILE A 370 -9.11 -2.48 4.27
CA ILE A 370 -9.77 -2.41 5.59
C ILE A 370 -10.60 -1.14 5.82
N ARG A 371 -11.19 -0.61 4.74
CA ARG A 371 -12.13 0.51 4.87
C ARG A 371 -13.36 0.07 5.67
N ALA A 372 -13.58 0.72 6.81
CA ALA A 372 -14.72 0.43 7.70
C ALA A 372 -15.44 1.72 8.06
N GLU A 373 -16.72 1.58 8.36
CA GLU A 373 -17.61 2.70 8.63
C GLU A 373 -17.19 3.45 9.90
N PHE A 374 -16.60 2.75 10.87
CA PHE A 374 -16.24 3.37 12.14
C PHE A 374 -14.87 4.04 12.17
N LEU A 375 -14.19 4.07 11.02
CA LEU A 375 -12.91 4.78 10.93
C LEU A 375 -12.94 6.23 11.43
N GLN A 376 -14.04 6.95 11.15
CA GLN A 376 -14.16 8.33 11.62
C GLN A 376 -14.22 8.40 13.14
N ASN A 377 -14.95 7.46 13.73
CA ASN A 377 -15.01 7.33 15.20
C ASN A 377 -13.65 7.02 15.81
N ILE A 378 -12.84 6.24 15.10
CA ILE A 378 -11.43 6.06 15.44
C ILE A 378 -10.69 7.41 15.41
N THR A 379 -10.83 8.17 14.33
CA THR A 379 -10.25 9.54 14.28
C THR A 379 -10.80 10.46 15.38
N ASP A 380 -12.10 10.43 15.61
CA ASP A 380 -12.72 11.24 16.68
C ASP A 380 -12.14 10.89 18.04
N ALA A 381 -11.87 9.61 18.25
CA ALA A 381 -11.30 9.13 19.50
C ALA A 381 -9.93 9.73 19.73
N PHE A 382 -9.10 9.73 18.68
CA PHE A 382 -7.74 10.27 18.80
C PHE A 382 -7.69 11.81 18.83
N ASP A 383 -8.64 12.48 18.18
CA ASP A 383 -8.79 13.94 18.31
C ASP A 383 -9.01 14.35 19.76
N LYS A 384 -9.92 13.62 20.41
CA LYS A 384 -10.29 13.85 21.81
CA LYS A 384 -10.27 13.88 21.80
C LYS A 384 -9.09 13.60 22.72
N ASP A 385 -8.46 12.43 22.55
CA ASP A 385 -7.28 12.08 23.34
C ASP A 385 -6.18 11.51 22.48
N SER A 386 -5.20 12.36 22.16
CA SER A 386 -4.06 11.97 21.33
C SER A 386 -3.25 10.84 21.98
N GLU A 387 -3.32 10.76 23.30
CA GLU A 387 -2.63 9.73 24.07
CA GLU A 387 -2.63 9.73 24.07
C GLU A 387 -3.54 8.54 24.43
N LEU A 388 -4.72 8.49 23.80
CA LEU A 388 -5.67 7.40 24.02
C LEU A 388 -4.94 6.06 23.92
N GLU A 389 -4.99 5.29 25.00
CA GLU A 389 -4.26 4.02 25.08
C GLU A 389 -4.88 2.89 24.26
N ASN A 390 -6.21 2.84 24.24
CA ASN A 390 -6.93 1.77 23.55
C ASN A 390 -8.31 2.29 23.14
N LEU A 391 -8.71 2.00 21.90
CA LEU A 391 -10.02 2.36 21.36
C LEU A 391 -11.20 2.00 22.24
N LEU A 392 -11.06 0.90 23.00
CA LEU A 392 -12.13 0.46 23.89
C LEU A 392 -12.46 1.45 25.01
N LEU A 393 -11.51 2.32 25.34
CA LEU A 393 -11.71 3.36 26.37
C LEU A 393 -12.46 4.59 25.87
N ASP A 394 -12.68 4.68 24.56
CA ASP A 394 -13.46 5.78 24.00
C ASP A 394 -14.98 5.52 24.08
N ASP A 395 -15.72 6.57 24.42
CA ASP A 395 -17.18 6.53 24.60
C ASP A 395 -17.95 5.77 23.51
N TYR A 396 -17.61 6.04 22.26
CA TYR A 396 -18.29 5.41 21.15
C TYR A 396 -18.17 3.90 21.22
N PHE A 397 -16.97 3.42 21.53
CA PHE A 397 -16.70 1.99 21.56
C PHE A 397 -17.16 1.32 22.86
N VAL A 398 -17.16 2.10 23.96
CA VAL A 398 -17.74 1.64 25.23
C VAL A 398 -19.20 1.23 25.01
N ASP A 399 -19.94 2.10 24.32
CA ASP A 399 -21.36 1.90 24.03
C ASP A 399 -21.67 0.63 23.22
N ILE A 400 -20.93 0.43 22.13
CA ILE A 400 -21.09 -0.73 21.27
C ILE A 400 -20.84 -2.03 22.04
N THR A 401 -19.71 -2.10 22.73
CA THR A 401 -19.37 -3.30 23.49
C THR A 401 -20.39 -3.56 24.58
N LYS A 402 -20.86 -2.51 25.25
CA LYS A 402 -21.92 -2.63 26.27
C LYS A 402 -23.16 -3.30 25.71
N ARG A 403 -23.61 -2.83 24.55
CA ARG A 403 -24.85 -3.29 23.93
C ARG A 403 -24.73 -4.63 23.20
N TYR A 404 -23.52 -4.98 22.74
CA TYR A 404 -23.30 -6.16 21.89
C TYR A 404 -22.65 -7.37 22.56
N GLN A 405 -22.09 -7.18 23.75
CA GLN A 405 -21.35 -8.25 24.43
C GLN A 405 -22.18 -9.49 24.75
N GLU A 406 -23.47 -9.29 25.09
CA GLU A 406 -24.41 -10.38 25.38
CA GLU A 406 -24.40 -10.39 25.38
C GLU A 406 -24.55 -11.33 24.18
N ALA A 407 -24.80 -10.74 23.01
CA ALA A 407 -24.92 -11.48 21.75
C ALA A 407 -23.65 -12.26 21.39
N VAL A 408 -22.48 -11.68 21.65
CA VAL A 408 -21.20 -12.36 21.47
C VAL A 408 -21.13 -13.62 22.32
N ARG A 409 -21.54 -13.51 23.58
CA ARG A 409 -21.50 -14.66 24.49
C ARG A 409 -22.44 -15.76 24.00
N ASP A 410 -23.58 -15.38 23.43
CA ASP A 410 -24.53 -16.34 22.87
C ASP A 410 -24.02 -17.06 21.62
N VAL A 411 -23.40 -16.30 20.71
CA VAL A 411 -22.79 -16.86 19.50
C VAL A 411 -21.64 -17.82 19.82
N VAL A 412 -20.79 -17.44 20.77
CA VAL A 412 -19.66 -18.28 21.20
C VAL A 412 -20.19 -19.60 21.78
N SER A 413 -21.17 -19.48 22.68
CA SER A 413 -21.77 -20.64 23.31
C SER A 413 -22.46 -21.57 22.30
N LEU A 414 -23.22 -20.99 21.37
CA LEU A 414 -23.88 -21.75 20.32
C LEU A 414 -22.88 -22.48 19.42
N ALA A 415 -21.86 -21.77 18.95
CA ALA A 415 -20.83 -22.34 18.08
C ALA A 415 -20.04 -23.46 18.75
N VAL A 416 -19.68 -23.26 20.02
CA VAL A 416 -18.85 -24.22 20.75
C VAL A 416 -19.64 -25.51 21.02
N GLN A 417 -20.90 -25.37 21.43
CA GLN A 417 -21.77 -26.54 21.62
C GLN A 417 -22.00 -27.30 20.32
N ALA A 418 -22.04 -26.58 19.20
CA ALA A 418 -22.25 -27.20 17.88
C ALA A 418 -20.98 -27.87 17.29
N GLY A 419 -19.80 -27.47 17.79
CA GLY A 419 -18.53 -27.99 17.29
C GLY A 419 -17.96 -27.27 16.07
N THR A 420 -18.49 -26.08 15.79
CA THR A 420 -18.02 -25.23 14.71
C THR A 420 -16.85 -24.36 15.20
N PRO A 421 -15.68 -24.44 14.53
CA PRO A 421 -14.50 -23.73 15.02
C PRO A 421 -14.60 -22.22 14.88
N ILE A 422 -14.42 -21.52 15.99
CA ILE A 422 -14.43 -20.05 16.02
C ILE A 422 -13.23 -19.48 16.81
N PRO A 423 -12.00 -19.74 16.31
CA PRO A 423 -10.83 -19.22 17.02
C PRO A 423 -10.82 -17.69 17.25
N THR A 424 -11.28 -16.91 16.29
CA THR A 424 -11.24 -15.45 16.48
C THR A 424 -12.44 -14.89 17.27
N PHE A 425 -13.63 -15.46 17.08
CA PHE A 425 -14.78 -15.08 17.94
C PHE A 425 -14.49 -15.36 19.43
N THR A 426 -13.95 -16.54 19.75
CA THR A 426 -13.60 -16.84 21.15
C THR A 426 -12.45 -15.97 21.65
N SER A 427 -11.46 -15.72 20.80
CA SER A 427 -10.36 -14.82 21.15
C SER A 427 -10.84 -13.39 21.42
N ALA A 428 -11.87 -12.96 20.68
CA ALA A 428 -12.44 -11.63 20.84
C ALA A 428 -13.09 -11.41 22.21
N ILE A 429 -13.93 -12.34 22.66
CA ILE A 429 -14.56 -12.20 23.98
C ILE A 429 -13.56 -12.37 25.14
N SER A 430 -12.58 -13.26 24.94
CA SER A 430 -11.47 -13.48 25.86
C SER A 430 -10.67 -12.22 26.11
N TYR A 431 -10.39 -11.51 25.02
CA TYR A 431 -9.63 -10.26 25.07
C TYR A 431 -10.42 -9.17 25.78
N TYR A 432 -11.71 -9.06 25.43
CA TYR A 432 -12.60 -8.12 26.09
C TYR A 432 -12.71 -8.39 27.60
N ASP A 433 -12.92 -9.65 27.97
CA ASP A 433 -13.03 -10.01 29.38
C ASP A 433 -11.72 -9.88 30.16
N SER A 434 -10.59 -10.05 29.48
CA SER A 434 -9.26 -9.87 30.09
C SER A 434 -8.96 -8.40 30.27
N TYR A 435 -9.15 -7.63 29.21
CA TYR A 435 -8.88 -6.20 29.23
C TYR A 435 -9.67 -5.46 30.31
N ARG A 436 -10.91 -5.87 30.56
CA ARG A 436 -11.74 -5.21 31.59
C ARG A 436 -11.57 -5.78 33.00
N SER A 437 -10.76 -6.83 33.17
CA SER A 437 -10.55 -7.42 34.50
C SER A 437 -9.52 -6.61 35.25
N GLU A 438 -9.94 -6.02 36.36
CA GLU A 438 -9.00 -5.32 37.24
C GLU A 438 -7.94 -6.30 37.75
N ASN A 439 -8.38 -7.52 38.08
CA ASN A 439 -7.48 -8.56 38.55
C ASN A 439 -7.54 -9.78 37.65
N LEU A 440 -6.36 -10.21 37.20
CA LEU A 440 -6.21 -11.45 36.44
C LEU A 440 -5.47 -12.50 37.29
N PRO A 441 -5.58 -13.78 36.92
CA PRO A 441 -4.89 -14.83 37.70
C PRO A 441 -3.36 -14.94 37.47
N ALA A 442 -2.76 -13.87 36.94
CA ALA A 442 -1.31 -13.77 36.78
C ALA A 442 -0.59 -13.69 38.13
N ASN A 443 -1.34 -13.37 39.18
CA ASN A 443 -0.81 -13.41 40.55
C ASN A 443 -0.37 -14.82 40.93
N LEU A 444 -1.17 -15.82 40.55
CA LEU A 444 -0.82 -17.21 40.74
C LEU A 444 0.43 -17.61 39.93
N ILE A 445 0.52 -17.11 38.69
CA ILE A 445 1.69 -17.36 37.85
C ILE A 445 2.96 -16.76 38.50
N GLN A 446 2.85 -15.53 38.98
CA GLN A 446 3.94 -14.87 39.69
C GLN A 446 4.37 -15.64 40.93
N ALA A 447 3.39 -16.19 41.67
CA ALA A 447 3.69 -17.06 42.82
C ALA A 447 4.45 -18.33 42.43
N GLN A 448 4.00 -18.98 41.36
CA GLN A 448 4.67 -20.20 40.86
C GLN A 448 6.13 -19.92 40.45
N ARG A 449 6.35 -18.79 39.79
CA ARG A 449 7.68 -18.38 39.31
C ARG A 449 8.62 -18.05 40.47
N ASP A 450 8.09 -17.39 41.50
CA ASP A 450 8.88 -17.10 42.69
C ASP A 450 9.18 -18.39 43.45
N TYR A 451 8.18 -19.26 43.52
CA TYR A 451 8.34 -20.55 44.19
C TYR A 451 9.44 -21.37 43.50
N PHE A 452 9.36 -21.56 42.17
CA PHE A 452 10.30 -22.42 41.45
CA PHE A 452 10.32 -22.44 41.48
C PHE A 452 11.66 -21.78 41.16
N GLY A 453 11.64 -20.51 40.72
CA GLY A 453 12.88 -19.85 40.32
C GLY A 453 13.26 -18.54 41.00
N ALA A 454 12.62 -18.22 42.13
CA ALA A 454 12.93 -17.00 42.88
C ALA A 454 12.92 -15.74 42.01
N HIS A 455 11.95 -15.66 41.09
CA HIS A 455 11.91 -14.60 40.10
C HIS A 455 11.46 -13.26 40.66
N THR A 456 10.90 -13.28 41.86
CA THR A 456 10.41 -12.09 42.58
C THR A 456 9.07 -11.57 42.03
N TYR A 457 8.41 -10.74 42.84
CA TYR A 457 7.10 -10.22 42.48
C TYR A 457 6.91 -8.81 43.05
N GLU A 458 5.88 -8.13 42.56
CA GLU A 458 5.40 -6.92 43.20
C GLU A 458 4.17 -7.25 44.06
N ARG A 459 3.79 -6.31 44.92
CA ARG A 459 2.66 -6.54 45.83
C ARG A 459 1.47 -5.62 45.50
N THR A 460 0.27 -6.01 45.91
CA THR A 460 -0.94 -5.23 45.65
C THR A 460 -1.05 -4.03 46.58
N ASP A 461 -0.41 -4.14 47.75
CA ASP A 461 -0.65 -3.24 48.86
C ASP A 461 0.49 -2.24 49.13
N LYS A 462 1.62 -2.43 48.47
CA LYS A 462 2.78 -1.55 48.68
C LYS A 462 3.81 -1.62 47.55
N ALA A 463 4.63 -0.58 47.45
CA ALA A 463 5.66 -0.47 46.43
C ALA A 463 6.88 -1.33 46.76
N GLY A 464 7.65 -1.65 45.72
CA GLY A 464 8.88 -2.42 45.88
C GLY A 464 8.79 -3.80 45.26
N ILE A 465 9.89 -4.54 45.35
CA ILE A 465 9.90 -5.90 44.85
C ILE A 465 10.21 -6.87 45.98
N PHE A 466 9.56 -8.03 45.94
CA PHE A 466 9.60 -8.93 47.06
C PHE A 466 9.95 -10.34 46.61
N HIS A 467 10.50 -11.12 47.52
CA HIS A 467 10.68 -12.54 47.30
C HIS A 467 10.18 -13.24 48.56
N TYR A 468 9.45 -14.33 48.38
CA TYR A 468 8.88 -15.07 49.50
C TYR A 468 9.78 -16.24 49.86
N ASP A 469 9.95 -16.49 51.15
CA ASP A 469 10.71 -17.66 51.60
C ASP A 469 9.78 -18.86 51.58
N TRP A 470 9.71 -19.56 50.45
CA TRP A 470 8.77 -20.67 50.28
C TRP A 470 9.15 -21.95 51.02
N TYR A 471 10.36 -22.01 51.57
CA TYR A 471 10.88 -23.25 52.19
C TYR A 471 11.33 -23.10 53.66
N THR A 472 10.98 -22.14 54.37
N HIS B 1 50.89 -26.35 36.68
CA HIS B 1 50.54 -26.54 38.13
CA HIS B 1 50.65 -26.64 38.12
C HIS B 1 49.61 -27.76 38.31
N HIS B 2 48.51 -27.70 37.57
CA HIS B 2 47.54 -28.78 37.54
C HIS B 2 47.27 -29.13 36.07
N MET B 3 48.32 -29.06 35.25
CA MET B 3 48.22 -29.25 33.80
CA MET B 3 48.20 -29.25 33.80
C MET B 3 47.57 -30.60 33.44
N ALA B 4 46.51 -30.54 32.65
CA ALA B 4 45.81 -31.73 32.15
C ALA B 4 45.36 -32.73 33.24
N GLN B 5 45.08 -32.22 34.43
CA GLN B 5 44.60 -33.07 35.54
C GLN B 5 43.08 -33.08 35.67
N ALA B 6 42.42 -32.10 35.06
CA ALA B 6 40.97 -31.96 35.16
C ALA B 6 40.25 -32.72 34.05
N ASN B 7 39.23 -33.48 34.43
CA ASN B 7 38.46 -34.26 33.48
C ASN B 7 37.41 -33.45 32.70
N PHE B 8 37.03 -32.29 33.25
CA PHE B 8 35.90 -31.52 32.76
C PHE B 8 36.08 -30.11 33.33
N GLY B 9 35.59 -29.11 32.59
CA GLY B 9 35.68 -27.71 33.03
C GLY B 9 34.38 -26.94 32.88
N VAL B 10 34.16 -26.01 33.81
CA VAL B 10 32.99 -25.11 33.77
C VAL B 10 33.46 -23.65 33.78
N VAL B 11 32.98 -22.87 32.82
CA VAL B 11 33.19 -21.40 32.79
C VAL B 11 31.89 -20.71 33.20
N GLY B 12 31.96 -19.86 34.22
CA GLY B 12 30.80 -19.17 34.77
C GLY B 12 30.50 -19.65 36.17
N MET B 13 30.89 -18.84 37.17
CA MET B 13 30.75 -19.22 38.57
C MET B 13 29.63 -18.48 39.32
N ALA B 14 28.66 -17.97 38.55
CA ALA B 14 27.35 -17.61 39.13
C ALA B 14 26.71 -18.94 39.57
N VAL B 15 25.57 -18.86 40.24
CA VAL B 15 25.01 -20.02 40.92
CA VAL B 15 25.03 -20.03 40.92
C VAL B 15 24.84 -21.24 40.00
N MET B 16 24.33 -21.02 38.79
CA MET B 16 24.08 -22.12 37.84
C MET B 16 25.34 -22.91 37.53
N GLY B 17 26.36 -22.22 37.02
CA GLY B 17 27.65 -22.84 36.69
C GLY B 17 28.36 -23.45 37.87
N LYS B 18 28.32 -22.74 39.00
CA LYS B 18 28.85 -23.25 40.25
C LYS B 18 28.19 -24.58 40.62
N ASN B 19 26.87 -24.61 40.60
CA ASN B 19 26.12 -25.82 40.97
C ASN B 19 26.41 -27.01 40.02
N LEU B 20 26.47 -26.72 38.72
CA LEU B 20 26.79 -27.73 37.71
CA LEU B 20 26.79 -27.74 37.72
C LEU B 20 28.18 -28.32 37.97
N ALA B 21 29.13 -27.46 38.33
CA ALA B 21 30.51 -27.87 38.60
C ALA B 21 30.58 -28.80 39.80
N LEU B 22 29.82 -28.46 40.85
CA LEU B 22 29.72 -29.27 42.05
C LEU B 22 29.00 -30.59 41.76
N ASN B 23 27.98 -30.54 40.89
CA ASN B 23 27.28 -31.74 40.48
C ASN B 23 28.25 -32.72 39.78
N VAL B 24 29.03 -32.23 38.81
CA VAL B 24 30.01 -33.06 38.07
C VAL B 24 31.08 -33.61 38.99
N GLU B 25 31.67 -32.74 39.82
CA GLU B 25 32.65 -33.15 40.82
C GLU B 25 32.16 -34.29 41.71
N SER B 26 30.93 -34.16 42.22
CA SER B 26 30.35 -35.15 43.13
C SER B 26 30.23 -36.57 42.50
N ARG B 27 30.19 -36.63 41.18
CA ARG B 27 30.16 -37.91 40.45
C ARG B 27 31.53 -38.57 40.30
N GLY B 28 32.56 -37.96 40.90
CA GLY B 28 33.89 -38.55 41.01
C GLY B 28 34.90 -38.03 39.99
N TYR B 29 34.80 -36.75 39.66
CA TYR B 29 35.67 -36.10 38.69
C TYR B 29 36.41 -34.92 39.32
N THR B 30 37.57 -34.60 38.75
CA THR B 30 38.26 -33.35 39.04
C THR B 30 37.75 -32.32 38.03
N VAL B 31 37.31 -31.16 38.52
CA VAL B 31 36.66 -30.16 37.69
C VAL B 31 37.38 -28.82 37.75
N ALA B 32 37.84 -28.34 36.60
CA ALA B 32 38.42 -27.02 36.48
C ALA B 32 37.32 -25.97 36.48
N ILE B 33 37.49 -24.95 37.31
CA ILE B 33 36.53 -23.84 37.37
C ILE B 33 37.16 -22.52 36.95
N TYR B 34 36.37 -21.70 36.26
CA TYR B 34 36.81 -20.38 35.81
C TYR B 34 35.64 -19.40 35.83
N ASN B 35 35.95 -18.14 36.14
CA ASN B 35 35.00 -17.04 36.03
C ASN B 35 35.77 -15.78 35.66
N ARG B 36 35.14 -14.94 34.83
CA ARG B 36 35.72 -13.66 34.43
C ARG B 36 36.16 -12.85 35.66
N THR B 37 35.26 -12.65 36.61
CA THR B 37 35.61 -12.04 37.90
C THR B 37 36.16 -13.11 38.86
N THR B 38 37.47 -13.08 39.07
CA THR B 38 38.22 -14.10 39.82
C THR B 38 37.76 -14.32 41.26
N SER B 39 37.28 -13.27 41.92
CA SER B 39 36.83 -13.38 43.31
C SER B 39 35.73 -14.42 43.52
N LYS B 40 34.86 -14.56 42.52
CA LYS B 40 33.77 -15.52 42.57
C LYS B 40 34.27 -16.97 42.47
N THR B 41 35.29 -17.20 41.66
CA THR B 41 35.96 -18.49 41.55
C THR B 41 36.66 -18.83 42.88
N GLU B 42 37.35 -17.83 43.43
CA GLU B 42 38.03 -17.91 44.72
C GLU B 42 37.05 -18.27 45.85
N GLU B 43 35.89 -17.63 45.84
CA GLU B 43 34.83 -17.89 46.81
C GLU B 43 34.29 -19.33 46.72
N VAL B 44 34.07 -19.83 45.50
CA VAL B 44 33.65 -21.21 45.27
C VAL B 44 34.71 -22.21 45.74
N PHE B 45 35.97 -21.96 45.36
CA PHE B 45 37.09 -22.81 45.73
C PHE B 45 37.26 -22.90 47.27
N LYS B 46 37.20 -21.75 47.93
CA LYS B 46 37.34 -21.66 49.40
C LYS B 46 36.25 -22.37 50.18
N GLU B 47 35.00 -22.22 49.75
CA GLU B 47 33.86 -22.85 50.43
C GLU B 47 33.70 -24.35 50.12
N HIS B 48 34.48 -24.86 49.16
CA HIS B 48 34.37 -26.26 48.73
C HIS B 48 35.77 -26.85 48.60
N GLN B 49 36.56 -26.59 49.64
CA GLN B 49 37.99 -26.96 49.73
CA GLN B 49 37.98 -26.96 49.68
C GLN B 49 38.25 -28.47 49.66
N ASP B 50 37.30 -29.26 50.13
CA ASP B 50 37.38 -30.72 50.20
CA ASP B 50 37.48 -30.71 50.16
C ASP B 50 36.92 -31.40 48.92
N LYS B 51 36.49 -30.61 47.94
CA LYS B 51 36.08 -31.14 46.64
C LYS B 51 37.24 -31.02 45.66
N ASN B 52 37.26 -31.88 44.64
CA ASN B 52 38.32 -31.85 43.62
C ASN B 52 38.03 -30.80 42.53
N LEU B 53 38.12 -29.55 42.96
CA LEU B 53 37.95 -28.41 42.10
C LEU B 53 39.32 -27.82 41.81
N VAL B 54 39.59 -27.51 40.55
CA VAL B 54 40.83 -26.83 40.20
C VAL B 54 40.56 -25.35 40.00
N PHE B 55 41.11 -24.55 40.89
CA PHE B 55 40.94 -23.11 40.81
C PHE B 55 41.84 -22.53 39.72
N THR B 56 41.25 -21.92 38.70
CA THR B 56 42.04 -21.26 37.65
C THR B 56 41.74 -19.76 37.56
N LYS B 57 42.77 -18.98 37.20
CA LYS B 57 42.71 -17.50 37.23
C LYS B 57 42.58 -16.87 35.86
N THR B 58 43.11 -17.57 34.85
CA THR B 58 43.09 -17.06 33.49
C THR B 58 42.56 -18.15 32.57
N LEU B 59 42.11 -17.75 31.38
CA LEU B 59 41.64 -18.69 30.38
C LEU B 59 42.77 -19.64 29.96
N GLU B 60 44.00 -19.13 29.92
CA GLU B 60 45.14 -19.96 29.55
CA GLU B 60 45.18 -19.94 29.58
C GLU B 60 45.36 -21.07 30.59
N GLU B 61 45.28 -20.71 31.87
CA GLU B 61 45.41 -21.66 32.97
C GLU B 61 44.25 -22.68 32.92
N PHE B 62 43.03 -22.16 32.80
CA PHE B 62 41.83 -22.99 32.66
C PHE B 62 41.99 -24.05 31.58
N VAL B 63 42.31 -23.62 30.37
CA VAL B 63 42.46 -24.55 29.24
C VAL B 63 43.60 -25.57 29.50
N GLY B 64 44.71 -25.08 30.06
CA GLY B 64 45.88 -25.92 30.34
C GLY B 64 45.62 -27.03 31.35
N SER B 65 44.63 -26.81 32.23
CA SER B 65 44.33 -27.73 33.33
C SER B 65 43.52 -28.96 32.89
N LEU B 66 43.03 -28.91 31.65
CA LEU B 66 42.08 -29.89 31.15
C LEU B 66 42.71 -30.99 30.29
N GLU B 67 42.29 -32.23 30.54
CA GLU B 67 42.68 -33.38 29.71
C GLU B 67 42.09 -33.19 28.33
N LYS B 68 42.76 -33.73 27.33
CA LYS B 68 42.25 -33.69 25.95
C LYS B 68 41.57 -35.02 25.61
N PRO B 69 40.54 -35.00 24.74
CA PRO B 69 39.93 -33.78 24.19
C PRO B 69 39.23 -33.02 25.32
N ARG B 70 39.42 -31.71 25.35
CA ARG B 70 38.89 -30.90 26.43
CA ARG B 70 38.88 -30.88 26.41
C ARG B 70 37.36 -30.80 26.37
N ARG B 71 36.73 -30.95 27.54
CA ARG B 71 35.28 -30.81 27.65
C ARG B 71 34.97 -29.62 28.54
N ILE B 72 34.44 -28.57 27.92
CA ILE B 72 34.30 -27.28 28.55
C ILE B 72 32.87 -26.81 28.43
N MET B 73 32.24 -26.61 29.59
CA MET B 73 30.84 -26.21 29.64
C MET B 73 30.69 -24.73 30.00
N LEU B 74 30.10 -23.99 29.08
CA LEU B 74 29.86 -22.57 29.24
C LEU B 74 28.54 -22.37 29.95
N MET B 75 28.62 -21.64 31.07
CA MET B 75 27.46 -21.29 31.88
C MET B 75 27.49 -19.79 32.14
N VAL B 76 27.47 -19.02 31.06
CA VAL B 76 27.62 -17.57 31.10
C VAL B 76 26.38 -16.89 30.53
N GLN B 77 26.27 -15.59 30.76
CA GLN B 77 25.15 -14.80 30.27
C GLN B 77 24.92 -15.01 28.76
N ALA B 78 23.68 -15.33 28.40
CA ALA B 78 23.31 -15.59 26.99
C ALA B 78 23.57 -14.38 26.08
N GLY B 79 23.73 -14.66 24.80
CA GLY B 79 23.96 -13.62 23.80
C GLY B 79 25.42 -13.23 23.70
N ALA B 80 25.66 -11.92 23.57
CA ALA B 80 26.99 -11.37 23.36
C ALA B 80 28.08 -11.93 24.31
N ALA B 81 27.72 -12.14 25.56
CA ALA B 81 28.68 -12.63 26.58
C ALA B 81 29.19 -14.05 26.29
N THR B 82 28.33 -14.88 25.71
CA THR B 82 28.69 -16.25 25.33
C THR B 82 29.61 -16.23 24.10
N ASP B 83 29.32 -15.36 23.14
CA ASP B 83 30.17 -15.18 21.97
C ASP B 83 31.53 -14.59 22.31
N ALA B 84 31.53 -13.63 23.23
CA ALA B 84 32.79 -13.07 23.72
C ALA B 84 33.63 -14.12 24.44
N THR B 85 32.98 -15.00 25.20
CA THR B 85 33.66 -16.08 25.92
C THR B 85 34.20 -17.15 24.96
N ILE B 86 33.38 -17.53 23.96
CA ILE B 86 33.81 -18.43 22.89
C ILE B 86 35.04 -17.86 22.18
N LYS B 87 34.96 -16.58 21.82
CA LYS B 87 36.05 -15.87 21.15
C LYS B 87 37.35 -15.87 21.98
N SER B 88 37.24 -15.71 23.29
CA SER B 88 38.39 -15.73 24.21
C SER B 88 39.03 -17.11 24.35
N LEU B 89 38.21 -18.16 24.27
CA LEU B 89 38.70 -19.53 24.41
C LEU B 89 39.34 -20.06 23.14
N LEU B 90 38.78 -19.67 22.00
CA LEU B 90 39.14 -20.26 20.70
C LEU B 90 40.64 -20.37 20.37
N PRO B 91 41.43 -19.28 20.55
CA PRO B 91 42.86 -19.35 20.26
C PRO B 91 43.60 -20.40 21.07
N LEU B 92 43.08 -20.71 22.27
CA LEU B 92 43.75 -21.59 23.23
C LEU B 92 43.40 -23.06 23.07
N LEU B 93 42.36 -23.34 22.29
CA LEU B 93 41.86 -24.71 22.15
C LEU B 93 42.61 -25.49 21.06
N ASP B 94 42.46 -26.81 21.10
CA ASP B 94 43.01 -27.67 20.07
C ASP B 94 41.90 -28.29 19.26
N ILE B 95 42.20 -28.66 18.03
CA ILE B 95 41.28 -29.44 17.19
C ILE B 95 40.79 -30.66 17.99
N GLY B 96 39.47 -30.87 17.99
CA GLY B 96 38.86 -32.03 18.66
C GLY B 96 38.28 -31.70 20.02
N ASP B 97 38.65 -30.54 20.57
CA ASP B 97 38.11 -30.03 21.82
C ASP B 97 36.61 -29.79 21.68
N ILE B 98 35.91 -29.84 22.81
CA ILE B 98 34.45 -29.81 22.84
C ILE B 98 33.95 -28.66 23.73
N LEU B 99 33.35 -27.65 23.10
CA LEU B 99 32.64 -26.61 23.82
C LEU B 99 31.17 -26.98 23.96
N ILE B 100 30.64 -26.71 25.15
CA ILE B 100 29.26 -27.02 25.49
C ILE B 100 28.63 -25.71 25.99
N ASP B 101 27.50 -25.33 25.42
CA ASP B 101 26.75 -24.16 25.90
C ASP B 101 25.49 -24.63 26.63
N GLY B 102 25.47 -24.46 27.96
CA GLY B 102 24.33 -24.83 28.78
C GLY B 102 23.37 -23.70 29.12
N GLY B 103 23.52 -22.56 28.45
CA GLY B 103 22.61 -21.43 28.68
C GLY B 103 21.24 -21.59 28.03
N ASN B 104 20.29 -20.74 28.42
CA ASN B 104 18.99 -20.68 27.75
C ASN B 104 19.16 -19.90 26.43
N THR B 105 19.78 -20.56 25.47
CA THR B 105 20.23 -19.94 24.23
C THR B 105 19.19 -20.07 23.14
N HIS B 106 19.02 -19.01 22.36
CA HIS B 106 18.16 -19.02 21.19
C HIS B 106 18.81 -19.87 20.12
N PHE B 107 18.09 -20.87 19.62
CA PHE B 107 18.70 -21.94 18.80
C PHE B 107 19.49 -21.47 17.55
N PRO B 108 19.06 -20.38 16.87
CA PRO B 108 19.88 -19.92 15.73
C PRO B 108 21.31 -19.52 16.11
N ASP B 109 21.49 -19.02 17.34
CA ASP B 109 22.84 -18.68 17.84
C ASP B 109 23.70 -19.92 17.95
N THR B 110 23.09 -21.00 18.43
CA THR B 110 23.76 -22.29 18.54
C THR B 110 24.12 -22.84 17.17
N MET B 111 23.21 -22.67 16.22
CA MET B 111 23.46 -23.14 14.87
C MET B 111 24.62 -22.39 14.23
N ARG B 112 24.64 -21.07 14.43
CA ARG B 112 25.72 -20.20 13.95
C ARG B 112 27.08 -20.53 14.57
N ARG B 113 27.13 -20.60 15.91
CA ARG B 113 28.34 -20.95 16.67
C ARG B 113 28.88 -22.31 16.28
N ASN B 114 27.97 -23.29 16.15
CA ASN B 114 28.35 -24.64 15.76
C ASN B 114 29.04 -24.70 14.40
N ALA B 115 28.47 -23.99 13.42
CA ALA B 115 29.03 -23.93 12.05
C ALA B 115 30.39 -23.20 11.98
N GLU B 116 30.51 -22.11 12.75
CA GLU B 116 31.74 -21.32 12.78
C GLU B 116 32.88 -22.11 13.42
N LEU B 117 32.60 -22.73 14.57
CA LEU B 117 33.63 -23.48 15.30
C LEU B 117 34.10 -24.75 14.60
N ALA B 118 33.19 -25.39 13.86
CA ALA B 118 33.52 -26.60 13.08
C ALA B 118 34.61 -26.30 12.04
N ASP B 119 34.61 -25.09 11.48
CA ASP B 119 35.69 -24.63 10.59
C ASP B 119 37.07 -24.59 11.25
N SER B 120 37.08 -24.47 12.58
CA SER B 120 38.32 -24.46 13.36
C SER B 120 38.62 -25.82 13.99
N GLY B 121 37.83 -26.84 13.63
CA GLY B 121 37.98 -28.17 14.20
C GLY B 121 37.48 -28.32 15.63
N ILE B 122 36.66 -27.35 16.07
CA ILE B 122 36.12 -27.36 17.44
C ILE B 122 34.67 -27.82 17.44
N ASN B 123 34.38 -28.82 18.26
CA ASN B 123 33.02 -29.33 18.44
C ASN B 123 32.21 -28.39 19.34
N PHE B 124 30.91 -28.29 19.07
CA PHE B 124 30.05 -27.41 19.86
C PHE B 124 28.73 -28.10 20.18
N ILE B 125 28.46 -28.26 21.47
CA ILE B 125 27.24 -28.90 21.95
C ILE B 125 26.36 -27.87 22.65
N GLY B 126 25.35 -27.34 21.95
CA GLY B 126 24.33 -26.51 22.57
C GLY B 126 23.38 -27.38 23.37
N THR B 127 23.32 -27.16 24.69
CA THR B 127 22.56 -28.01 25.60
CA THR B 127 22.51 -28.01 25.56
C THR B 127 21.51 -27.23 26.40
N GLY B 128 20.25 -27.61 26.30
CA GLY B 128 19.24 -27.06 27.19
C GLY B 128 19.42 -27.70 28.56
N VAL B 129 19.41 -26.87 29.60
CA VAL B 129 19.51 -27.34 30.99
CA VAL B 129 19.45 -27.40 30.98
C VAL B 129 18.32 -26.81 31.80
N SER B 130 17.42 -27.70 32.21
CA SER B 130 16.24 -27.30 32.97
C SER B 130 16.45 -27.58 34.46
N GLY B 131 15.48 -27.20 35.29
CA GLY B 131 15.49 -27.48 36.72
C GLY B 131 15.98 -26.33 37.58
N GLY B 132 16.37 -25.22 36.96
CA GLY B 132 16.93 -24.09 37.70
C GLY B 132 18.14 -24.43 38.56
N GLU B 133 18.34 -23.67 39.63
CA GLU B 133 19.57 -23.71 40.42
C GLU B 133 19.70 -25.01 41.22
N LYS B 134 18.57 -25.48 41.74
CA LYS B 134 18.52 -26.72 42.46
C LYS B 134 18.73 -27.91 41.51
N GLY B 135 18.09 -27.85 40.35
CA GLY B 135 18.32 -28.83 39.27
C GLY B 135 19.77 -28.91 38.81
N ALA B 136 20.44 -27.78 38.70
CA ALA B 136 21.85 -27.76 38.30
C ALA B 136 22.74 -28.50 39.30
N LEU B 137 22.45 -28.29 40.59
CA LEU B 137 23.19 -28.92 41.67
C LEU B 137 22.89 -30.41 41.79
N LEU B 138 21.62 -30.79 41.64
CA LEU B 138 21.16 -32.10 42.08
C LEU B 138 20.80 -33.06 40.94
N GLY B 139 20.36 -32.50 39.82
CA GLY B 139 19.97 -33.30 38.66
C GLY B 139 19.11 -32.52 37.69
N PRO B 140 19.71 -32.00 36.60
CA PRO B 140 18.86 -31.30 35.64
C PRO B 140 18.29 -32.23 34.56
N SER B 141 17.25 -31.76 33.89
CA SER B 141 16.84 -32.36 32.63
C SER B 141 17.67 -31.65 31.55
N MET B 142 18.24 -32.41 30.62
CA MET B 142 19.21 -31.86 29.67
C MET B 142 18.90 -32.27 28.23
N MET B 143 19.03 -31.31 27.32
CA MET B 143 18.74 -31.50 25.89
C MET B 143 19.91 -31.04 25.00
N PRO B 144 20.97 -31.87 24.89
CA PRO B 144 22.12 -31.58 24.02
C PRO B 144 21.94 -31.82 22.51
N GLY B 145 22.49 -30.91 21.73
CA GLY B 145 22.57 -31.07 20.29
C GLY B 145 23.95 -30.64 19.86
N GLY B 146 24.51 -31.29 18.84
CA GLY B 146 25.85 -31.01 18.35
C GLY B 146 26.40 -32.20 17.59
N GLN B 147 27.71 -32.26 17.42
CA GLN B 147 28.36 -33.38 16.75
C GLN B 147 28.19 -34.65 17.62
N LYS B 148 27.68 -35.72 17.01
CA LYS B 148 27.33 -36.97 17.73
C LYS B 148 28.54 -37.62 18.39
N GLU B 149 29.66 -37.59 17.68
CA GLU B 149 30.88 -38.26 18.11
C GLU B 149 31.48 -37.51 19.31
N ALA B 150 31.45 -36.19 19.27
CA ALA B 150 31.85 -35.39 20.42
C ALA B 150 30.88 -35.60 21.58
N TYR B 151 29.58 -35.61 21.28
CA TYR B 151 28.57 -35.81 22.34
C TYR B 151 28.72 -37.16 23.05
N ASP B 152 29.05 -38.21 22.31
CA ASP B 152 29.28 -39.53 22.91
C ASP B 152 30.40 -39.50 23.96
N LEU B 153 31.34 -38.57 23.81
CA LEU B 153 32.41 -38.41 24.80
C LEU B 153 31.96 -37.63 26.03
N VAL B 154 30.90 -36.83 25.86
CA VAL B 154 30.30 -36.04 26.95
C VAL B 154 29.21 -36.83 27.68
N ALA B 155 28.47 -37.65 26.93
CA ALA B 155 27.30 -38.38 27.41
C ALA B 155 27.41 -39.09 28.79
N PRO B 156 28.51 -39.83 29.04
CA PRO B 156 28.57 -40.50 30.34
C PRO B 156 28.49 -39.55 31.55
N ILE B 157 29.15 -38.41 31.48
CA ILE B 157 29.07 -37.41 32.56
C ILE B 157 27.65 -36.83 32.69
N PHE B 158 27.06 -36.43 31.56
CA PHE B 158 25.67 -35.94 31.52
C PHE B 158 24.68 -36.94 32.13
N GLU B 159 24.84 -38.21 31.76
CA GLU B 159 23.96 -39.27 32.28
C GLU B 159 24.10 -39.48 33.79
N GLN B 160 25.29 -39.17 34.31
CA GLN B 160 25.57 -39.29 35.74
C GLN B 160 24.96 -38.13 36.54
N ILE B 161 25.09 -36.90 36.02
CA ILE B 161 24.65 -35.69 36.72
C ILE B 161 23.16 -35.42 36.54
N ALA B 162 22.59 -35.96 35.48
CA ALA B 162 21.21 -35.68 35.09
C ALA B 162 20.24 -36.18 36.15
N ALA B 163 19.06 -35.53 36.22
CA ALA B 163 17.94 -36.05 37.00
C ALA B 163 17.61 -37.46 36.56
N LYS B 164 17.23 -38.30 37.52
CA LYS B 164 16.82 -39.67 37.20
C LYS B 164 15.30 -39.77 37.33
N ALA B 165 14.65 -40.33 36.32
CA ALA B 165 13.20 -40.43 36.36
C ALA B 165 12.82 -41.33 37.53
N PRO B 166 11.90 -40.86 38.42
CA PRO B 166 11.56 -41.62 39.62
C PRO B 166 10.87 -42.94 39.28
N GLN B 167 10.35 -43.06 38.06
CA GLN B 167 9.66 -44.30 37.75
C GLN B 167 10.56 -45.48 37.33
N ASP B 168 11.74 -45.18 36.78
CA ASP B 168 12.63 -46.26 36.30
C ASP B 168 14.12 -45.96 36.47
N GLY B 169 14.44 -44.81 37.01
CA GLY B 169 15.83 -44.39 37.20
C GLY B 169 16.58 -43.95 35.94
N LYS B 170 15.91 -43.98 34.80
CA LYS B 170 16.52 -43.53 33.55
C LYS B 170 16.92 -42.06 33.63
N PRO B 171 18.17 -41.75 33.24
CA PRO B 171 18.68 -40.38 33.21
C PRO B 171 17.88 -39.49 32.26
N CYS B 172 17.57 -38.27 32.73
CA CYS B 172 16.81 -37.30 31.92
C CYS B 172 17.72 -36.48 31.00
N VAL B 173 18.36 -37.20 30.08
CA VAL B 173 19.24 -36.63 29.06
C VAL B 173 19.33 -37.62 27.89
N ALA B 174 19.37 -37.09 26.67
CA ALA B 174 19.60 -37.89 25.48
C ALA B 174 20.07 -36.97 24.37
N TYR B 175 20.77 -37.55 23.40
CA TYR B 175 21.15 -36.79 22.22
C TYR B 175 19.90 -36.38 21.42
N MET B 176 19.81 -35.10 21.09
CA MET B 176 18.64 -34.59 20.37
C MET B 176 18.82 -34.60 18.86
N GLY B 177 20.05 -34.32 18.41
CA GLY B 177 20.35 -34.18 16.99
C GLY B 177 21.48 -33.19 16.77
N ALA B 178 21.78 -32.89 15.51
CA ALA B 178 22.89 -31.99 15.14
C ALA B 178 22.67 -30.53 15.56
N ASN B 179 23.76 -29.76 15.51
CA ASN B 179 23.75 -28.31 15.76
C ASN B 179 22.76 -27.80 16.83
N GLY B 180 21.74 -27.04 16.44
CA GLY B 180 20.82 -26.40 17.38
C GLY B 180 19.65 -27.22 17.90
N ALA B 181 19.64 -28.52 17.60
CA ALA B 181 18.51 -29.39 17.97
C ALA B 181 18.21 -29.41 19.45
N GLY B 182 19.24 -29.35 20.29
CA GLY B 182 19.10 -29.41 21.75
C GLY B 182 18.46 -28.16 22.33
N HIS B 183 18.98 -27.00 21.96
CA HIS B 183 18.37 -25.73 22.33
C HIS B 183 16.97 -25.50 21.74
N TYR B 184 16.70 -26.09 20.57
CA TYR B 184 15.32 -26.03 20.04
C TYR B 184 14.33 -26.76 20.96
N VAL B 185 14.69 -27.96 21.40
CA VAL B 185 13.81 -28.77 22.26
C VAL B 185 13.58 -28.09 23.60
N LYS B 186 14.63 -27.46 24.13
CA LYS B 186 14.56 -26.72 25.39
C LYS B 186 13.61 -25.51 25.27
N MET B 187 13.66 -24.85 24.11
CA MET B 187 12.77 -23.75 23.79
C MET B 187 11.31 -24.21 23.86
N VAL B 188 11.00 -25.32 23.18
CA VAL B 188 9.64 -25.86 23.18
C VAL B 188 9.17 -26.27 24.61
N HIS B 189 10.07 -26.85 25.40
CA HIS B 189 9.82 -27.11 26.82
C HIS B 189 9.34 -25.83 27.52
N ASN B 190 10.03 -24.72 27.26
CA ASN B 190 9.73 -23.45 27.91
C ASN B 190 8.42 -22.82 27.42
N GLY B 191 8.11 -22.99 26.14
CA GLY B 191 6.80 -22.59 25.62
C GLY B 191 5.70 -23.37 26.31
N ILE B 192 5.87 -24.69 26.38
CA ILE B 192 4.89 -25.60 26.98
C ILE B 192 4.60 -25.22 28.43
N GLU B 193 5.65 -24.96 29.18
CA GLU B 193 5.59 -24.42 30.54
C GLU B 193 4.67 -23.20 30.66
N TYR B 194 4.88 -22.22 29.78
CA TYR B 194 4.01 -21.04 29.71
C TYR B 194 2.54 -21.44 29.56
N GLY B 195 2.28 -22.40 28.67
CA GLY B 195 0.92 -22.90 28.42
C GLY B 195 0.30 -23.58 29.63
N ASP B 196 1.09 -24.44 30.28
CA ASP B 196 0.62 -25.17 31.45
C ASP B 196 0.27 -24.23 32.60
N MET B 197 1.07 -23.17 32.76
CA MET B 197 0.84 -22.19 33.82
C MET B 197 -0.42 -21.38 33.59
N GLN B 198 -0.68 -21.00 32.34
CA GLN B 198 -1.90 -20.27 31.98
C GLN B 198 -3.17 -21.12 32.14
N LEU B 199 -3.10 -22.38 31.73
CA LEU B 199 -4.20 -23.35 31.91
C LEU B 199 -4.59 -23.51 33.37
N ILE B 200 -3.59 -23.61 34.25
CA ILE B 200 -3.84 -23.70 35.68
C ILE B 200 -4.41 -22.38 36.22
N ALA B 201 -3.93 -21.26 35.68
CA ALA B 201 -4.40 -19.93 36.07
C ALA B 201 -5.88 -19.77 35.74
N GLU B 202 -6.30 -20.32 34.60
CA GLU B 202 -7.69 -20.26 34.17
C GLU B 202 -8.58 -21.14 35.04
N SER B 203 -8.08 -22.32 35.39
CA SER B 203 -8.76 -23.25 36.30
C SER B 203 -8.98 -22.62 37.68
N TYR B 204 -7.90 -22.08 38.26
CA TYR B 204 -7.97 -21.33 39.50
C TYR B 204 -8.97 -20.16 39.41
N ASP B 205 -8.92 -19.41 38.31
CA ASP B 205 -9.84 -18.27 38.11
C ASP B 205 -11.32 -18.67 38.04
N LEU B 206 -11.62 -19.76 37.33
CA LEU B 206 -12.97 -20.31 37.30
C LEU B 206 -13.46 -20.75 38.68
N LEU B 207 -12.61 -21.46 39.42
CA LEU B 207 -12.99 -21.95 40.76
C LEU B 207 -13.26 -20.79 41.72
N LYS B 208 -12.42 -19.76 41.62
CA LYS B 208 -12.48 -18.60 42.48
C LYS B 208 -13.69 -17.73 42.13
N ARG B 209 -13.81 -17.34 40.86
CA ARG B 209 -14.81 -16.36 40.44
C ARG B 209 -16.20 -16.91 40.21
N ILE B 210 -16.29 -18.07 39.56
CA ILE B 210 -17.61 -18.62 39.26
C ILE B 210 -18.16 -19.43 40.44
N LEU B 211 -17.33 -20.32 41.00
CA LEU B 211 -17.80 -21.18 42.08
C LEU B 211 -17.67 -20.54 43.47
N GLY B 212 -16.96 -19.42 43.58
CA GLY B 212 -16.79 -18.71 44.86
C GLY B 212 -15.96 -19.48 45.89
N LEU B 213 -15.05 -20.32 45.41
CA LEU B 213 -14.27 -21.17 46.31
C LEU B 213 -13.12 -20.41 46.97
N SER B 214 -12.83 -20.77 48.21
CA SER B 214 -11.79 -20.15 49.02
C SER B 214 -10.44 -20.75 48.64
N ASN B 215 -9.36 -20.12 49.07
CA ASN B 215 -8.03 -20.66 48.81
C ASN B 215 -7.82 -22.07 49.32
N ALA B 216 -8.31 -22.36 50.53
CA ALA B 216 -8.24 -23.70 51.12
C ALA B 216 -9.06 -24.74 50.34
N GLU B 217 -10.24 -24.34 49.88
CA GLU B 217 -11.06 -25.20 49.03
C GLU B 217 -10.36 -25.50 47.72
N ILE B 218 -9.78 -24.48 47.09
CA ILE B 218 -9.07 -24.64 45.83
C ILE B 218 -7.80 -25.49 45.99
N GLN B 219 -7.08 -25.28 47.09
CA GLN B 219 -5.94 -26.12 47.43
C GLN B 219 -6.31 -27.61 47.47
N ALA B 220 -7.43 -27.93 48.12
CA ALA B 220 -7.88 -29.32 48.23
C ALA B 220 -8.28 -29.94 46.89
N ILE B 221 -8.89 -29.14 46.02
CA ILE B 221 -9.26 -29.59 44.68
C ILE B 221 -8.02 -29.94 43.82
N PHE B 222 -7.01 -29.07 43.82
CA PHE B 222 -5.78 -29.35 43.09
C PHE B 222 -5.06 -30.61 43.64
N GLU B 223 -5.05 -30.76 44.97
CA GLU B 223 -4.49 -31.93 45.63
C GLU B 223 -5.13 -33.22 45.10
N GLU B 224 -6.45 -33.22 45.05
CA GLU B 224 -7.24 -34.36 44.59
C GLU B 224 -7.01 -34.63 43.09
N TRP B 225 -7.05 -33.57 42.29
CA TRP B 225 -6.71 -33.64 40.87
C TRP B 225 -5.33 -34.28 40.62
N ASN B 226 -4.35 -33.92 41.46
CA ASN B 226 -2.99 -34.39 41.32
C ASN B 226 -2.79 -35.89 41.67
N GLU B 227 -3.83 -36.51 42.22
CA GLU B 227 -3.80 -37.95 42.49
CA GLU B 227 -3.82 -37.95 42.49
C GLU B 227 -4.26 -38.76 41.27
N GLY B 228 -4.86 -38.08 40.30
CA GLY B 228 -5.34 -38.73 39.08
C GLY B 228 -4.40 -38.52 37.91
N GLU B 229 -4.93 -38.74 36.70
CA GLU B 229 -4.17 -38.57 35.44
C GLU B 229 -3.46 -37.21 35.27
N LEU B 230 -3.96 -36.17 35.92
CA LEU B 230 -3.33 -34.83 35.83
C LEU B 230 -2.00 -34.71 36.57
N ASP B 231 -1.71 -35.69 37.42
CA ASP B 231 -0.48 -35.75 38.22
C ASP B 231 0.69 -35.00 37.56
N SER B 232 1.03 -33.84 38.13
CA SER B 232 2.10 -32.98 37.61
C SER B 232 2.72 -32.11 38.70
N TYR B 233 3.99 -31.77 38.52
CA TYR B 233 4.69 -30.94 39.50
C TYR B 233 4.14 -29.51 39.61
N LEU B 234 3.70 -28.93 38.48
CA LEU B 234 3.13 -27.58 38.52
C LEU B 234 1.86 -27.46 39.37
N ILE B 235 1.03 -28.51 39.36
CA ILE B 235 -0.16 -28.59 40.21
C ILE B 235 0.26 -28.74 41.67
N GLU B 236 1.35 -29.47 41.92
CA GLU B 236 1.90 -29.60 43.26
C GLU B 236 2.33 -28.25 43.81
N ILE B 237 3.06 -27.48 43.00
CA ILE B 237 3.50 -26.13 43.36
C ILE B 237 2.29 -25.25 43.64
N THR B 238 1.27 -25.36 42.78
CA THR B 238 0.04 -24.60 42.90
C THR B 238 -0.65 -24.81 44.27
N LYS B 239 -0.82 -26.06 44.69
CA LYS B 239 -1.45 -26.29 46.00
C LYS B 239 -0.53 -25.91 47.15
N GLU B 240 0.79 -25.99 46.95
CA GLU B 240 1.74 -25.45 47.93
C GLU B 240 1.65 -23.93 48.12
N VAL B 241 1.60 -23.16 47.04
CA VAL B 241 1.52 -21.69 47.18
C VAL B 241 0.21 -21.24 47.83
N LEU B 242 -0.86 -22.00 47.61
CA LEU B 242 -2.19 -21.67 48.12
C LEU B 242 -2.32 -21.82 49.64
N LYS B 243 -1.38 -22.57 50.22
CA LYS B 243 -1.32 -22.77 51.67
C LYS B 243 -0.78 -21.56 52.41
N ARG B 244 0.03 -20.74 51.73
CA ARG B 244 0.96 -19.86 52.43
C ARG B 244 0.38 -18.53 52.91
N LYS B 245 0.68 -18.19 54.16
CA LYS B 245 0.25 -16.92 54.72
C LYS B 245 1.06 -15.78 54.12
N ASP B 246 0.46 -14.60 54.11
CA ASP B 246 1.16 -13.38 53.74
C ASP B 246 2.23 -13.16 54.79
N ASP B 247 3.46 -12.88 54.35
CA ASP B 247 4.55 -12.64 55.30
C ASP B 247 4.60 -11.20 55.80
N GLU B 248 3.71 -10.36 55.27
CA GLU B 248 3.70 -8.93 55.61
C GLU B 248 2.28 -8.40 55.88
N GLY B 249 1.42 -9.24 56.43
CA GLY B 249 0.03 -8.87 56.65
C GLY B 249 -0.87 -10.08 56.83
N GLU B 250 -2.18 -9.85 56.85
CA GLU B 250 -3.15 -10.91 57.05
C GLU B 250 -3.42 -11.67 55.74
N GLY B 251 -4.03 -12.85 55.86
CA GLY B 251 -4.43 -13.63 54.71
C GLY B 251 -3.31 -14.40 54.02
N TYR B 252 -3.43 -14.53 52.71
CA TYR B 252 -2.56 -15.36 51.89
C TYR B 252 -1.62 -14.54 51.02
N ILE B 253 -0.37 -14.97 50.91
CA ILE B 253 0.58 -14.31 50.02
C ILE B 253 0.11 -14.25 48.56
N VAL B 254 -0.48 -15.33 48.06
CA VAL B 254 -0.96 -15.37 46.66
C VAL B 254 -1.90 -14.20 46.31
N ASP B 255 -2.69 -13.75 47.30
CA ASP B 255 -3.65 -12.66 47.11
C ASP B 255 -3.01 -11.27 47.17
N LYS B 256 -1.77 -11.22 47.68
CA LYS B 256 -1.01 -9.98 47.80
C LYS B 256 -0.01 -9.77 46.65
N ILE B 257 0.15 -10.77 45.80
CA ILE B 257 1.07 -10.71 44.66
C ILE B 257 0.41 -9.98 43.50
N LEU B 258 1.03 -8.90 43.03
CA LEU B 258 0.47 -8.10 41.94
C LEU B 258 0.38 -8.96 40.68
N ASP B 259 -0.75 -8.84 39.98
CA ASP B 259 -1.05 -9.65 38.82
C ASP B 259 -0.43 -9.10 37.52
N LYS B 260 0.90 -9.04 37.50
CA LYS B 260 1.65 -8.62 36.31
C LYS B 260 2.71 -9.66 36.04
N ALA B 261 2.46 -10.50 35.03
CA ALA B 261 3.32 -11.67 34.78
C ALA B 261 4.66 -11.27 34.19
N GLY B 262 5.67 -12.05 34.56
CA GLY B 262 7.06 -11.65 34.45
C GLY B 262 7.77 -11.81 33.14
N ASN B 263 8.56 -10.78 32.85
CA ASN B 263 9.88 -10.80 32.17
C ASN B 263 10.02 -10.45 30.69
N LYS B 264 9.14 -10.97 29.85
CA LYS B 264 9.32 -10.88 28.41
C LYS B 264 10.45 -11.81 27.94
N GLY B 265 11.51 -11.23 27.40
CA GLY B 265 12.77 -11.90 27.13
C GLY B 265 12.70 -13.07 26.20
N THR B 266 12.64 -14.27 26.78
CA THR B 266 12.83 -15.50 26.04
C THR B 266 11.54 -16.30 25.85
N GLY B 267 10.47 -15.89 26.52
CA GLY B 267 9.20 -16.61 26.49
C GLY B 267 8.45 -16.64 25.17
N LYS B 268 8.73 -15.67 24.32
CA LYS B 268 8.12 -15.57 22.98
C LYS B 268 8.74 -16.52 21.94
N TRP B 269 9.88 -17.12 22.26
CA TRP B 269 10.69 -17.81 21.25
C TRP B 269 9.97 -18.93 20.51
N THR B 270 9.24 -19.77 21.24
CA THR B 270 8.51 -20.89 20.67
C THR B 270 7.46 -20.40 19.66
N SER B 271 6.63 -19.46 20.08
CA SER B 271 5.64 -18.82 19.22
C SER B 271 6.25 -18.22 17.95
N GLU B 272 7.41 -17.60 18.08
CA GLU B 272 8.06 -16.98 16.94
C GLU B 272 8.56 -18.00 15.93
N SER B 273 9.06 -19.14 16.42
CA SER B 273 9.45 -20.23 15.54
C SER B 273 8.25 -20.86 14.83
N ALA B 274 7.16 -21.07 15.56
CA ALA B 274 5.90 -21.53 14.99
C ALA B 274 5.39 -20.64 13.85
N LEU B 275 5.49 -19.32 14.02
CA LEU B 275 5.09 -18.37 12.97
C LEU B 275 6.00 -18.45 11.74
N ASP B 276 7.31 -18.57 11.99
CA ASP B 276 8.33 -18.73 10.95
CA ASP B 276 8.31 -18.73 10.94
C ASP B 276 8.12 -20.02 10.16
N LEU B 277 7.69 -21.07 10.86
CA LEU B 277 7.56 -22.41 10.31
C LEU B 277 6.20 -22.74 9.71
N GLY B 278 5.21 -21.87 9.87
CA GLY B 278 3.86 -22.16 9.39
C GLY B 278 3.14 -23.20 10.25
N VAL B 279 3.51 -23.28 11.53
CA VAL B 279 2.93 -24.23 12.48
C VAL B 279 1.83 -23.57 13.29
N PRO B 280 0.64 -24.21 13.40
CA PRO B 280 -0.40 -23.68 14.28
C PRO B 280 -0.04 -23.92 15.75
N LEU B 281 0.26 -22.85 16.47
CA LEU B 281 0.57 -22.97 17.89
C LEU B 281 -0.24 -21.97 18.71
N PRO B 282 -1.57 -22.02 18.59
CA PRO B 282 -2.38 -21.00 19.27
C PRO B 282 -2.39 -21.06 20.80
N LEU B 283 -2.33 -22.24 21.41
CA LEU B 283 -2.42 -22.31 22.89
C LEU B 283 -1.25 -21.64 23.63
N ILE B 284 -0.02 -22.08 23.36
CA ILE B 284 1.19 -21.44 23.91
C ILE B 284 1.26 -19.93 23.60
N THR B 285 0.84 -19.55 22.40
CA THR B 285 0.83 -18.15 22.01
C THR B 285 -0.21 -17.30 22.79
N GLU B 286 -1.40 -17.83 23.01
CA GLU B 286 -2.38 -17.20 23.92
C GLU B 286 -1.82 -17.03 25.34
N SER B 287 -1.02 -17.99 25.80
CA SER B 287 -0.41 -17.94 27.13
CA SER B 287 -0.43 -17.93 27.13
C SER B 287 0.59 -16.79 27.23
N VAL B 288 1.35 -16.54 26.16
CA VAL B 288 2.28 -15.41 26.09
C VAL B 288 1.53 -14.08 26.10
N PHE B 289 0.47 -13.99 25.28
CA PHE B 289 -0.34 -12.77 25.20
C PHE B 289 -1.09 -12.53 26.52
N ALA B 290 -1.41 -13.61 27.22
CA ALA B 290 -2.06 -13.53 28.54
C ALA B 290 -1.12 -12.88 29.54
N ARG B 291 0.17 -13.22 29.50
CA ARG B 291 1.19 -12.54 30.30
C ARG B 291 1.29 -11.06 29.93
N TYR B 292 1.40 -10.77 28.65
CA TYR B 292 1.50 -9.40 28.13
C TYR B 292 0.34 -8.54 28.59
N ILE B 293 -0.88 -9.05 28.45
CA ILE B 293 -2.04 -8.27 28.86
C ILE B 293 -2.08 -8.04 30.39
N SER B 294 -1.50 -8.94 31.17
CA SER B 294 -1.40 -8.74 32.63
C SER B 294 -0.46 -7.59 32.97
N THR B 295 0.56 -7.39 32.13
CA THR B 295 1.48 -6.25 32.32
C THR B 295 0.80 -4.89 32.06
N TYR B 296 -0.35 -4.92 31.37
CA TYR B 296 -1.13 -3.70 31.09
C TYR B 296 -2.10 -3.38 32.26
N LYS B 297 -1.65 -3.62 33.49
CA LYS B 297 -2.44 -3.46 34.71
C LYS B 297 -3.17 -2.12 34.82
N ASP B 298 -2.45 -1.02 34.61
CA ASP B 298 -3.03 0.33 34.69
C ASP B 298 -4.20 0.53 33.75
N GLU B 299 -4.03 0.10 32.50
CA GLU B 299 -5.09 0.17 31.49
C GLU B 299 -6.30 -0.67 31.91
N ARG B 300 -6.03 -1.89 32.40
CA ARG B 300 -7.08 -2.78 32.89
C ARG B 300 -7.89 -2.22 34.06
N VAL B 301 -7.20 -1.57 35.00
CA VAL B 301 -7.89 -0.92 36.13
C VAL B 301 -8.85 0.15 35.61
N LYS B 302 -8.37 0.98 34.68
CA LYS B 302 -9.23 1.99 34.03
C LYS B 302 -10.40 1.36 33.27
N ALA B 303 -10.10 0.29 32.53
CA ALA B 303 -11.10 -0.41 31.73
C ALA B 303 -12.16 -1.09 32.57
N SER B 304 -11.75 -1.61 33.74
CA SER B 304 -12.67 -2.24 34.68
C SER B 304 -13.76 -1.26 35.14
N LYS B 305 -13.46 0.03 35.10
CA LYS B 305 -14.38 1.05 35.55
C LYS B 305 -15.39 1.51 34.49
N VAL B 306 -15.11 1.27 33.21
CA VAL B 306 -15.97 1.80 32.14
C VAL B 306 -16.69 0.73 31.30
N LEU B 307 -16.06 -0.43 31.15
CA LEU B 307 -16.59 -1.51 30.32
C LEU B 307 -17.53 -2.42 31.10
N SER B 308 -18.62 -2.85 30.45
CA SER B 308 -19.64 -3.67 31.08
C SER B 308 -19.42 -5.15 30.85
N GLY B 309 -19.98 -5.96 31.74
CA GLY B 309 -20.03 -7.39 31.56
C GLY B 309 -21.10 -7.98 32.45
N PRO B 310 -21.34 -9.30 32.32
CA PRO B 310 -22.33 -10.03 33.12
C PRO B 310 -22.07 -9.91 34.62
N ALA B 311 -23.12 -10.02 35.41
CA ALA B 311 -22.99 -10.08 36.86
C ALA B 311 -23.74 -11.31 37.35
N LEU B 312 -23.33 -12.48 36.87
CA LEU B 312 -24.04 -13.72 37.17
C LEU B 312 -23.73 -14.30 38.55
N ASP B 313 -24.73 -14.91 39.17
CA ASP B 313 -24.55 -15.76 40.35
CA ASP B 313 -24.52 -15.77 40.33
C ASP B 313 -24.67 -17.21 39.91
N PHE B 314 -23.66 -18.02 40.18
CA PHE B 314 -23.71 -19.43 39.82
C PHE B 314 -24.73 -20.18 40.71
N SER B 315 -25.57 -20.99 40.08
CA SER B 315 -26.58 -21.77 40.81
C SER B 315 -26.51 -23.27 40.57
N GLY B 316 -25.63 -23.70 39.67
CA GLY B 316 -25.50 -25.12 39.32
C GLY B 316 -24.91 -26.00 40.40
N ASP B 317 -24.48 -27.19 40.01
CA ASP B 317 -23.87 -28.13 40.95
C ASP B 317 -22.36 -27.96 40.99
N LYS B 318 -21.84 -27.56 42.15
CA LYS B 318 -20.42 -27.26 42.30
C LYS B 318 -19.53 -28.45 41.95
N LYS B 319 -19.84 -29.60 42.55
CA LYS B 319 -19.07 -30.83 42.37
C LYS B 319 -18.99 -31.24 40.90
N GLU B 320 -20.14 -31.21 40.22
CA GLU B 320 -20.22 -31.50 38.78
CA GLU B 320 -20.20 -31.51 38.80
C GLU B 320 -19.33 -30.56 37.98
N VAL B 321 -19.35 -29.28 38.33
CA VAL B 321 -18.62 -28.25 37.57
C VAL B 321 -17.11 -28.32 37.83
N ILE B 322 -16.72 -28.60 39.09
CA ILE B 322 -15.32 -28.86 39.43
C ILE B 322 -14.74 -29.99 38.56
N GLU B 323 -15.46 -31.11 38.45
CA GLU B 323 -15.04 -32.23 37.60
C GLU B 323 -14.98 -31.85 36.12
N LYS B 324 -15.93 -31.03 35.66
CA LYS B 324 -15.92 -30.56 34.28
C LYS B 324 -14.69 -29.69 34.00
N ILE B 325 -14.33 -28.83 34.95
CA ILE B 325 -13.10 -28.03 34.82
C ILE B 325 -11.86 -28.93 34.82
N ARG B 326 -11.88 -29.99 35.64
CA ARG B 326 -10.79 -30.98 35.63
C ARG B 326 -10.60 -31.58 34.25
N LYS B 327 -11.69 -32.03 33.63
CA LYS B 327 -11.66 -32.53 32.25
C LYS B 327 -11.16 -31.49 31.25
N ALA B 328 -11.70 -30.28 31.29
CA ALA B 328 -11.28 -29.20 30.39
C ALA B 328 -9.77 -28.92 30.53
N LEU B 329 -9.27 -28.94 31.76
CA LEU B 329 -7.84 -28.77 32.03
C LEU B 329 -6.97 -29.81 31.30
N TYR B 330 -7.29 -31.09 31.48
CA TYR B 330 -6.50 -32.19 30.91
C TYR B 330 -6.61 -32.22 29.38
N PHE B 331 -7.83 -32.00 28.89
CA PHE B 331 -8.10 -31.91 27.47
C PHE B 331 -7.26 -30.80 26.84
N SER B 332 -7.27 -29.63 27.48
CA SER B 332 -6.60 -28.45 26.96
C SER B 332 -5.09 -28.57 27.00
N LYS B 333 -4.60 -29.22 28.06
CA LYS B 333 -3.21 -29.59 28.18
C LYS B 333 -2.82 -30.48 26.99
N ILE B 334 -3.65 -31.49 26.71
CA ILE B 334 -3.43 -32.39 25.57
C ILE B 334 -3.35 -31.61 24.24
N MET B 335 -4.20 -30.59 24.09
CA MET B 335 -4.16 -29.74 22.88
C MET B 335 -2.82 -29.02 22.72
N SER B 336 -2.30 -28.48 23.82
CA SER B 336 -1.06 -27.71 23.84
C SER B 336 0.15 -28.58 23.50
N TYR B 337 0.18 -29.79 24.04
CA TYR B 337 1.28 -30.73 23.79
C TYR B 337 1.24 -31.27 22.37
N ALA B 338 0.04 -31.60 21.90
CA ALA B 338 -0.17 -31.98 20.51
C ALA B 338 0.37 -30.92 19.55
N GLN B 339 0.05 -29.65 19.82
CA GLN B 339 0.56 -28.52 19.03
C GLN B 339 2.08 -28.39 19.15
N GLY B 340 2.59 -28.48 20.39
CA GLY B 340 4.03 -28.39 20.65
C GLY B 340 4.87 -29.49 20.04
N PHE B 341 4.39 -30.73 20.10
CA PHE B 341 5.07 -31.86 19.43
C PHE B 341 4.94 -31.83 17.91
N ALA B 342 3.83 -31.30 17.40
CA ALA B 342 3.70 -31.04 15.96
C ALA B 342 4.71 -29.99 15.49
N GLN B 343 4.98 -28.97 16.32
CA GLN B 343 6.00 -27.96 16.00
C GLN B 343 7.41 -28.57 15.96
N LEU B 344 7.71 -29.44 16.93
CA LEU B 344 8.96 -30.21 16.92
C LEU B 344 9.10 -31.05 15.66
N ARG B 345 7.98 -31.62 15.18
CA ARG B 345 7.99 -32.43 13.97
C ARG B 345 8.37 -31.59 12.74
N LYS B 346 7.72 -30.44 12.59
CA LYS B 346 8.03 -29.50 11.52
C LYS B 346 9.48 -29.00 11.60
N ALA B 347 9.90 -28.59 12.80
CA ALA B 347 11.27 -28.09 12.99
C ALA B 347 12.28 -29.16 12.58
N SER B 348 11.98 -30.41 12.94
CA SER B 348 12.84 -31.55 12.62
C SER B 348 12.98 -31.72 11.10
N GLU B 349 11.87 -31.57 10.36
CA GLU B 349 11.91 -31.62 8.90
CA GLU B 349 11.91 -31.62 8.90
C GLU B 349 12.72 -30.46 8.33
N GLU B 350 12.45 -29.26 8.83
CA GLU B 350 13.09 -28.03 8.37
C GLU B 350 14.60 -28.03 8.57
N PHE B 351 15.07 -28.55 9.69
CA PHE B 351 16.48 -28.45 10.03
C PHE B 351 17.21 -29.79 9.90
N ASP B 352 16.49 -30.83 9.47
CA ASP B 352 17.04 -32.18 9.28
CA ASP B 352 17.05 -32.18 9.27
C ASP B 352 17.64 -32.74 10.56
N TRP B 353 16.81 -32.84 11.61
CA TRP B 353 17.30 -33.24 12.94
C TRP B 353 16.96 -34.65 13.44
N ASP B 354 15.95 -35.29 12.83
CA ASP B 354 15.47 -36.59 13.30
CA ASP B 354 15.44 -36.59 13.30
C ASP B 354 15.22 -36.57 14.82
N LEU B 355 14.43 -35.62 15.29
CA LEU B 355 14.17 -35.47 16.74
C LEU B 355 13.51 -36.70 17.35
N PRO B 356 14.07 -37.20 18.47
CA PRO B 356 13.50 -38.41 19.07
C PRO B 356 12.33 -38.03 20.02
N TYR B 357 11.12 -38.04 19.47
CA TYR B 357 9.96 -37.46 20.18
C TYR B 357 9.60 -38.16 21.48
N GLY B 358 9.57 -39.49 21.45
CA GLY B 358 9.21 -40.28 22.61
C GLY B 358 10.23 -40.11 23.72
N THR B 359 11.50 -39.98 23.33
CA THR B 359 12.60 -39.81 24.26
C THR B 359 12.56 -38.43 24.90
N ILE B 360 12.13 -37.43 24.11
CA ILE B 360 11.92 -36.07 24.61
C ILE B 360 10.95 -36.08 25.79
N ALA B 361 9.83 -36.76 25.62
CA ALA B 361 8.85 -36.92 26.70
C ALA B 361 9.42 -37.65 27.92
N GLN B 362 10.26 -38.66 27.67
CA GLN B 362 10.97 -39.40 28.74
C GLN B 362 11.92 -38.57 29.56
N ILE B 363 12.66 -37.68 28.91
CA ILE B 363 13.66 -36.87 29.62
C ILE B 363 13.07 -35.64 30.31
N TRP B 364 11.76 -35.45 30.13
CA TRP B 364 11.04 -34.36 30.78
C TRP B 364 10.37 -34.87 32.06
N ARG B 365 10.57 -36.13 32.39
CA ARG B 365 9.89 -36.76 33.52
C ARG B 365 10.46 -36.35 34.88
N ALA B 366 11.64 -35.74 34.87
CA ALA B 366 12.29 -35.27 36.08
C ALA B 366 13.26 -34.15 35.72
N GLY B 367 13.61 -33.33 36.72
CA GLY B 367 14.60 -32.27 36.56
C GLY B 367 14.13 -31.07 35.74
N CYS B 368 12.82 -30.92 35.61
CA CYS B 368 12.24 -29.77 34.94
C CYS B 368 10.86 -29.52 35.50
N ILE B 369 10.34 -28.33 35.23
CA ILE B 369 9.13 -27.87 35.87
C ILE B 369 7.87 -28.54 35.29
N ILE B 370 7.93 -29.01 34.05
CA ILE B 370 6.74 -29.60 33.40
C ILE B 370 6.57 -31.09 33.63
N ARG B 371 7.47 -31.69 34.40
CA ARG B 371 7.38 -33.11 34.71
C ARG B 371 5.98 -33.47 35.15
N ALA B 372 5.48 -34.57 34.61
CA ALA B 372 4.10 -34.99 34.81
C ALA B 372 3.97 -36.42 34.36
N GLU B 373 3.11 -37.17 35.02
CA GLU B 373 2.94 -38.59 34.73
C GLU B 373 2.49 -38.90 33.29
N PHE B 374 1.62 -38.07 32.71
CA PHE B 374 1.07 -38.32 31.35
C PHE B 374 2.09 -38.22 30.19
N LEU B 375 3.29 -37.74 30.49
CA LEU B 375 4.41 -37.79 29.55
C LEU B 375 4.65 -39.20 29.03
N GLN B 376 4.35 -40.20 29.87
CA GLN B 376 4.42 -41.60 29.47
C GLN B 376 3.48 -41.92 28.30
N ASN B 377 2.25 -41.38 28.32
CA ASN B 377 1.32 -41.61 27.21
C ASN B 377 1.79 -41.00 25.89
N ILE B 378 2.58 -39.94 25.98
CA ILE B 378 3.20 -39.30 24.82
C ILE B 378 4.28 -40.22 24.25
N THR B 379 5.12 -40.74 25.13
CA THR B 379 6.12 -41.74 24.75
C THR B 379 5.49 -43.00 24.12
N ASP B 380 4.44 -43.55 24.73
CA ASP B 380 3.71 -44.72 24.18
C ASP B 380 3.21 -44.46 22.75
N ALA B 381 2.68 -43.25 22.53
CA ALA B 381 2.20 -42.85 21.21
C ALA B 381 3.31 -42.94 20.16
N PHE B 382 4.47 -42.37 20.45
CA PHE B 382 5.59 -42.44 19.51
C PHE B 382 6.31 -43.81 19.46
N ASP B 383 6.27 -44.58 20.56
CA ASP B 383 6.75 -45.97 20.54
C ASP B 383 5.95 -46.78 19.53
N LYS B 384 4.63 -46.57 19.55
CA LYS B 384 3.68 -47.25 18.68
C LYS B 384 3.88 -46.86 17.22
N ASP B 385 4.11 -45.58 16.97
CA ASP B 385 4.35 -45.05 15.62
C ASP B 385 5.20 -43.78 15.71
N SER B 386 6.49 -43.91 15.39
CA SER B 386 7.43 -42.79 15.47
C SER B 386 7.16 -41.69 14.44
N GLU B 387 6.41 -42.01 13.40
CA GLU B 387 6.01 -41.08 12.36
CA GLU B 387 6.04 -41.04 12.38
C GLU B 387 4.65 -40.43 12.63
N LEU B 388 4.13 -40.63 13.85
CA LEU B 388 2.86 -40.02 14.24
C LEU B 388 2.90 -38.51 14.00
N GLU B 389 2.03 -38.03 13.13
CA GLU B 389 1.98 -36.62 12.76
C GLU B 389 1.51 -35.73 13.90
N ASN B 390 0.55 -36.24 14.67
CA ASN B 390 -0.07 -35.47 15.72
C ASN B 390 -0.60 -36.41 16.80
N LEU B 391 -0.34 -36.06 18.07
CA LEU B 391 -0.75 -36.87 19.24
C LEU B 391 -2.25 -37.20 19.30
N LEU B 392 -3.10 -36.29 18.83
CA LEU B 392 -4.54 -36.48 18.81
C LEU B 392 -5.00 -37.74 18.07
N LEU B 393 -4.19 -38.22 17.14
CA LEU B 393 -4.52 -39.40 16.34
C LEU B 393 -4.16 -40.73 17.02
N ASP B 394 -3.45 -40.68 18.14
CA ASP B 394 -3.11 -41.88 18.88
C ASP B 394 -4.29 -42.33 19.74
N ASP B 395 -4.55 -43.65 19.73
CA ASP B 395 -5.69 -44.24 20.46
C ASP B 395 -5.95 -43.67 21.85
N TYR B 396 -4.89 -43.53 22.67
CA TYR B 396 -5.08 -43.02 24.04
C TYR B 396 -5.66 -41.60 24.07
N PHE B 397 -5.16 -40.72 23.21
CA PHE B 397 -5.62 -39.35 23.16
C PHE B 397 -6.96 -39.20 22.48
N VAL B 398 -7.24 -40.06 21.49
CA VAL B 398 -8.55 -40.11 20.82
C VAL B 398 -9.66 -40.36 21.85
N ASP B 399 -9.42 -41.31 22.75
CA ASP B 399 -10.37 -41.68 23.80
C ASP B 399 -10.63 -40.54 24.77
N ILE B 400 -9.56 -39.90 25.25
CA ILE B 400 -9.69 -38.78 26.18
C ILE B 400 -10.53 -37.65 25.59
N THR B 401 -10.21 -37.26 24.35
CA THR B 401 -10.91 -36.14 23.70
C THR B 401 -12.38 -36.47 23.45
N LYS B 402 -12.64 -37.69 22.98
CA LYS B 402 -14.01 -38.18 22.81
C LYS B 402 -14.80 -38.01 24.11
N ARG B 403 -14.25 -38.52 25.21
CA ARG B 403 -14.96 -38.51 26.49
C ARG B 403 -14.97 -37.15 27.20
N TYR B 404 -14.00 -36.29 26.90
CA TYR B 404 -13.81 -35.05 27.67
C TYR B 404 -14.32 -33.76 27.00
N GLN B 405 -14.53 -33.80 25.69
CA GLN B 405 -14.89 -32.61 24.89
C GLN B 405 -16.20 -31.93 25.31
N GLU B 406 -17.19 -32.75 25.70
CA GLU B 406 -18.49 -32.28 26.17
C GLU B 406 -18.33 -31.37 27.39
N ALA B 407 -17.50 -31.79 28.34
CA ALA B 407 -17.20 -31.00 29.53
C ALA B 407 -16.54 -29.66 29.18
N VAL B 408 -15.57 -29.69 28.26
CA VAL B 408 -14.88 -28.48 27.78
C VAL B 408 -15.89 -27.49 27.22
N ARG B 409 -16.80 -27.98 26.37
CA ARG B 409 -17.82 -27.13 25.73
C ARG B 409 -18.68 -26.44 26.79
N ASP B 410 -19.16 -27.22 27.76
CA ASP B 410 -19.91 -26.71 28.91
C ASP B 410 -19.11 -25.68 29.69
N VAL B 411 -17.86 -26.01 30.00
CA VAL B 411 -16.98 -25.09 30.70
C VAL B 411 -16.82 -23.77 29.93
N VAL B 412 -16.61 -23.87 28.62
CA VAL B 412 -16.52 -22.67 27.75
C VAL B 412 -17.83 -21.86 27.76
N SER B 413 -18.98 -22.54 27.63
CA SER B 413 -20.29 -21.85 27.68
C SER B 413 -20.48 -21.13 29.01
N LEU B 414 -20.16 -21.82 30.11
CA LEU B 414 -20.31 -21.28 31.45
C LEU B 414 -19.42 -20.06 31.71
N ALA B 415 -18.14 -20.17 31.38
CA ALA B 415 -17.17 -19.09 31.62
C ALA B 415 -17.43 -17.87 30.76
N VAL B 416 -17.78 -18.11 29.50
CA VAL B 416 -18.07 -17.03 28.56
C VAL B 416 -19.36 -16.27 28.93
N GLN B 417 -20.40 -17.01 29.31
CA GLN B 417 -21.64 -16.38 29.80
C GLN B 417 -21.41 -15.59 31.10
N ALA B 418 -20.51 -16.09 31.95
CA ALA B 418 -20.20 -15.46 33.22
C ALA B 418 -19.22 -14.28 33.09
N GLY B 419 -18.46 -14.25 32.00
CA GLY B 419 -17.51 -13.18 31.75
C GLY B 419 -16.10 -13.38 32.29
N THR B 420 -15.77 -14.62 32.66
CA THR B 420 -14.43 -14.95 33.13
C THR B 420 -13.56 -15.26 31.92
N PRO B 421 -12.43 -14.54 31.78
CA PRO B 421 -11.58 -14.73 30.60
C PRO B 421 -10.89 -16.08 30.61
N ILE B 422 -11.09 -16.84 29.54
CA ILE B 422 -10.43 -18.13 29.35
C ILE B 422 -9.81 -18.26 27.96
N PRO B 423 -8.76 -17.47 27.67
CA PRO B 423 -8.17 -17.50 26.32
C PRO B 423 -7.62 -18.88 25.91
N THR B 424 -6.99 -19.61 26.83
CA THR B 424 -6.43 -20.92 26.44
C THR B 424 -7.44 -22.07 26.35
N PHE B 425 -8.41 -22.11 27.27
CA PHE B 425 -9.52 -23.08 27.19
C PHE B 425 -10.33 -22.91 25.91
N THR B 426 -10.64 -21.66 25.55
CA THR B 426 -11.36 -21.38 24.29
C THR B 426 -10.51 -21.70 23.07
N SER B 427 -9.22 -21.36 23.12
CA SER B 427 -8.27 -21.70 22.05
CA SER B 427 -8.26 -21.72 22.06
C SER B 427 -8.13 -23.24 21.91
N ALA B 428 -8.22 -23.95 23.03
CA ALA B 428 -8.08 -25.41 23.01
C ALA B 428 -9.21 -26.07 22.24
N ILE B 429 -10.45 -25.66 22.53
CA ILE B 429 -11.60 -26.24 21.84
C ILE B 429 -11.67 -25.81 20.37
N SER B 430 -11.23 -24.59 20.08
CA SER B 430 -11.15 -24.09 18.69
C SER B 430 -10.15 -24.86 17.84
N TYR B 431 -9.00 -25.19 18.43
CA TYR B 431 -8.00 -26.04 17.76
C TYR B 431 -8.55 -27.45 17.52
N TYR B 432 -9.17 -28.03 18.54
CA TYR B 432 -9.78 -29.34 18.39
C TYR B 432 -10.79 -29.34 17.23
N ASP B 433 -11.70 -28.36 17.25
CA ASP B 433 -12.73 -28.23 16.21
C ASP B 433 -12.20 -27.88 14.80
N SER B 434 -11.09 -27.15 14.74
CA SER B 434 -10.42 -26.85 13.46
C SER B 434 -9.70 -28.07 12.89
N TYR B 435 -8.87 -28.71 13.71
CA TYR B 435 -8.03 -29.84 13.29
C TYR B 435 -8.86 -31.01 12.76
N ARG B 436 -10.02 -31.24 13.35
CA ARG B 436 -10.91 -32.32 12.90
C ARG B 436 -11.89 -31.89 11.78
N SER B 437 -11.89 -30.62 11.36
CA SER B 437 -12.73 -30.20 10.22
C SER B 437 -12.09 -30.55 8.87
N GLU B 438 -12.72 -31.48 8.15
CA GLU B 438 -12.27 -31.84 6.81
C GLU B 438 -12.25 -30.61 5.89
N ASN B 439 -13.30 -29.80 5.99
CA ASN B 439 -13.39 -28.52 5.28
C ASN B 439 -13.49 -27.33 6.25
N LEU B 440 -12.66 -26.33 6.01
CA LEU B 440 -12.67 -25.08 6.76
C LEU B 440 -13.04 -23.93 5.81
N PRO B 441 -13.53 -22.79 6.35
CA PRO B 441 -13.98 -21.70 5.46
C PRO B 441 -12.84 -20.90 4.82
N ALA B 442 -11.66 -21.50 4.74
CA ALA B 442 -10.51 -20.86 4.08
C ALA B 442 -10.66 -20.80 2.56
N ASN B 443 -11.67 -21.50 2.03
CA ASN B 443 -12.08 -21.29 0.63
C ASN B 443 -12.58 -19.86 0.36
N LEU B 444 -13.30 -19.29 1.32
CA LEU B 444 -13.77 -17.90 1.20
C LEU B 444 -12.59 -16.91 1.28
N ILE B 445 -11.66 -17.17 2.20
CA ILE B 445 -10.46 -16.35 2.37
C ILE B 445 -9.66 -16.33 1.07
N GLN B 446 -9.49 -17.51 0.48
CA GLN B 446 -8.80 -17.66 -0.80
C GLN B 446 -9.49 -16.92 -1.94
N ALA B 447 -10.83 -16.96 -1.98
CA ALA B 447 -11.62 -16.20 -2.94
C ALA B 447 -11.42 -14.68 -2.81
N GLN B 448 -11.46 -14.19 -1.57
CA GLN B 448 -11.23 -12.77 -1.27
C GLN B 448 -9.83 -12.32 -1.72
N ARG B 449 -8.80 -13.11 -1.39
CA ARG B 449 -7.41 -12.79 -1.78
C ARG B 449 -7.22 -12.76 -3.30
N ASP B 450 -7.87 -13.68 -4.00
CA ASP B 450 -7.86 -13.69 -5.46
C ASP B 450 -8.62 -12.49 -6.05
N TYR B 451 -9.74 -12.14 -5.41
CA TYR B 451 -10.55 -10.98 -5.80
C TYR B 451 -9.75 -9.68 -5.75
N PHE B 452 -9.23 -9.32 -4.58
CA PHE B 452 -8.50 -8.04 -4.48
C PHE B 452 -7.03 -8.12 -4.91
N GLY B 453 -6.38 -9.26 -4.67
CA GLY B 453 -4.96 -9.39 -4.93
C GLY B 453 -4.52 -10.24 -6.10
N ALA B 454 -5.44 -10.98 -6.72
CA ALA B 454 -5.10 -11.94 -7.78
C ALA B 454 -4.03 -12.96 -7.34
N HIS B 455 -4.13 -13.40 -6.08
CA HIS B 455 -3.15 -14.33 -5.50
C HIS B 455 -3.31 -15.77 -5.98
N THR B 456 -4.37 -16.03 -6.75
CA THR B 456 -4.67 -17.37 -7.29
C THR B 456 -5.05 -18.39 -6.21
N TYR B 457 -5.67 -19.49 -6.65
CA TYR B 457 -6.14 -20.52 -5.73
C TYR B 457 -5.97 -21.91 -6.33
N GLU B 458 -6.11 -22.93 -5.48
CA GLU B 458 -6.20 -24.31 -5.95
C GLU B 458 -7.67 -24.70 -5.98
N ARG B 459 -8.00 -25.71 -6.78
CA ARG B 459 -9.38 -26.16 -6.90
C ARG B 459 -9.57 -27.49 -6.19
N THR B 460 -10.82 -27.80 -5.88
CA THR B 460 -11.18 -29.03 -5.16
C THR B 460 -11.23 -30.27 -6.07
N ASP B 461 -11.35 -30.03 -7.37
CA ASP B 461 -11.75 -31.07 -8.33
C ASP B 461 -10.70 -31.43 -9.37
N LYS B 462 -9.60 -30.67 -9.40
CA LYS B 462 -8.54 -30.90 -10.38
C LYS B 462 -7.25 -30.20 -9.95
N ALA B 463 -6.14 -30.65 -10.50
CA ALA B 463 -4.83 -30.07 -10.21
C ALA B 463 -4.67 -28.72 -10.92
N GLY B 464 -3.74 -27.90 -10.43
CA GLY B 464 -3.39 -26.67 -11.11
C GLY B 464 -3.62 -25.41 -10.29
N ILE B 465 -3.10 -24.31 -10.83
CA ILE B 465 -3.22 -22.98 -10.26
C ILE B 465 -4.20 -22.18 -11.13
N PHE B 466 -5.16 -21.54 -10.47
CA PHE B 466 -6.26 -20.87 -11.16
C PHE B 466 -6.46 -19.44 -10.67
N HIS B 467 -6.93 -18.58 -11.57
CA HIS B 467 -7.29 -17.21 -11.21
C HIS B 467 -8.65 -16.92 -11.84
N TYR B 468 -9.54 -16.33 -11.04
CA TYR B 468 -10.90 -16.04 -11.49
C TYR B 468 -11.02 -14.58 -11.96
N ASP B 469 -11.89 -14.34 -12.93
CA ASP B 469 -12.16 -12.98 -13.38
C ASP B 469 -13.34 -12.41 -12.62
N TRP B 470 -13.04 -11.65 -11.59
CA TRP B 470 -14.04 -11.16 -10.66
C TRP B 470 -14.71 -9.86 -11.12
N TYR B 471 -14.24 -9.31 -12.24
CA TYR B 471 -14.66 -7.99 -12.67
C TYR B 471 -15.40 -7.96 -14.02
N THR B 472 -15.88 -6.91 -14.45
N ALA C 4 -11.37 25.69 2.81
CA ALA C 4 -10.29 24.90 2.17
C ALA C 4 -10.67 23.43 2.17
N GLN C 5 -10.68 22.82 0.99
CA GLN C 5 -11.21 21.47 0.76
C GLN C 5 -11.33 21.20 -0.75
N ALA C 6 -11.16 22.25 -1.55
CA ALA C 6 -11.05 22.08 -3.01
C ALA C 6 -9.71 22.62 -3.41
N ASN C 7 -9.07 21.98 -4.38
CA ASN C 7 -7.76 22.41 -4.86
C ASN C 7 -7.87 23.45 -5.97
N PHE C 8 -9.04 23.52 -6.61
CA PHE C 8 -9.21 24.32 -7.81
C PHE C 8 -10.69 24.62 -7.99
N GLY C 9 -11.00 25.78 -8.56
CA GLY C 9 -12.39 26.19 -8.75
C GLY C 9 -12.70 26.63 -10.15
N VAL C 10 -13.86 26.23 -10.65
CA VAL C 10 -14.36 26.83 -11.88
C VAL C 10 -15.74 27.49 -11.79
N VAL C 11 -15.81 28.67 -12.39
CA VAL C 11 -17.04 29.46 -12.49
C VAL C 11 -17.53 29.37 -13.93
N GLY C 12 -18.80 28.96 -14.10
CA GLY C 12 -19.38 28.81 -15.43
C GLY C 12 -19.63 27.34 -15.72
N MET C 13 -20.86 26.88 -15.54
CA MET C 13 -21.19 25.46 -15.73
C MET C 13 -21.91 25.15 -17.05
N ALA C 14 -21.74 26.02 -18.05
CA ALA C 14 -22.02 25.64 -19.44
C ALA C 14 -21.01 24.54 -19.82
N VAL C 15 -21.14 23.98 -21.01
CA VAL C 15 -20.39 22.76 -21.33
C VAL C 15 -18.86 22.92 -21.16
N MET C 16 -18.29 24.01 -21.68
CA MET C 16 -16.85 24.24 -21.61
C MET C 16 -16.30 24.22 -20.19
N GLY C 17 -16.97 24.93 -19.29
CA GLY C 17 -16.57 25.02 -17.89
C GLY C 17 -16.81 23.72 -17.15
N LYS C 18 -17.97 23.11 -17.40
CA LYS C 18 -18.23 21.79 -16.85
C LYS C 18 -17.15 20.79 -17.27
N ASN C 19 -16.84 20.75 -18.56
CA ASN C 19 -15.85 19.81 -19.09
C ASN C 19 -14.45 20.05 -18.54
N LEU C 20 -14.06 21.32 -18.46
CA LEU C 20 -12.78 21.69 -17.87
CA LEU C 20 -12.78 21.73 -17.85
C LEU C 20 -12.67 21.23 -16.42
N ALA C 21 -13.73 21.43 -15.64
CA ALA C 21 -13.78 20.97 -14.24
C ALA C 21 -13.65 19.44 -14.13
N LEU C 22 -14.32 18.73 -15.04
CA LEU C 22 -14.22 17.26 -15.14
C LEU C 22 -12.81 16.80 -15.50
N ASN C 23 -12.17 17.49 -16.45
CA ASN C 23 -10.78 17.23 -16.80
C ASN C 23 -9.88 17.36 -15.56
N VAL C 24 -9.97 18.50 -14.88
CA VAL C 24 -9.17 18.77 -13.69
C VAL C 24 -9.41 17.69 -12.62
N GLU C 25 -10.68 17.39 -12.35
CA GLU C 25 -11.05 16.37 -11.40
C GLU C 25 -10.39 15.02 -11.71
N SER C 26 -10.36 14.64 -13.00
CA SER C 26 -9.81 13.35 -13.42
C SER C 26 -8.31 13.22 -13.11
N ARG C 27 -7.62 14.34 -13.05
CA ARG C 27 -6.18 14.35 -12.75
C ARG C 27 -5.85 14.28 -11.27
N GLY C 28 -6.87 14.10 -10.44
CA GLY C 28 -6.70 13.80 -9.03
C GLY C 28 -6.88 14.96 -8.06
N TYR C 29 -7.68 15.94 -8.46
CA TYR C 29 -7.95 17.13 -7.66
C TYR C 29 -9.42 17.19 -7.23
N THR C 30 -9.68 17.91 -6.15
CA THR C 30 -11.05 18.21 -5.77
C THR C 30 -11.39 19.59 -6.33
N VAL C 31 -12.48 19.66 -7.10
CA VAL C 31 -12.86 20.85 -7.85
C VAL C 31 -14.16 21.46 -7.34
N ALA C 32 -14.08 22.72 -6.92
CA ALA C 32 -15.24 23.53 -6.57
C ALA C 32 -15.88 24.07 -7.84
N ILE C 33 -17.21 23.95 -7.90
CA ILE C 33 -17.95 24.38 -9.09
C ILE C 33 -19.02 25.40 -8.73
N TYR C 34 -19.17 26.40 -9.58
CA TYR C 34 -20.11 27.50 -9.36
C TYR C 34 -20.68 27.97 -10.68
N ASN C 35 -21.95 28.36 -10.66
CA ASN C 35 -22.63 28.99 -11.79
C ASN C 35 -23.65 29.98 -11.25
N ARG C 36 -23.81 31.10 -11.94
CA ARG C 36 -24.79 32.11 -11.58
C ARG C 36 -26.19 31.47 -11.43
N THR C 37 -26.64 30.77 -12.47
CA THR C 37 -27.90 30.03 -12.41
C THR C 37 -27.63 28.70 -11.72
N THR C 38 -28.09 28.57 -10.49
CA THR C 38 -27.77 27.44 -9.60
C THR C 38 -28.18 26.08 -10.14
N SER C 39 -29.31 26.02 -10.85
CA SER C 39 -29.82 24.76 -11.40
C SER C 39 -28.83 24.02 -12.31
N LYS C 40 -27.98 24.77 -13.01
CA LYS C 40 -26.93 24.16 -13.86
C LYS C 40 -25.83 23.46 -13.05
N THR C 41 -25.36 24.11 -11.99
CA THR C 41 -24.39 23.52 -11.07
C THR C 41 -24.98 22.27 -10.43
N GLU C 42 -26.28 22.36 -10.09
CA GLU C 42 -27.01 21.25 -9.50
C GLU C 42 -27.05 20.06 -10.43
N GLU C 43 -27.33 20.31 -11.72
CA GLU C 43 -27.34 19.23 -12.71
CA GLU C 43 -27.32 19.29 -12.78
C GLU C 43 -25.97 18.56 -12.81
N VAL C 44 -24.89 19.36 -12.84
CA VAL C 44 -23.52 18.82 -12.90
C VAL C 44 -23.26 17.94 -11.66
N PHE C 45 -23.65 18.43 -10.49
CA PHE C 45 -23.50 17.71 -9.23
C PHE C 45 -24.23 16.35 -9.25
N LYS C 46 -25.51 16.36 -9.65
CA LYS C 46 -26.36 15.16 -9.67
CA LYS C 46 -26.33 15.14 -9.65
C LYS C 46 -25.93 14.12 -10.71
N GLU C 47 -25.37 14.60 -11.81
CA GLU C 47 -24.99 13.72 -12.91
CA GLU C 47 -24.98 13.74 -12.93
C GLU C 47 -23.59 13.12 -12.72
N HIS C 48 -22.85 13.64 -11.74
CA HIS C 48 -21.48 13.19 -11.47
C HIS C 48 -21.23 12.96 -9.99
N GLN C 49 -22.04 12.10 -9.40
CA GLN C 49 -21.91 11.80 -7.97
C GLN C 49 -20.65 11.03 -7.58
N ASP C 50 -20.05 10.33 -8.53
CA ASP C 50 -18.80 9.60 -8.30
C ASP C 50 -17.52 10.45 -8.47
N LYS C 51 -17.69 11.76 -8.64
CA LYS C 51 -16.57 12.67 -8.88
C LYS C 51 -16.37 13.60 -7.71
N ASN C 52 -15.12 13.95 -7.45
CA ASN C 52 -14.79 14.89 -6.37
C ASN C 52 -15.05 16.33 -6.78
N LEU C 53 -16.35 16.65 -6.88
CA LEU C 53 -16.83 17.99 -7.20
C LEU C 53 -17.47 18.61 -5.96
N VAL C 54 -17.18 19.88 -5.72
CA VAL C 54 -17.81 20.61 -4.62
C VAL C 54 -18.86 21.59 -5.17
N PHE C 55 -20.11 21.22 -4.99
CA PHE C 55 -21.27 22.00 -5.38
C PHE C 55 -21.36 23.19 -4.43
N THR C 56 -21.25 24.39 -5.00
CA THR C 56 -21.41 25.61 -4.21
C THR C 56 -22.56 26.39 -4.79
N LYS C 57 -23.33 27.05 -3.94
CA LYS C 57 -24.47 27.83 -4.41
C LYS C 57 -24.28 29.34 -4.33
N THR C 58 -23.30 29.78 -3.56
CA THR C 58 -23.01 31.21 -3.42
C THR C 58 -21.53 31.45 -3.72
N LEU C 59 -21.18 32.69 -4.00
CA LEU C 59 -19.81 33.05 -4.26
C LEU C 59 -18.97 32.88 -2.99
N GLU C 60 -19.56 33.19 -1.84
CA GLU C 60 -18.91 33.02 -0.54
C GLU C 60 -18.56 31.57 -0.27
N GLU C 61 -19.51 30.67 -0.56
CA GLU C 61 -19.29 29.23 -0.45
C GLU C 61 -18.19 28.79 -1.39
N PHE C 62 -18.17 29.38 -2.58
CA PHE C 62 -17.24 28.98 -3.62
C PHE C 62 -15.81 29.36 -3.24
N VAL C 63 -15.61 30.64 -2.93
CA VAL C 63 -14.26 31.07 -2.56
CA VAL C 63 -14.30 31.16 -2.51
C VAL C 63 -13.83 30.51 -1.21
N GLY C 64 -14.76 30.39 -0.26
CA GLY C 64 -14.48 29.78 1.04
C GLY C 64 -14.00 28.33 0.98
N SER C 65 -14.44 27.60 -0.06
CA SER C 65 -14.06 26.20 -0.22
C SER C 65 -12.62 26.03 -0.72
N LEU C 66 -11.99 27.13 -1.12
CA LEU C 66 -10.69 27.03 -1.78
C LEU C 66 -9.50 27.36 -0.89
N GLU C 67 -8.49 26.52 -1.00
CA GLU C 67 -7.22 26.75 -0.32
C GLU C 67 -6.45 27.87 -1.01
N LYS C 68 -5.80 28.69 -0.19
CA LYS C 68 -4.98 29.80 -0.65
C LYS C 68 -3.57 29.33 -1.00
N PRO C 69 -2.93 29.95 -2.02
CA PRO C 69 -3.53 30.96 -2.89
C PRO C 69 -4.60 30.34 -3.78
N ARG C 70 -5.75 31.01 -3.92
CA ARG C 70 -6.89 30.45 -4.64
C ARG C 70 -6.66 30.47 -6.16
N ARG C 71 -6.91 29.33 -6.80
CA ARG C 71 -6.82 29.22 -8.25
C ARG C 71 -8.24 29.04 -8.80
N ILE C 72 -8.73 30.11 -9.44
CA ILE C 72 -10.12 30.19 -9.89
C ILE C 72 -10.14 30.45 -11.38
N MET C 73 -10.78 29.54 -12.11
CA MET C 73 -10.88 29.64 -13.55
C MET C 73 -12.29 30.01 -13.99
N LEU C 74 -12.39 31.16 -14.64
CA LEU C 74 -13.64 31.70 -15.16
C LEU C 74 -13.89 31.18 -16.57
N MET C 75 -15.07 30.57 -16.76
CA MET C 75 -15.48 30.07 -18.06
C MET C 75 -16.89 30.58 -18.35
N VAL C 76 -17.01 31.90 -18.36
CA VAL C 76 -18.29 32.58 -18.51
C VAL C 76 -18.30 33.42 -19.79
N GLN C 77 -19.49 33.88 -20.18
CA GLN C 77 -19.66 34.72 -21.36
C GLN C 77 -18.60 35.84 -21.46
N ALA C 78 -18.02 35.99 -22.65
CA ALA C 78 -17.02 37.02 -22.95
C ALA C 78 -17.59 38.42 -22.83
N GLY C 79 -16.72 39.37 -22.50
CA GLY C 79 -17.10 40.77 -22.34
C GLY C 79 -17.63 41.10 -20.95
N ALA C 80 -18.72 41.85 -20.93
CA ALA C 80 -19.26 42.46 -19.72
C ALA C 80 -19.61 41.46 -18.61
N ALA C 81 -20.00 40.26 -19.01
CA ALA C 81 -20.36 39.19 -18.08
C ALA C 81 -19.13 38.69 -17.29
N THR C 82 -17.99 38.67 -17.99
CA THR C 82 -16.70 38.30 -17.39
C THR C 82 -16.23 39.36 -16.39
N ASP C 83 -16.34 40.64 -16.79
CA ASP C 83 -16.07 41.75 -15.88
C ASP C 83 -16.99 41.76 -14.66
N ALA C 84 -18.30 41.53 -14.86
CA ALA C 84 -19.23 41.48 -13.72
C ALA C 84 -18.91 40.31 -12.78
N THR C 85 -18.49 39.17 -13.34
CA THR C 85 -18.05 38.02 -12.53
C THR C 85 -16.81 38.35 -11.69
N ILE C 86 -15.84 38.99 -12.31
CA ILE C 86 -14.60 39.40 -11.63
C ILE C 86 -14.95 40.30 -10.46
N LYS C 87 -15.76 41.33 -10.76
CA LYS C 87 -16.21 42.32 -9.79
C LYS C 87 -16.92 41.70 -8.57
N SER C 88 -17.78 40.72 -8.81
CA SER C 88 -18.48 40.03 -7.72
C SER C 88 -17.55 39.15 -6.86
N LEU C 89 -16.44 38.70 -7.46
CA LEU C 89 -15.44 37.89 -6.77
C LEU C 89 -14.43 38.69 -5.96
N LEU C 90 -14.07 39.88 -6.46
CA LEU C 90 -12.99 40.70 -5.91
C LEU C 90 -13.07 40.94 -4.39
N PRO C 91 -14.24 41.38 -3.86
CA PRO C 91 -14.34 41.59 -2.40
C PRO C 91 -13.98 40.36 -1.55
N LEU C 92 -14.14 39.17 -2.12
CA LEU C 92 -13.99 37.92 -1.39
C LEU C 92 -12.58 37.35 -1.44
N LEU C 93 -11.72 37.92 -2.29
CA LEU C 93 -10.41 37.36 -2.57
C LEU C 93 -9.33 37.95 -1.66
N ASP C 94 -8.20 37.26 -1.58
CA ASP C 94 -7.06 37.72 -0.82
C ASP C 94 -5.88 38.02 -1.74
N ILE C 95 -5.00 38.92 -1.29
CA ILE C 95 -3.75 39.19 -2.00
C ILE C 95 -3.05 37.86 -2.30
N GLY C 96 -2.63 37.68 -3.56
CA GLY C 96 -1.94 36.47 -3.96
C GLY C 96 -2.81 35.46 -4.69
N ASP C 97 -4.13 35.57 -4.54
CA ASP C 97 -5.05 34.68 -5.25
C ASP C 97 -4.91 34.82 -6.77
N ILE C 98 -5.30 33.80 -7.49
CA ILE C 98 -5.08 33.71 -8.92
C ILE C 98 -6.40 33.48 -9.69
N LEU C 99 -6.83 34.50 -10.41
CA LEU C 99 -7.97 34.40 -11.33
C LEU C 99 -7.47 34.05 -12.71
N ILE C 100 -8.20 33.17 -13.38
CA ILE C 100 -7.86 32.71 -14.71
C ILE C 100 -9.08 32.92 -15.58
N ASP C 101 -8.88 33.49 -16.75
CA ASP C 101 -9.96 33.61 -17.71
C ASP C 101 -9.69 32.69 -18.89
N GLY C 102 -10.52 31.65 -19.01
CA GLY C 102 -10.37 30.68 -20.10
C GLY C 102 -11.22 30.95 -21.33
N GLY C 103 -11.91 32.09 -21.36
CA GLY C 103 -12.74 32.47 -22.51
C GLY C 103 -11.95 32.87 -23.75
N ASN C 104 -12.65 32.99 -24.87
CA ASN C 104 -12.06 33.48 -26.10
C ASN C 104 -12.08 34.99 -26.05
N THR C 105 -11.15 35.53 -25.26
CA THR C 105 -11.17 36.93 -24.89
C THR C 105 -10.29 37.78 -25.81
N HIS C 106 -10.79 38.97 -26.11
CA HIS C 106 -10.00 39.94 -26.84
C HIS C 106 -8.86 40.44 -25.94
N PHE C 107 -7.62 40.30 -26.42
CA PHE C 107 -6.43 40.54 -25.57
C PHE C 107 -6.36 41.91 -24.86
N PRO C 108 -6.88 43.01 -25.48
CA PRO C 108 -6.89 44.26 -24.71
C PRO C 108 -7.70 44.19 -23.41
N ASP C 109 -8.78 43.41 -23.40
CA ASP C 109 -9.57 43.18 -22.17
C ASP C 109 -8.73 42.51 -21.08
N THR C 110 -7.96 41.50 -21.48
CA THR C 110 -7.05 40.82 -20.56
C THR C 110 -5.98 41.77 -20.00
N MET C 111 -5.41 42.60 -20.86
CA MET C 111 -4.41 43.58 -20.43
C MET C 111 -4.99 44.56 -19.40
N ARG C 112 -6.20 45.05 -19.67
CA ARG C 112 -6.90 45.96 -18.74
C ARG C 112 -7.21 45.28 -17.40
N ARG C 113 -7.79 44.08 -17.46
CA ARG C 113 -8.13 43.32 -16.23
C ARG C 113 -6.90 42.96 -15.40
N ASN C 114 -5.84 42.51 -16.07
CA ASN C 114 -4.58 42.18 -15.39
C ASN C 114 -3.99 43.38 -14.63
N ALA C 115 -4.03 44.57 -15.25
CA ALA C 115 -3.52 45.80 -14.66
C ALA C 115 -4.37 46.29 -13.47
N GLU C 116 -5.69 46.28 -13.65
CA GLU C 116 -6.64 46.65 -12.57
C GLU C 116 -6.47 45.69 -11.37
N LEU C 117 -6.46 44.39 -11.62
CA LEU C 117 -6.37 43.41 -10.53
C LEU C 117 -5.01 43.40 -9.82
N ALA C 118 -3.94 43.69 -10.55
CA ALA C 118 -2.59 43.80 -9.97
C ALA C 118 -2.53 44.87 -8.87
N ASP C 119 -3.27 45.96 -9.06
CA ASP C 119 -3.33 47.04 -8.07
C ASP C 119 -3.98 46.61 -6.75
N SER C 120 -4.78 45.54 -6.81
CA SER C 120 -5.37 44.93 -5.61
C SER C 120 -4.59 43.71 -5.12
N GLY C 121 -3.43 43.45 -5.72
CA GLY C 121 -2.64 42.26 -5.40
C GLY C 121 -3.24 40.95 -5.87
N ILE C 122 -4.12 41.01 -6.87
CA ILE C 122 -4.73 39.81 -7.43
C ILE C 122 -4.08 39.46 -8.76
N ASN C 123 -3.63 38.22 -8.88
CA ASN C 123 -3.06 37.74 -10.13
C ASN C 123 -4.16 37.42 -11.15
N PHE C 124 -3.83 37.59 -12.43
CA PHE C 124 -4.77 37.35 -13.53
C PHE C 124 -4.08 36.63 -14.69
N ILE C 125 -4.48 35.40 -14.95
CA ILE C 125 -3.93 34.63 -16.05
C ILE C 125 -4.99 34.53 -17.15
N GLY C 126 -4.83 35.30 -18.22
CA GLY C 126 -5.71 35.18 -19.39
C GLY C 126 -5.22 34.02 -20.25
N THR C 127 -6.05 33.00 -20.42
CA THR C 127 -5.64 31.77 -21.11
C THR C 127 -6.48 31.43 -22.34
N GLY C 128 -5.84 31.32 -23.50
CA GLY C 128 -6.48 30.75 -24.66
C GLY C 128 -6.73 29.26 -24.43
N VAL C 129 -7.92 28.79 -24.79
CA VAL C 129 -8.29 27.38 -24.64
C VAL C 129 -8.86 26.88 -25.97
N SER C 130 -8.14 25.96 -26.61
CA SER C 130 -8.57 25.41 -27.91
C SER C 130 -9.13 23.99 -27.78
N GLY C 131 -9.73 23.50 -28.85
CA GLY C 131 -10.20 22.13 -28.91
C GLY C 131 -11.68 21.96 -28.66
N GLY C 132 -12.39 23.05 -28.43
CA GLY C 132 -13.84 23.00 -28.17
C GLY C 132 -14.21 22.17 -26.96
N GLU C 133 -15.46 21.72 -26.94
CA GLU C 133 -16.02 20.99 -25.80
C GLU C 133 -15.28 19.68 -25.50
N LYS C 134 -14.96 18.95 -26.56
CA LYS C 134 -14.28 17.66 -26.42
C LYS C 134 -12.85 17.87 -25.92
N GLY C 135 -12.17 18.88 -26.46
CA GLY C 135 -10.84 19.25 -25.99
C GLY C 135 -10.83 19.71 -24.53
N ALA C 136 -11.85 20.45 -24.11
CA ALA C 136 -11.95 20.90 -22.71
C ALA C 136 -11.99 19.70 -21.77
N LEU C 137 -12.71 18.65 -22.17
CA LEU C 137 -12.87 17.43 -21.37
C LEU C 137 -11.61 16.55 -21.34
N LEU C 138 -10.99 16.36 -22.50
CA LEU C 138 -9.96 15.33 -22.67
C LEU C 138 -8.56 15.88 -22.81
N GLY C 139 -8.44 17.13 -23.24
CA GLY C 139 -7.12 17.71 -23.43
C GLY C 139 -7.11 18.86 -24.41
N PRO C 140 -7.12 20.10 -23.88
CA PRO C 140 -7.02 21.29 -24.72
C PRO C 140 -5.58 21.71 -25.03
N SER C 141 -5.41 22.46 -26.11
CA SER C 141 -4.22 23.30 -26.28
C SER C 141 -4.50 24.60 -25.54
N MET C 142 -3.55 25.03 -24.70
CA MET C 142 -3.76 26.20 -23.84
C MET C 142 -2.62 27.21 -23.98
N MET C 143 -2.99 28.48 -23.90
CA MET C 143 -2.04 29.58 -24.12
C MET C 143 -2.20 30.63 -23.02
N PRO C 144 -1.60 30.37 -21.84
CA PRO C 144 -1.68 31.26 -20.69
C PRO C 144 -0.68 32.44 -20.69
N GLY C 145 -1.17 33.62 -20.32
CA GLY C 145 -0.32 34.77 -20.05
C GLY C 145 -0.75 35.46 -18.77
N GLY C 146 0.20 36.09 -18.10
CA GLY C 146 -0.04 36.75 -16.83
C GLY C 146 1.23 36.72 -16.01
N GLN C 147 1.09 36.91 -14.70
CA GLN C 147 2.24 36.91 -13.78
C GLN C 147 2.90 35.54 -13.81
N LYS C 148 4.22 35.52 -14.04
CA LYS C 148 4.98 34.28 -14.17
C LYS C 148 4.93 33.45 -12.88
N GLU C 149 5.13 34.10 -11.73
CA GLU C 149 5.14 33.43 -10.45
CA GLU C 149 5.12 33.44 -10.43
C GLU C 149 3.79 32.75 -10.17
N ALA C 150 2.70 33.46 -10.48
CA ALA C 150 1.36 32.90 -10.32
C ALA C 150 1.10 31.76 -11.29
N TYR C 151 1.53 31.93 -12.55
CA TYR C 151 1.39 30.88 -13.55
C TYR C 151 2.09 29.59 -13.12
N ASP C 152 3.28 29.71 -12.50
CA ASP C 152 4.02 28.54 -12.05
C ASP C 152 3.25 27.69 -11.04
N LEU C 153 2.39 28.35 -10.27
CA LEU C 153 1.50 27.68 -9.31
C LEU C 153 0.34 26.98 -9.99
N VAL C 154 -0.05 27.45 -11.18
CA VAL C 154 -1.16 26.88 -11.95
C VAL C 154 -0.64 25.83 -12.95
N ALA C 155 0.61 25.98 -13.37
CA ALA C 155 1.22 25.14 -14.42
C ALA C 155 1.08 23.62 -14.26
N PRO C 156 1.26 23.09 -13.03
CA PRO C 156 1.15 21.62 -12.92
C PRO C 156 -0.23 21.09 -13.30
N ILE C 157 -1.30 21.81 -12.94
CA ILE C 157 -2.66 21.43 -13.31
C ILE C 157 -2.87 21.55 -14.81
N PHE C 158 -2.43 22.67 -15.39
CA PHE C 158 -2.59 22.90 -16.83
C PHE C 158 -1.86 21.85 -17.65
N GLU C 159 -0.64 21.52 -17.23
CA GLU C 159 0.16 20.47 -17.90
C GLU C 159 -0.50 19.09 -17.84
N GLN C 160 -1.19 18.82 -16.73
CA GLN C 160 -1.87 17.54 -16.55
C GLN C 160 -3.11 17.44 -17.42
N ILE C 161 -3.85 18.53 -17.53
CA ILE C 161 -5.12 18.52 -18.27
C ILE C 161 -4.92 18.71 -19.78
N ALA C 162 -3.80 19.33 -20.17
CA ALA C 162 -3.55 19.70 -21.55
C ALA C 162 -3.47 18.47 -22.45
N ALA C 163 -3.78 18.67 -23.73
CA ALA C 163 -3.56 17.66 -24.76
C ALA C 163 -2.07 17.33 -24.76
N LYS C 164 -1.74 16.06 -24.93
CA LYS C 164 -0.34 15.67 -25.05
C LYS C 164 -0.01 15.42 -26.52
N ALA C 165 1.07 16.02 -27.00
CA ALA C 165 1.50 15.78 -28.38
C ALA C 165 1.75 14.28 -28.58
N PRO C 166 1.13 13.67 -29.61
CA PRO C 166 1.35 12.24 -29.82
C PRO C 166 2.80 11.93 -30.17
N GLN C 167 3.53 12.91 -30.71
CA GLN C 167 4.92 12.69 -31.10
C GLN C 167 5.85 12.35 -29.92
N ASP C 168 5.60 12.97 -28.77
CA ASP C 168 6.52 12.88 -27.64
C ASP C 168 5.86 13.01 -26.27
N GLY C 169 4.53 13.09 -26.24
CA GLY C 169 3.79 13.24 -24.98
C GLY C 169 3.87 14.59 -24.26
N LYS C 170 4.61 15.56 -24.81
CA LYS C 170 4.70 16.90 -24.21
C LYS C 170 3.35 17.59 -24.15
N PRO C 171 3.02 18.18 -22.98
CA PRO C 171 1.78 18.95 -22.81
C PRO C 171 1.70 20.13 -23.77
N CYS C 172 0.52 20.30 -24.36
CA CYS C 172 0.26 21.42 -25.25
C CYS C 172 -0.18 22.66 -24.48
N VAL C 173 0.74 23.15 -23.65
CA VAL C 173 0.54 24.35 -22.86
C VAL C 173 1.94 24.83 -22.47
N ALA C 174 2.12 26.14 -22.45
CA ALA C 174 3.35 26.75 -21.98
C ALA C 174 3.07 28.20 -21.66
N TYR C 175 3.89 28.77 -20.79
CA TYR C 175 3.80 30.18 -20.46
C TYR C 175 4.13 31.05 -21.68
N MET C 176 3.22 31.94 -22.05
CA MET C 176 3.41 32.78 -23.23
C MET C 176 4.11 34.10 -22.94
N GLY C 177 3.78 34.72 -21.80
CA GLY C 177 4.32 36.01 -21.45
C GLY C 177 3.38 36.73 -20.50
N ALA C 178 3.68 38.01 -20.27
CA ALA C 178 2.93 38.82 -19.32
C ALA C 178 1.53 39.17 -19.83
N ASN C 179 0.70 39.69 -18.92
CA ASN C 179 -0.63 40.20 -19.20
C ASN C 179 -1.39 39.47 -20.34
N GLY C 180 -1.66 40.14 -21.46
CA GLY C 180 -2.47 39.58 -22.56
C GLY C 180 -1.82 38.64 -23.56
N ALA C 181 -0.57 38.25 -23.33
CA ALA C 181 0.20 37.42 -24.25
C ALA C 181 -0.47 36.12 -24.68
N GLY C 182 -1.13 35.44 -23.74
CA GLY C 182 -1.77 34.15 -24.02
C GLY C 182 -2.99 34.29 -24.91
N HIS C 183 -3.87 35.22 -24.58
CA HIS C 183 -5.02 35.52 -25.43
C HIS C 183 -4.63 36.03 -26.81
N TYR C 184 -3.49 36.69 -26.92
CA TYR C 184 -2.99 37.17 -28.20
C TYR C 184 -2.61 36.00 -29.09
N VAL C 185 -1.87 35.05 -28.52
CA VAL C 185 -1.46 33.85 -29.25
C VAL C 185 -2.69 33.04 -29.67
N LYS C 186 -3.67 32.94 -28.78
CA LYS C 186 -4.94 32.27 -29.10
C LYS C 186 -5.67 32.96 -30.26
N MET C 187 -5.68 34.29 -30.24
CA MET C 187 -6.24 35.06 -31.35
C MET C 187 -5.58 34.66 -32.67
N VAL C 188 -4.25 34.64 -32.69
CA VAL C 188 -3.52 34.34 -33.91
C VAL C 188 -3.77 32.90 -34.40
N HIS C 189 -3.83 31.95 -33.48
CA HIS C 189 -4.28 30.58 -33.80
C HIS C 189 -5.61 30.60 -34.60
N ASN C 190 -6.58 31.34 -34.09
CA ASN C 190 -7.91 31.45 -34.71
C ASN C 190 -7.88 32.14 -36.09
N GLY C 191 -7.01 33.12 -36.25
CA GLY C 191 -6.80 33.76 -37.54
C GLY C 191 -6.24 32.77 -38.54
N ILE C 192 -5.18 32.08 -38.13
CA ILE C 192 -4.53 31.06 -38.96
C ILE C 192 -5.52 29.97 -39.43
N GLU C 193 -6.40 29.53 -38.51
CA GLU C 193 -7.52 28.62 -38.81
C GLU C 193 -8.44 29.08 -39.95
N TYR C 194 -8.83 30.36 -39.93
CA TYR C 194 -9.63 30.96 -41.00
C TYR C 194 -8.90 30.85 -42.32
N GLY C 195 -7.60 31.13 -42.29
CA GLY C 195 -6.72 31.02 -43.45
C GLY C 195 -6.59 29.61 -44.02
N ASP C 196 -6.31 28.63 -43.15
CA ASP C 196 -6.24 27.22 -43.55
C ASP C 196 -7.55 26.74 -44.16
N MET C 197 -8.67 27.14 -43.57
CA MET C 197 -9.98 26.72 -44.06
C MET C 197 -10.30 27.30 -45.43
N GLN C 198 -9.90 28.54 -45.70
CA GLN C 198 -10.12 29.15 -47.01
C GLN C 198 -9.22 28.56 -48.10
N LEU C 199 -7.99 28.20 -47.71
CA LEU C 199 -7.04 27.60 -48.65
C LEU C 199 -7.53 26.21 -49.11
N ILE C 200 -8.05 25.43 -48.17
CA ILE C 200 -8.69 24.14 -48.46
C ILE C 200 -9.94 24.33 -49.35
N ALA C 201 -10.77 25.32 -49.01
CA ALA C 201 -11.97 25.67 -49.78
C ALA C 201 -11.66 25.98 -51.25
N GLU C 202 -10.62 26.77 -51.48
CA GLU C 202 -10.14 27.06 -52.84
C GLU C 202 -9.62 25.83 -53.56
N SER C 203 -8.89 24.96 -52.85
CA SER C 203 -8.39 23.69 -53.41
C SER C 203 -9.55 22.82 -53.86
N TYR C 204 -10.54 22.68 -52.99
CA TYR C 204 -11.79 21.96 -53.27
C TYR C 204 -12.48 22.59 -54.48
N ASP C 205 -12.58 23.93 -54.48
CA ASP C 205 -13.24 24.67 -55.56
C ASP C 205 -12.56 24.47 -56.94
N LEU C 206 -11.23 24.47 -56.97
CA LEU C 206 -10.47 24.22 -58.19
C LEU C 206 -10.67 22.82 -58.74
N LEU C 207 -10.54 21.83 -57.86
CA LEU C 207 -10.72 20.43 -58.19
C LEU C 207 -12.12 20.18 -58.74
N LYS C 208 -13.10 20.88 -58.17
CA LYS C 208 -14.51 20.69 -58.50
C LYS C 208 -14.90 21.40 -59.80
N ARG C 209 -14.48 22.65 -59.95
CA ARG C 209 -14.95 23.46 -61.09
CA ARG C 209 -14.92 23.50 -61.08
C ARG C 209 -14.05 23.38 -62.32
N ILE C 210 -12.73 23.32 -62.15
CA ILE C 210 -11.85 23.22 -63.32
C ILE C 210 -11.64 21.76 -63.74
N LEU C 211 -11.40 20.87 -62.78
CA LEU C 211 -11.16 19.47 -63.11
C LEU C 211 -12.44 18.63 -63.17
N GLY C 212 -13.58 19.20 -62.76
CA GLY C 212 -14.86 18.50 -62.82
C GLY C 212 -14.96 17.24 -61.94
N LEU C 213 -14.23 17.23 -60.82
CA LEU C 213 -14.15 16.03 -60.00
C LEU C 213 -15.31 15.86 -59.02
N SER C 214 -15.66 14.60 -58.75
CA SER C 214 -16.76 14.26 -57.86
C SER C 214 -16.33 14.38 -56.41
N ASN C 215 -17.29 14.31 -55.49
CA ASN C 215 -16.99 14.30 -54.06
C ASN C 215 -16.06 13.14 -53.63
N ALA C 216 -16.33 11.94 -54.15
CA ALA C 216 -15.52 10.75 -53.87
C ALA C 216 -14.09 10.87 -54.41
N GLU C 217 -13.95 11.51 -55.56
CA GLU C 217 -12.64 11.74 -56.17
C GLU C 217 -11.85 12.78 -55.39
N ILE C 218 -12.52 13.85 -54.97
CA ILE C 218 -11.89 14.91 -54.18
C ILE C 218 -11.53 14.39 -52.78
N GLN C 219 -12.40 13.59 -52.19
CA GLN C 219 -12.12 12.89 -50.92
C GLN C 219 -10.79 12.09 -51.00
N ALA C 220 -10.64 11.30 -52.05
CA ALA C 220 -9.43 10.46 -52.24
C ALA C 220 -8.16 11.30 -52.42
N ILE C 221 -8.29 12.39 -53.17
CA ILE C 221 -7.19 13.33 -53.31
C ILE C 221 -6.73 13.91 -51.95
N PHE C 222 -7.67 14.42 -51.15
CA PHE C 222 -7.32 14.92 -49.82
C PHE C 222 -6.66 13.85 -48.95
N GLU C 223 -7.22 12.63 -48.97
CA GLU C 223 -6.63 11.47 -48.27
C GLU C 223 -5.15 11.23 -48.64
N GLU C 224 -4.84 11.23 -49.93
CA GLU C 224 -3.47 10.99 -50.37
CA GLU C 224 -3.47 10.99 -50.38
C GLU C 224 -2.56 12.14 -49.95
N TRP C 225 -3.02 13.36 -50.20
CA TRP C 225 -2.32 14.58 -49.76
C TRP C 225 -1.96 14.53 -48.27
N ASN C 226 -2.88 14.04 -47.44
CA ASN C 226 -2.69 14.00 -45.99
C ASN C 226 -1.67 12.95 -45.52
N GLU C 227 -1.21 12.11 -46.45
CA GLU C 227 -0.16 11.13 -46.20
C GLU C 227 1.23 11.74 -46.38
N GLY C 228 1.30 12.91 -47.00
CA GLY C 228 2.56 13.62 -47.18
C GLY C 228 2.76 14.78 -46.23
N GLU C 229 3.56 15.76 -46.67
CA GLU C 229 3.89 16.95 -45.89
C GLU C 229 2.67 17.77 -45.43
N LEU C 230 1.55 17.64 -46.14
CA LEU C 230 0.33 18.39 -45.80
C LEU C 230 -0.42 17.86 -44.57
N ASP C 231 -0.05 16.65 -44.13
CA ASP C 231 -0.65 15.99 -42.98
C ASP C 231 -1.19 16.99 -41.95
N SER C 232 -2.50 17.13 -41.91
CA SER C 232 -3.16 18.08 -41.01
C SER C 232 -4.54 17.60 -40.65
N TYR C 233 -5.03 18.01 -39.47
CA TYR C 233 -6.34 17.59 -39.01
C TYR C 233 -7.47 18.21 -39.86
N LEU C 234 -7.31 19.47 -40.27
CA LEU C 234 -8.33 20.09 -41.10
C LEU C 234 -8.58 19.35 -42.42
N ILE C 235 -7.52 18.79 -42.99
CA ILE C 235 -7.63 17.99 -44.22
C ILE C 235 -8.35 16.66 -43.94
N GLU C 236 -8.08 16.09 -42.77
CA GLU C 236 -8.76 14.89 -42.29
C GLU C 236 -10.27 15.13 -42.12
N ILE C 237 -10.62 16.23 -41.46
CA ILE C 237 -12.01 16.66 -41.33
C ILE C 237 -12.65 16.81 -42.71
N THR C 238 -11.92 17.42 -43.65
CA THR C 238 -12.38 17.66 -45.02
C THR C 238 -12.75 16.36 -45.76
N LYS C 239 -11.84 15.38 -45.80
CA LYS C 239 -12.17 14.10 -46.44
C LYS C 239 -13.33 13.36 -45.75
N GLU C 240 -13.48 13.54 -44.44
CA GLU C 240 -14.58 12.95 -43.68
C GLU C 240 -15.94 13.56 -44.03
N VAL C 241 -16.00 14.88 -44.17
CA VAL C 241 -17.27 15.52 -44.51
CA VAL C 241 -17.23 15.60 -44.55
C VAL C 241 -17.73 15.13 -45.92
N LEU C 242 -16.79 14.94 -46.85
CA LEU C 242 -17.09 14.59 -48.24
C LEU C 242 -17.69 13.19 -48.39
N LYS C 243 -17.52 12.35 -47.37
CA LYS C 243 -18.09 11.00 -47.33
C LYS C 243 -19.60 10.98 -47.07
N ARG C 244 -20.10 12.02 -46.38
CA ARG C 244 -21.36 11.91 -45.66
C ARG C 244 -22.61 12.20 -46.49
N LYS C 245 -23.58 11.31 -46.36
CA LYS C 245 -24.87 11.42 -47.06
C LYS C 245 -25.72 12.55 -46.45
N ASP C 246 -26.62 13.09 -47.28
CA ASP C 246 -27.61 14.05 -46.82
C ASP C 246 -28.55 13.32 -45.84
N ASP C 247 -28.77 13.91 -44.67
CA ASP C 247 -29.66 13.27 -43.70
C ASP C 247 -31.12 13.67 -43.88
N GLU C 248 -31.42 14.52 -44.86
CA GLU C 248 -32.80 14.93 -45.11
C GLU C 248 -33.16 14.91 -46.60
N GLY C 249 -32.58 13.96 -47.33
CA GLY C 249 -32.76 13.89 -48.76
C GLY C 249 -31.66 13.06 -49.39
N GLU C 250 -31.45 13.29 -50.67
CA GLU C 250 -30.50 12.48 -51.44
CA GLU C 250 -30.52 12.51 -51.49
C GLU C 250 -29.18 13.21 -51.61
N GLY C 251 -28.14 12.45 -51.98
CA GLY C 251 -26.84 13.02 -52.23
C GLY C 251 -26.02 13.20 -50.97
N TYR C 252 -25.19 14.24 -50.99
CA TYR C 252 -24.24 14.53 -49.92
C TYR C 252 -24.67 15.76 -49.16
N ILE C 253 -24.54 15.71 -47.83
CA ILE C 253 -24.82 16.87 -46.98
C ILE C 253 -24.01 18.12 -47.39
N VAL C 254 -22.74 17.95 -47.75
CA VAL C 254 -21.89 19.10 -48.13
C VAL C 254 -22.51 19.93 -49.26
N ASP C 255 -23.25 19.27 -50.16
CA ASP C 255 -23.90 19.93 -51.29
C ASP C 255 -25.23 20.59 -50.93
N LYS C 256 -25.76 20.29 -49.73
CA LYS C 256 -27.03 20.85 -49.25
C LYS C 256 -26.82 21.95 -48.22
N ILE C 257 -25.57 22.17 -47.82
CA ILE C 257 -25.22 23.24 -46.89
C ILE C 257 -25.13 24.58 -47.63
N LEU C 258 -25.88 25.57 -47.17
CA LEU C 258 -25.90 26.87 -47.82
C LEU C 258 -24.52 27.53 -47.68
N ASP C 259 -24.04 28.10 -48.78
CA ASP C 259 -22.70 28.72 -48.84
C ASP C 259 -22.67 30.15 -48.28
N LYS C 260 -23.01 30.27 -46.99
CA LYS C 260 -22.96 31.52 -46.24
C LYS C 260 -22.23 31.23 -44.94
N ALA C 261 -21.00 31.69 -44.84
CA ALA C 261 -20.17 31.42 -43.66
C ALA C 261 -20.66 32.17 -42.42
N GLY C 262 -20.78 31.44 -41.33
CA GLY C 262 -21.25 31.98 -40.05
C GLY C 262 -20.21 32.91 -39.45
N ASN C 263 -20.68 33.85 -38.64
CA ASN C 263 -19.83 34.90 -38.07
C ASN C 263 -20.24 35.23 -36.64
N LYS C 264 -19.46 34.74 -35.68
CA LYS C 264 -19.74 35.00 -34.25
C LYS C 264 -19.01 36.24 -33.70
N GLY C 265 -18.40 37.03 -34.58
CA GLY C 265 -17.86 38.36 -34.26
C GLY C 265 -16.43 38.47 -33.73
N THR C 266 -15.72 37.35 -33.62
CA THR C 266 -14.34 37.38 -33.09
C THR C 266 -13.27 36.99 -34.11
N GLY C 267 -13.70 36.49 -35.27
CA GLY C 267 -12.78 36.08 -36.33
C GLY C 267 -11.96 37.20 -36.96
N LYS C 268 -12.47 38.43 -36.83
CA LYS C 268 -11.80 39.62 -37.36
C LYS C 268 -10.59 40.10 -36.53
N TRP C 269 -10.39 39.54 -35.34
CA TRP C 269 -9.48 40.18 -34.37
C TRP C 269 -8.00 40.19 -34.81
N THR C 270 -7.53 39.08 -35.35
CA THR C 270 -6.15 38.99 -35.86
C THR C 270 -5.87 40.07 -36.90
N SER C 271 -6.76 40.17 -37.88
CA SER C 271 -6.68 41.15 -38.96
C SER C 271 -6.64 42.57 -38.45
N GLU C 272 -7.54 42.88 -37.51
CA GLU C 272 -7.57 44.17 -36.82
C GLU C 272 -6.26 44.51 -36.10
N SER C 273 -5.70 43.55 -35.36
CA SER C 273 -4.38 43.75 -34.75
C SER C 273 -3.27 43.99 -35.79
N ALA C 274 -3.27 43.22 -36.87
CA ALA C 274 -2.37 43.47 -38.01
C ALA C 274 -2.44 44.91 -38.50
N LEU C 275 -3.64 45.42 -38.70
CA LEU C 275 -3.84 46.82 -39.12
C LEU C 275 -3.34 47.85 -38.10
N ASP C 276 -3.58 47.57 -36.83
CA ASP C 276 -3.09 48.41 -35.74
C ASP C 276 -1.57 48.39 -35.64
N LEU C 277 -0.96 47.24 -35.89
CA LEU C 277 0.47 47.07 -35.67
C LEU C 277 1.34 47.43 -36.87
N GLY C 278 0.74 47.60 -38.05
CA GLY C 278 1.51 47.86 -39.27
C GLY C 278 2.12 46.59 -39.84
N VAL C 279 1.44 45.45 -39.60
CA VAL C 279 1.88 44.15 -40.07
C VAL C 279 1.11 43.75 -41.34
N PRO C 280 1.83 43.33 -42.40
CA PRO C 280 1.10 42.82 -43.57
C PRO C 280 0.53 41.41 -43.31
N LEU C 281 -0.79 41.31 -43.30
CA LEU C 281 -1.48 40.04 -43.06
C LEU C 281 -2.54 39.77 -44.13
N PRO C 282 -2.15 39.79 -45.41
CA PRO C 282 -3.13 39.66 -46.49
C PRO C 282 -3.91 38.34 -46.55
N LEU C 283 -3.25 37.21 -46.32
CA LEU C 283 -3.92 35.92 -46.54
C LEU C 283 -5.07 35.63 -45.55
N ILE C 284 -4.78 35.74 -44.26
CA ILE C 284 -5.83 35.57 -43.24
C ILE C 284 -6.96 36.62 -43.47
N THR C 285 -6.58 37.85 -43.80
CA THR C 285 -7.58 38.91 -44.01
C THR C 285 -8.47 38.62 -45.23
N GLU C 286 -7.88 38.13 -46.31
CA GLU C 286 -8.65 37.68 -47.47
C GLU C 286 -9.63 36.55 -47.10
N SER C 287 -9.19 35.64 -46.22
CA SER C 287 -10.04 34.54 -45.75
CA SER C 287 -10.05 34.54 -45.76
C SER C 287 -11.27 35.08 -45.01
N VAL C 288 -11.07 36.08 -44.15
CA VAL C 288 -12.17 36.77 -43.45
C VAL C 288 -13.16 37.40 -44.45
N PHE C 289 -12.63 38.16 -45.40
CA PHE C 289 -13.41 38.80 -46.47
C PHE C 289 -14.11 37.81 -47.40
N ALA C 290 -13.50 36.63 -47.60
CA ALA C 290 -14.15 35.52 -48.33
C ALA C 290 -15.38 35.00 -47.55
N ARG C 291 -15.27 34.89 -46.24
CA ARG C 291 -16.44 34.58 -45.43
C ARG C 291 -17.51 35.65 -45.61
N TYR C 292 -17.12 36.92 -45.56
CA TYR C 292 -18.06 38.03 -45.73
C TYR C 292 -18.77 38.04 -47.08
N ILE C 293 -18.03 37.82 -48.17
CA ILE C 293 -18.69 37.87 -49.49
C ILE C 293 -19.63 36.65 -49.69
N SER C 294 -19.38 35.56 -48.97
CA SER C 294 -20.28 34.41 -49.00
C SER C 294 -21.65 34.77 -48.39
N THR C 295 -21.65 35.64 -47.38
CA THR C 295 -22.91 36.11 -46.76
C THR C 295 -23.76 36.97 -47.71
N TYR C 296 -23.11 37.51 -48.74
CA TYR C 296 -23.80 38.30 -49.78
C TYR C 296 -24.44 37.40 -50.85
N LYS C 297 -24.97 36.26 -50.40
CA LYS C 297 -25.57 35.26 -51.26
C LYS C 297 -26.63 35.80 -52.23
N ASP C 298 -27.59 36.58 -51.73
CA ASP C 298 -28.66 37.13 -52.59
C ASP C 298 -28.11 37.97 -53.75
N GLU C 299 -27.12 38.82 -53.45
CA GLU C 299 -26.44 39.63 -54.46
C GLU C 299 -25.67 38.80 -55.49
N ARG C 300 -24.98 37.78 -55.00
CA ARG C 300 -24.19 36.89 -55.85
C ARG C 300 -25.08 36.12 -56.82
N VAL C 301 -26.22 35.61 -56.35
CA VAL C 301 -27.22 34.99 -57.21
C VAL C 301 -27.63 35.95 -58.35
N LYS C 302 -27.95 37.20 -58.02
CA LYS C 302 -28.31 38.20 -59.04
CA LYS C 302 -28.30 38.23 -59.02
C LYS C 302 -27.14 38.47 -59.97
N ALA C 303 -25.95 38.64 -59.40
CA ALA C 303 -24.73 38.97 -60.16
C ALA C 303 -24.37 37.89 -61.20
N SER C 304 -24.49 36.63 -60.80
CA SER C 304 -24.17 35.48 -61.65
C SER C 304 -24.94 35.49 -62.97
N LYS C 305 -26.08 36.17 -62.99
CA LYS C 305 -26.93 36.20 -64.19
C LYS C 305 -26.64 37.40 -65.10
N VAL C 306 -25.95 38.42 -64.57
CA VAL C 306 -25.71 39.62 -65.36
CA VAL C 306 -25.70 39.67 -65.28
C VAL C 306 -24.24 39.80 -65.74
N LEU C 307 -23.34 39.28 -64.92
CA LEU C 307 -21.91 39.43 -65.16
C LEU C 307 -21.34 38.23 -65.93
N SER C 308 -20.50 38.50 -66.93
CA SER C 308 -19.90 37.44 -67.74
C SER C 308 -18.56 36.97 -67.23
N GLY C 309 -18.15 35.79 -67.69
CA GLY C 309 -16.80 35.29 -67.46
C GLY C 309 -16.51 34.13 -68.39
N PRO C 310 -15.26 33.63 -68.37
CA PRO C 310 -14.86 32.52 -69.24
C PRO C 310 -15.71 31.27 -69.04
N ALA C 311 -15.87 30.49 -70.09
CA ALA C 311 -16.48 29.16 -69.99
C ALA C 311 -15.50 28.17 -70.58
N LEU C 312 -14.35 28.02 -69.93
CA LEU C 312 -13.29 27.14 -70.43
C LEU C 312 -13.58 25.69 -70.13
N ASP C 313 -13.19 24.83 -71.06
CA ASP C 313 -13.08 23.41 -70.76
C ASP C 313 -11.60 23.12 -70.51
N PHE C 314 -11.31 22.60 -69.33
CA PHE C 314 -9.96 22.13 -69.03
C PHE C 314 -9.55 21.08 -70.06
N SER C 315 -8.36 21.26 -70.65
CA SER C 315 -7.85 20.32 -71.65
C SER C 315 -6.42 19.82 -71.35
N GLY C 316 -6.08 19.76 -70.06
CA GLY C 316 -4.73 19.36 -69.66
C GLY C 316 -4.68 18.02 -68.97
N ASP C 317 -3.53 17.76 -68.34
CA ASP C 317 -3.28 16.52 -67.62
C ASP C 317 -3.78 16.70 -66.19
N LYS C 318 -4.81 15.94 -65.82
CA LYS C 318 -5.44 16.02 -64.50
C LYS C 318 -4.48 15.74 -63.34
N LYS C 319 -3.80 14.59 -63.40
CA LYS C 319 -2.83 14.16 -62.40
C LYS C 319 -1.80 15.25 -62.11
N GLU C 320 -1.19 15.77 -63.17
CA GLU C 320 -0.23 16.89 -63.11
C GLU C 320 -0.79 18.15 -62.45
N VAL C 321 -2.02 18.52 -62.82
CA VAL C 321 -2.65 19.71 -62.29
C VAL C 321 -3.04 19.54 -60.81
N ILE C 322 -3.51 18.35 -60.44
CA ILE C 322 -3.80 18.02 -59.03
C ILE C 322 -2.53 18.18 -58.18
N GLU C 323 -1.40 17.70 -58.69
CA GLU C 323 -0.12 17.85 -57.98
C GLU C 323 0.31 19.32 -57.88
N LYS C 324 0.06 20.12 -58.91
CA LYS C 324 0.36 21.56 -58.86
C LYS C 324 -0.50 22.31 -57.84
N ILE C 325 -1.78 21.97 -57.80
CA ILE C 325 -2.66 22.45 -56.74
C ILE C 325 -2.18 22.02 -55.34
N ARG C 326 -1.67 20.79 -55.21
CA ARG C 326 -1.09 20.32 -53.93
C ARG C 326 0.07 21.21 -53.49
N LYS C 327 1.03 21.42 -54.39
CA LYS C 327 2.15 22.32 -54.13
C LYS C 327 1.71 23.73 -53.76
N ALA C 328 0.71 24.26 -54.47
CA ALA C 328 0.20 25.61 -54.24
C ALA C 328 -0.43 25.73 -52.86
N LEU C 329 -1.17 24.69 -52.46
CA LEU C 329 -1.79 24.66 -51.14
C LEU C 329 -0.73 24.71 -50.04
N TYR C 330 0.31 23.88 -50.17
CA TYR C 330 1.39 23.85 -49.17
C TYR C 330 2.19 25.15 -49.14
N PHE C 331 2.54 25.65 -50.33
CA PHE C 331 3.21 26.94 -50.48
C PHE C 331 2.40 28.08 -49.84
N SER C 332 1.11 28.12 -50.14
CA SER C 332 0.23 29.21 -49.66
C SER C 332 0.07 29.18 -48.15
N LYS C 333 -0.02 27.97 -47.59
CA LYS C 333 -0.11 27.77 -46.17
C LYS C 333 1.14 28.30 -45.49
N ILE C 334 2.29 28.04 -46.11
CA ILE C 334 3.57 28.60 -45.64
C ILE C 334 3.56 30.15 -45.63
N MET C 335 2.97 30.74 -46.65
CA MET C 335 2.83 32.20 -46.70
C MET C 335 1.99 32.70 -45.52
N SER C 336 0.86 32.03 -45.28
CA SER C 336 -0.03 32.40 -44.19
C SER C 336 0.63 32.30 -42.82
N TYR C 337 1.34 31.19 -42.56
CA TYR C 337 2.06 30.99 -41.29
C TYR C 337 3.25 31.94 -41.12
N ALA C 338 3.98 32.22 -42.21
CA ALA C 338 5.03 33.24 -42.20
C ALA C 338 4.48 34.61 -41.80
N GLN C 339 3.33 34.97 -42.37
CA GLN C 339 2.61 36.19 -41.96
C GLN C 339 2.17 36.20 -40.49
N GLY C 340 1.56 35.09 -40.06
CA GLY C 340 1.09 34.94 -38.69
C GLY C 340 2.20 35.06 -37.65
N PHE C 341 3.31 34.37 -37.89
CA PHE C 341 4.46 34.43 -36.97
C PHE C 341 5.19 35.77 -37.00
N ALA C 342 5.24 36.42 -38.15
CA ALA C 342 5.70 37.79 -38.26
C ALA C 342 4.85 38.74 -37.44
N GLN C 343 3.53 38.50 -37.39
CA GLN C 343 2.63 39.32 -36.56
C GLN C 343 2.91 39.10 -35.07
N LEU C 344 3.08 37.84 -34.67
CA LEU C 344 3.45 37.51 -33.29
C LEU C 344 4.75 38.20 -32.89
N ARG C 345 5.74 38.25 -33.78
CA ARG C 345 7.02 38.91 -33.49
CA ARG C 345 7.02 38.91 -33.51
C ARG C 345 6.82 40.41 -33.29
N LYS C 346 6.01 41.03 -34.14
CA LYS C 346 5.70 42.44 -34.00
C LYS C 346 4.92 42.71 -32.71
N ALA C 347 3.95 41.87 -32.41
CA ALA C 347 3.17 42.01 -31.18
C ALA C 347 4.05 41.85 -29.94
N SER C 348 4.94 40.86 -29.97
CA SER C 348 5.90 40.63 -28.89
C SER C 348 6.74 41.87 -28.60
N GLU C 349 7.28 42.50 -29.64
CA GLU C 349 8.09 43.70 -29.52
C GLU C 349 7.27 44.85 -28.93
N GLU C 350 6.07 45.02 -29.49
CA GLU C 350 5.19 46.12 -29.13
C GLU C 350 4.79 46.06 -27.66
N PHE C 351 4.47 44.87 -27.17
CA PHE C 351 3.98 44.74 -25.81
C PHE C 351 5.01 44.13 -24.86
N ASP C 352 6.26 44.00 -25.33
CA ASP C 352 7.36 43.43 -24.55
CA ASP C 352 7.35 43.45 -24.52
C ASP C 352 7.03 42.06 -23.95
N TRP C 353 6.63 41.11 -24.79
CA TRP C 353 6.24 39.77 -24.30
C TRP C 353 7.28 38.66 -24.39
N ASP C 354 8.25 38.83 -25.27
CA ASP C 354 9.24 37.78 -25.54
C ASP C 354 8.55 36.44 -25.83
N LEU C 355 7.65 36.44 -26.81
CA LEU C 355 6.90 35.24 -27.14
C LEU C 355 7.81 34.10 -27.57
N PRO C 356 7.55 32.88 -27.05
CA PRO C 356 8.33 31.70 -27.41
C PRO C 356 7.79 31.06 -28.69
N TYR C 357 8.21 31.60 -29.83
CA TYR C 357 7.68 31.23 -31.14
C TYR C 357 7.74 29.73 -31.45
N GLY C 358 8.91 29.13 -31.22
CA GLY C 358 9.12 27.69 -31.45
C GLY C 358 8.21 26.85 -30.59
N THR C 359 8.05 27.25 -29.33
CA THR C 359 7.15 26.58 -28.38
C THR C 359 5.65 26.74 -28.73
N ILE C 360 5.27 27.92 -29.23
CA ILE C 360 3.92 28.14 -29.73
C ILE C 360 3.53 27.07 -30.77
N ALA C 361 4.41 26.84 -31.75
CA ALA C 361 4.19 25.78 -32.75
C ALA C 361 4.10 24.39 -32.11
N GLN C 362 4.94 24.13 -31.10
CA GLN C 362 4.90 22.87 -30.35
C GLN C 362 3.58 22.61 -29.62
N ILE C 363 3.01 23.66 -29.02
CA ILE C 363 1.77 23.49 -28.25
C ILE C 363 0.50 23.47 -29.11
N TRP C 364 0.68 23.67 -30.43
CA TRP C 364 -0.41 23.58 -31.41
C TRP C 364 -0.47 22.18 -32.07
N ARG C 365 0.38 21.26 -31.62
CA ARG C 365 0.49 19.93 -32.21
C ARG C 365 -0.65 18.98 -31.87
N ALA C 366 -1.44 19.35 -30.86
CA ALA C 366 -2.60 18.57 -30.44
C ALA C 366 -3.55 19.50 -29.71
N GLY C 367 -4.81 19.09 -29.57
CA GLY C 367 -5.80 19.81 -28.78
C GLY C 367 -6.26 21.10 -29.44
N CYS C 368 -6.08 21.19 -30.75
CA CYS C 368 -6.60 22.32 -31.51
C CYS C 368 -6.81 21.92 -32.97
N ILE C 369 -7.58 22.73 -33.67
CA ILE C 369 -8.02 22.49 -35.02
C ILE C 369 -6.87 22.54 -36.07
N ILE C 370 -5.87 23.39 -35.84
CA ILE C 370 -4.81 23.60 -36.82
C ILE C 370 -3.63 22.64 -36.67
N ARG C 371 -3.73 21.70 -35.74
CA ARG C 371 -2.67 20.67 -35.59
C ARG C 371 -2.29 20.04 -36.93
N ALA C 372 -0.98 19.91 -37.13
CA ALA C 372 -0.43 19.47 -38.42
C ALA C 372 1.04 19.15 -38.22
N GLU C 373 1.54 18.20 -39.01
CA GLU C 373 2.92 17.71 -38.94
CA GLU C 373 2.91 17.73 -38.88
C GLU C 373 3.96 18.82 -39.17
N PHE C 374 3.65 19.73 -40.11
CA PHE C 374 4.61 20.79 -40.54
C PHE C 374 4.92 21.85 -39.45
N LEU C 375 4.09 21.87 -38.41
CA LEU C 375 4.39 22.64 -37.19
C LEU C 375 5.81 22.40 -36.65
N GLN C 376 6.30 21.17 -36.80
CA GLN C 376 7.67 20.83 -36.39
C GLN C 376 8.70 21.62 -37.18
N ASN C 377 8.47 21.79 -38.48
CA ASN C 377 9.33 22.65 -39.32
C ASN C 377 9.41 24.10 -38.84
N ILE C 378 8.33 24.61 -38.27
CA ILE C 378 8.31 25.94 -37.69
C ILE C 378 9.18 25.97 -36.42
N THR C 379 8.96 25.01 -35.51
CA THR C 379 9.83 24.85 -34.34
C THR C 379 11.31 24.71 -34.71
N ASP C 380 11.62 23.87 -35.71
CA ASP C 380 13.00 23.75 -36.19
C ASP C 380 13.60 25.10 -36.56
N ALA C 381 12.85 25.92 -37.27
CA ALA C 381 13.33 27.23 -37.71
C ALA C 381 13.74 28.13 -36.52
N PHE C 382 12.87 28.20 -35.51
CA PHE C 382 13.12 29.01 -34.33
C PHE C 382 14.15 28.41 -33.38
N ASP C 383 14.25 27.07 -33.37
CA ASP C 383 15.33 26.37 -32.66
C ASP C 383 16.70 26.81 -33.20
N LYS C 384 16.83 26.85 -34.53
CA LYS C 384 18.07 27.25 -35.19
C LYS C 384 18.41 28.72 -34.93
N ASP C 385 17.39 29.57 -34.84
CA ASP C 385 17.56 31.00 -34.61
C ASP C 385 16.28 31.59 -34.01
N SER C 386 16.32 31.91 -32.71
CA SER C 386 15.13 32.40 -32.00
C SER C 386 14.73 33.81 -32.44
N GLU C 387 15.68 34.54 -33.03
CA GLU C 387 15.44 35.89 -33.56
C GLU C 387 15.08 35.92 -35.04
N LEU C 388 14.73 34.76 -35.59
CA LEU C 388 14.34 34.65 -36.99
C LEU C 388 13.21 35.64 -37.30
N GLU C 389 13.47 36.52 -38.25
CA GLU C 389 12.52 37.59 -38.59
C GLU C 389 11.26 37.06 -39.27
N ASN C 390 11.45 36.13 -40.18
CA ASN C 390 10.36 35.58 -40.97
C ASN C 390 10.72 34.14 -41.38
N LEU C 391 9.72 33.26 -41.33
CA LEU C 391 9.89 31.84 -41.67
C LEU C 391 10.49 31.60 -43.07
N LEU C 392 10.17 32.48 -44.00
CA LEU C 392 10.61 32.38 -45.39
CA LEU C 392 10.62 32.37 -45.39
C LEU C 392 12.15 32.42 -45.53
N LEU C 393 12.82 32.92 -44.50
CA LEU C 393 14.28 33.02 -44.48
C LEU C 393 14.96 31.79 -43.88
N ASP C 394 14.18 30.82 -43.43
CA ASP C 394 14.76 29.57 -42.93
C ASP C 394 14.97 28.59 -44.09
N ASP C 395 16.07 27.84 -44.03
CA ASP C 395 16.48 26.91 -45.09
C ASP C 395 15.38 25.96 -45.59
N TYR C 396 14.61 25.37 -44.68
CA TYR C 396 13.54 24.45 -45.06
C TYR C 396 12.50 25.15 -45.95
N PHE C 397 12.07 26.34 -45.54
CA PHE C 397 11.05 27.08 -46.27
C PHE C 397 11.59 27.73 -47.56
N VAL C 398 12.85 28.17 -47.53
CA VAL C 398 13.55 28.64 -48.73
C VAL C 398 13.49 27.56 -49.82
N ASP C 399 13.84 26.34 -49.43
CA ASP C 399 13.81 25.21 -50.35
C ASP C 399 12.42 24.92 -50.94
N ILE C 400 11.39 24.81 -50.09
CA ILE C 400 10.01 24.57 -50.53
C ILE C 400 9.52 25.63 -51.52
N THR C 401 9.67 26.91 -51.16
CA THR C 401 9.23 27.99 -52.02
C THR C 401 9.97 28.00 -53.37
N LYS C 402 11.26 27.65 -53.34
CA LYS C 402 12.04 27.60 -54.58
CA LYS C 402 12.07 27.56 -54.56
C LYS C 402 11.48 26.55 -55.54
N ARG C 403 11.18 25.35 -55.04
CA ARG C 403 10.73 24.24 -55.88
C ARG C 403 9.24 24.26 -56.20
N TYR C 404 8.46 24.95 -55.38
CA TYR C 404 7.00 24.94 -55.52
C TYR C 404 6.40 26.17 -56.21
N GLN C 405 7.16 27.23 -56.37
CA GLN C 405 6.59 28.50 -56.88
C GLN C 405 6.16 28.46 -58.35
N GLU C 406 6.82 27.65 -59.17
CA GLU C 406 6.44 27.49 -60.59
CA GLU C 406 6.43 27.50 -60.58
C GLU C 406 5.01 26.94 -60.67
N ALA C 407 4.74 25.90 -59.87
CA ALA C 407 3.41 25.29 -59.76
C ALA C 407 2.36 26.28 -59.32
N VAL C 408 2.70 27.12 -58.34
CA VAL C 408 1.79 28.12 -57.81
C VAL C 408 1.42 29.11 -58.92
N ARG C 409 2.44 29.61 -59.62
CA ARG C 409 2.23 30.53 -60.76
C ARG C 409 1.32 29.91 -61.82
N ASP C 410 1.55 28.64 -62.14
CA ASP C 410 0.72 27.91 -63.10
C ASP C 410 -0.72 27.76 -62.64
N VAL C 411 -0.98 27.42 -61.36
CA VAL C 411 -2.38 27.28 -60.94
C VAL C 411 -3.09 28.65 -60.84
N VAL C 412 -2.35 29.69 -60.49
CA VAL C 412 -2.90 31.04 -60.49
C VAL C 412 -3.34 31.44 -61.90
N SER C 413 -2.46 31.25 -62.90
CA SER C 413 -2.80 31.44 -64.33
C SER C 413 -4.02 30.63 -64.77
N LEU C 414 -3.97 29.33 -64.52
CA LEU C 414 -5.08 28.43 -64.82
C LEU C 414 -6.40 28.89 -64.20
N ALA C 415 -6.39 29.19 -62.89
CA ALA C 415 -7.60 29.60 -62.18
C ALA C 415 -8.15 30.94 -62.67
N VAL C 416 -7.27 31.90 -62.90
CA VAL C 416 -7.69 33.23 -63.36
C VAL C 416 -8.23 33.20 -64.79
N GLN C 417 -7.55 32.48 -65.69
CA GLN C 417 -8.04 32.30 -67.07
C GLN C 417 -9.39 31.56 -67.12
N ALA C 418 -9.62 30.64 -66.17
CA ALA C 418 -10.89 29.91 -66.10
C ALA C 418 -12.04 30.65 -65.40
N GLY C 419 -11.71 31.67 -64.61
CA GLY C 419 -12.73 32.41 -63.85
C GLY C 419 -13.09 31.85 -62.48
N THR C 420 -12.25 30.96 -61.95
CA THR C 420 -12.44 30.46 -60.59
C THR C 420 -11.74 31.39 -59.59
N PRO C 421 -12.51 31.88 -58.59
CA PRO C 421 -11.98 32.76 -57.56
C PRO C 421 -10.99 32.08 -56.62
N ILE C 422 -9.79 32.64 -56.54
CA ILE C 422 -8.74 32.15 -55.64
C ILE C 422 -8.08 33.33 -54.92
N PRO C 423 -8.86 34.04 -54.07
CA PRO C 423 -8.32 35.21 -53.38
C PRO C 423 -7.09 34.91 -52.51
N THR C 424 -7.06 33.79 -51.80
CA THR C 424 -5.90 33.52 -50.93
C THR C 424 -4.69 32.95 -51.68
N PHE C 425 -4.92 32.06 -52.65
CA PHE C 425 -3.84 31.58 -53.53
C PHE C 425 -3.16 32.76 -54.26
N THR C 426 -3.95 33.65 -54.86
CA THR C 426 -3.37 34.84 -55.52
C THR C 426 -2.67 35.77 -54.53
N SER C 427 -3.24 35.93 -53.34
CA SER C 427 -2.61 36.73 -52.29
CA SER C 427 -2.60 36.73 -52.29
C SER C 427 -1.28 36.10 -51.84
N ALA C 428 -1.20 34.78 -51.87
CA ALA C 428 0.01 34.08 -51.44
C ALA C 428 1.21 34.37 -52.35
N ILE C 429 1.01 34.27 -53.67
CA ILE C 429 2.09 34.58 -54.63
C ILE C 429 2.46 36.08 -54.65
N SER C 430 1.46 36.95 -54.51
CA SER C 430 1.67 38.39 -54.36
C SER C 430 2.56 38.70 -53.15
N TYR C 431 2.27 38.07 -52.02
CA TYR C 431 3.06 38.26 -50.81
C TYR C 431 4.50 37.77 -51.03
N TYR C 432 4.64 36.57 -51.57
CA TYR C 432 5.96 36.01 -51.86
C TYR C 432 6.77 36.95 -52.77
N ASP C 433 6.15 37.42 -53.85
CA ASP C 433 6.80 38.31 -54.82
C ASP C 433 7.07 39.72 -54.28
N SER C 434 6.24 40.19 -53.35
CA SER C 434 6.45 41.47 -52.66
C SER C 434 7.58 41.36 -51.63
N TYR C 435 7.48 40.35 -50.77
CA TYR C 435 8.49 40.12 -49.74
C TYR C 435 9.93 40.01 -50.27
N ARG C 436 10.11 39.38 -51.43
CA ARG C 436 11.44 39.19 -52.02
C ARG C 436 11.87 40.34 -52.94
N SER C 437 11.02 41.35 -53.12
CA SER C 437 11.39 42.53 -53.92
C SER C 437 12.26 43.47 -53.08
N GLU C 438 13.52 43.61 -53.48
CA GLU C 438 14.38 44.62 -52.88
C GLU C 438 13.75 46.02 -52.98
N ASN C 439 13.20 46.33 -54.15
CA ASN C 439 12.52 47.60 -54.40
C ASN C 439 11.05 47.41 -54.77
N LEU C 440 10.17 48.12 -54.05
CA LEU C 440 8.74 48.13 -54.35
C LEU C 440 8.36 49.52 -54.89
N PRO C 441 7.19 49.65 -55.55
CA PRO C 441 6.82 50.97 -56.08
C PRO C 441 6.25 51.95 -55.03
N ALA C 442 6.54 51.71 -53.75
CA ALA C 442 6.20 52.63 -52.66
C ALA C 442 6.95 53.96 -52.74
N ASN C 443 8.00 54.02 -53.56
CA ASN C 443 8.67 55.28 -53.89
C ASN C 443 7.77 56.25 -54.65
N LEU C 444 6.98 55.72 -55.58
CA LEU C 444 6.01 56.54 -56.30
C LEU C 444 4.92 57.08 -55.37
N ILE C 445 4.42 56.21 -54.50
CA ILE C 445 3.42 56.56 -53.47
C ILE C 445 3.93 57.68 -52.54
N GLN C 446 5.17 57.52 -52.07
CA GLN C 446 5.83 58.55 -51.25
C GLN C 446 5.96 59.89 -52.00
N ALA C 447 6.28 59.81 -53.29
CA ALA C 447 6.36 61.01 -54.14
C ALA C 447 5.01 61.69 -54.24
N GLN C 448 3.96 60.92 -54.52
CA GLN C 448 2.60 61.43 -54.58
C GLN C 448 2.19 62.11 -53.26
N ARG C 449 2.44 61.45 -52.14
CA ARG C 449 2.12 61.98 -50.82
C ARG C 449 2.82 63.32 -50.53
N ASP C 450 4.07 63.43 -50.99
CA ASP C 450 4.86 64.62 -50.78
C ASP C 450 4.39 65.74 -51.71
N TYR C 451 4.03 65.35 -52.92
CA TYR C 451 3.53 66.28 -53.92
C TYR C 451 2.24 66.95 -53.42
N PHE C 452 1.25 66.14 -53.02
CA PHE C 452 -0.05 66.68 -52.64
CA PHE C 452 -0.07 66.64 -52.64
C PHE C 452 -0.14 67.13 -51.19
N GLY C 453 0.61 66.50 -50.29
CA GLY C 453 0.48 66.84 -48.88
C GLY C 453 1.74 67.16 -48.11
N ALA C 454 2.86 67.34 -48.81
CA ALA C 454 4.14 67.66 -48.16
C ALA C 454 4.51 66.67 -47.03
N HIS C 455 4.23 65.39 -47.23
CA HIS C 455 4.37 64.42 -46.14
C HIS C 455 5.81 64.00 -45.85
N THR C 456 6.74 64.41 -46.71
CA THR C 456 8.17 64.09 -46.57
C THR C 456 8.49 62.62 -46.93
N TYR C 457 9.77 62.37 -47.17
CA TYR C 457 10.24 61.06 -47.54
C TYR C 457 11.67 60.87 -47.02
N GLU C 458 12.13 59.63 -47.08
CA GLU C 458 13.53 59.33 -46.91
C GLU C 458 14.16 59.14 -48.28
N ARG C 459 15.49 59.16 -48.32
CA ARG C 459 16.23 59.01 -49.58
C ARG C 459 17.00 57.69 -49.59
N THR C 460 17.27 57.16 -50.78
CA THR C 460 18.01 55.91 -50.97
C THR C 460 19.51 56.04 -50.70
N ASP C 461 20.02 57.27 -50.83
CA ASP C 461 21.46 57.54 -50.85
C ASP C 461 22.03 58.21 -49.59
N LYS C 462 21.15 58.71 -48.73
CA LYS C 462 21.60 59.39 -47.51
C LYS C 462 20.53 59.38 -46.43
N ALA C 463 20.96 59.48 -45.18
CA ALA C 463 20.06 59.58 -44.02
C ALA C 463 19.34 60.94 -43.99
N GLY C 464 18.25 61.01 -43.23
CA GLY C 464 17.50 62.25 -43.06
C GLY C 464 16.09 62.23 -43.63
N ILE C 465 15.31 63.24 -43.23
CA ILE C 465 13.96 63.45 -43.73
C ILE C 465 14.01 64.58 -44.74
N PHE C 466 13.37 64.40 -45.89
CA PHE C 466 13.45 65.35 -46.98
C PHE C 466 12.08 65.74 -47.49
N HIS C 467 11.99 66.94 -48.06
CA HIS C 467 10.78 67.39 -48.73
C HIS C 467 11.17 68.07 -50.04
N TYR C 468 10.41 67.79 -51.10
CA TYR C 468 10.74 68.30 -52.43
C TYR C 468 9.85 69.50 -52.75
N ASP C 469 10.43 70.47 -53.45
CA ASP C 469 9.69 71.63 -53.89
C ASP C 469 9.12 71.37 -55.28
N TRP C 470 7.89 70.84 -55.31
CA TRP C 470 7.25 70.38 -56.53
C TRP C 470 6.60 71.50 -57.35
N TYR C 471 6.63 72.72 -56.82
CA TYR C 471 5.93 73.87 -57.41
C TYR C 471 6.84 75.08 -57.62
N THR C 472 6.38 76.22 -57.76
PB ATR D . 3.15 -12.23 -10.13
PB ATR D . 4.71 -12.81 -6.78
O1B ATR D . 1.81 -11.81 -10.70
O1B ATR D . 5.85 -13.70 -7.20
O2B ATR D . 4.33 -11.84 -10.98
O2B ATR D . 3.70 -12.54 -7.87
O3B ATR D . 3.19 -13.65 -9.61
O3B ATR D . 4.09 -13.15 -5.45
PA ATR D . 4.60 -10.81 -8.02
PA ATR D . 4.91 -9.86 -6.53
O1A ATR D . 5.68 -11.86 -8.20
O1A ATR D . 4.86 -9.39 -5.09
O2A ATR D . 4.18 -10.36 -6.64
O2A ATR D . 3.66 -9.75 -7.37
O3A ATR D . 3.29 -11.33 -8.79
O3A ATR D . 5.45 -11.38 -6.54
O5' ATR D . 4.98 -9.49 -8.88
O5' ATR D . 6.12 -9.06 -7.26
C5' ATR D . 6.16 -8.70 -8.64
C5' ATR D . 6.15 -8.69 -8.63
C4' ATR D . 7.33 -9.42 -9.29
C4' ATR D . 7.32 -9.41 -9.29
O4' ATR D . 8.61 -8.84 -9.02
C3' ATR D . 7.28 -9.48 -10.80
O3' ATR D . 7.06 -8.19 -11.38
C2' ATR D . 8.68 -9.95 -11.11
O2' ATR D . 9.09 -9.72 -12.44
P2' ATR D . 8.86 -10.91 -13.50
O1P ATR D . 10.11 -10.85 -14.32
O2P ATR D . 8.69 -12.14 -12.64
O3P ATR D . 7.60 -10.57 -14.26
C1' ATR D . 9.55 -9.31 -10.01
N9 ATR D . 10.41 -10.37 -9.43
C8 ATR D . 9.96 -11.50 -8.87
N7 ATR D . 10.99 -12.26 -8.46
C5 ATR D . 12.13 -11.59 -8.76
C6 ATR D . 13.48 -11.87 -8.56
N6 ATR D . 13.85 -13.03 -7.96
N1 ATR D . 14.41 -10.98 -8.98
C2 ATR D . 14.05 -9.84 -9.58
N3 ATR D . 12.75 -9.55 -9.77
C4 ATR D . 11.77 -10.40 -9.37
O7 RES E . -0.48 -12.20 2.96
P RES E . -1.55 -11.88 1.94
O5 RES E . -1.17 -12.15 0.49
O6 RES E . -2.90 -12.45 2.27
O4 RES E . -1.72 -10.29 2.11
C4 RES E . -2.24 -9.46 1.08
C3 RES E . -1.06 -8.90 0.28
O3 RES E . -0.47 -9.94 -0.49
C2 RES E . -1.51 -7.81 -0.68
O2 RES E . -2.57 -8.34 -1.50
C1 RES E . -1.92 -6.60 0.11
O1 RES E . -1.11 -6.04 0.85
N RES E . -3.17 -6.18 -0.01
ON RES E . -3.71 -5.28 0.90
O22 P33 F . -18.86 4.44 5.45
C21 P33 F . -19.12 5.21 6.64
C20 P33 F . -19.12 6.72 6.41
O19 P33 F . -20.38 7.18 5.93
C18 P33 F . -20.56 6.83 4.55
C17 P33 F . -21.13 8.02 3.79
O16 P33 F . -20.36 8.33 2.64
C15 P33 F . -19.53 9.48 2.82
C14 P33 F . -20.26 10.71 2.32
O13 P33 F . -21.52 10.77 2.99
C12 P33 F . -22.58 11.30 2.20
C11 P33 F . -22.81 10.52 0.91
O10 P33 F . -24.21 10.31 0.69
C9 P33 F . -24.82 11.32 -0.14
C8 P33 F . -24.70 12.77 0.36
O7 P33 F . -23.82 13.65 -0.40
C6 P33 F . -23.66 13.37 -1.80
C5 P33 F . -24.98 12.95 -2.46
O4 P33 F . -24.83 12.21 -3.65
C3 P33 F . -24.20 10.97 -3.39
C2 P33 F . -25.00 9.73 -3.81
O1 P33 F . -24.10 8.61 -3.70
C1 PEG G . -24.85 4.62 -0.16
O1 PEG G . -25.02 4.13 -1.47
C2 PEG G . -25.80 5.78 0.05
O2 PEG G . -26.03 5.97 1.45
C3 PEG G . -25.83 7.31 1.86
C4 PEG G . -25.92 7.41 3.39
O4 PEG G . -24.78 8.11 3.88
PB ATR H . 22.74 -14.27 36.62
PB ATR H . 24.01 -12.68 37.73
O1B ATR H . 23.40 -14.62 37.94
O1B ATR H . 25.05 -13.74 38.01
O2B ATR H . 21.61 -15.21 36.24
O2B ATR H . 22.61 -13.19 37.46
O3B ATR H . 22.42 -12.81 36.40
O3B ATR H . 24.08 -11.51 38.69
PA ATR H . 23.89 -14.52 33.91
PA ATR H . 24.88 -12.70 34.91
O1A ATR H . 23.94 -13.07 33.50
O1A ATR H . 26.02 -11.87 34.35
O2A ATR H . 22.78 -15.39 33.37
O2A ATR H . 23.64 -12.88 34.07
O3A ATR H . 23.89 -14.59 35.53
O3A ATR H . 24.45 -12.05 36.31
O5' ATR H . 25.29 -15.23 33.54
O5' ATR H . 25.43 -14.17 35.35
C5' ATR H . 26.36 -15.42 34.48
C5' ATR H . 26.19 -15.04 34.52
C4' ATR H . 27.46 -14.41 34.18
C4' ATR H . 27.48 -14.31 34.15
O4' ATR H . 28.14 -14.72 32.96
C3' ATR H . 28.57 -14.27 35.20
O3' ATR H . 29.15 -15.56 35.47
C2' ATR H . 29.56 -13.47 34.40
O2' ATR H . 30.87 -13.40 34.95
P2' ATR H . 31.14 -12.31 36.12
O1P ATR H . 30.17 -11.18 35.88
O2P ATR H . 30.86 -13.11 37.38
O3P ATR H . 32.58 -11.96 35.93
C1' ATR H . 29.44 -14.07 33.00
N9 ATR H . 29.45 -12.94 32.05
C8 ATR H . 28.51 -11.99 31.99
N7 ATR H . 28.85 -11.10 31.03
C5 ATR H . 30.02 -11.53 30.51
C6 ATR H . 30.83 -11.02 29.50
N6 ATR H . 30.46 -9.88 28.85
N1 ATR H . 31.96 -11.68 29.19
C2 ATR H . 32.32 -12.80 29.84
N3 ATR H . 31.55 -13.31 30.82
C4 ATR H . 30.39 -12.69 31.16
CL CL I . 12.60 -26.15 34.34
CL CL J . 26.60 -30.75 14.51
PB ATR K . -24.11 28.81 -23.38
PB ATR K . -22.89 30.11 -24.87
O1B ATR K . -24.73 27.74 -22.51
O1B ATR K . -22.68 28.70 -25.37
O2B ATR K . -22.60 28.72 -23.48
O2B ATR K . -22.43 31.19 -25.83
O3B ATR K . -24.83 29.03 -24.69
O3B ATR K . -24.27 30.38 -24.31
PA ATR K . -23.65 31.61 -22.47
PA ATR K . -21.09 31.52 -23.03
O1A ATR K . -24.44 32.45 -21.50
O1A ATR K . -22.04 32.67 -23.25
O2A ATR K . -23.42 32.14 -23.87
O2A ATR K . -19.72 31.56 -23.66
O3A ATR K . -24.39 30.17 -22.55
O3A ATR K . -21.88 30.22 -23.60
O5' ATR K . -22.17 31.25 -21.89
O5' ATR K . -20.85 31.31 -21.43
C5' ATR K . -21.87 30.58 -20.66
C5' ATR K . -21.62 30.48 -20.54
C4' ATR K . -22.49 31.39 -19.55
C4' ATR K . -22.43 31.34 -19.57
O4' ATR K . -21.64 32.30 -18.86
C3' ATR K . -23.17 30.62 -18.44
O3' ATR K . -22.28 29.89 -17.60
C2' ATR K . -23.64 31.81 -17.66
O2' ATR K . -24.27 31.50 -16.42
P2' ATR K . -25.86 31.25 -16.46
O1P ATR K . -26.38 32.01 -17.66
O2P ATR K . -25.97 29.74 -16.60
O3P ATR K . -26.38 31.80 -15.16
C1' ATR K . -22.39 32.71 -17.68
N9 ATR K . -22.86 34.11 -17.77
C8 ATR K . -23.48 34.67 -18.83
N7 ATR K . -23.78 35.95 -18.52
C5 ATR K . -23.36 36.19 -17.27
C6 ATR K . -23.40 37.33 -16.44
N6 ATR K . -23.95 38.49 -16.89
N1 ATR K . -22.87 37.26 -15.20
C2 ATR K . -22.33 36.10 -14.76
N3 ATR K . -22.27 35.00 -15.53
C4 ATR K . -22.79 35.03 -16.79
CL CL L . -9.47 24.71 -31.76
CL CL M . 1.49 40.08 -15.91
O22 P33 N . -16.40 15.23 -1.47
C21 P33 N . -17.37 16.06 -0.83
C20 P33 N . -17.69 17.22 -1.78
O19 P33 N . -19.05 17.66 -1.71
C18 P33 N . -20.03 16.61 -1.75
C17 P33 N . -20.15 15.98 -3.14
O16 P33 N . -20.11 14.56 -3.01
C15 P33 N . -19.66 13.95 -4.22
C14 P33 N . -18.13 13.90 -4.34
O13 P33 N . -17.60 12.72 -3.74
C12 P33 N . -17.46 11.62 -4.64
C11 P33 N . -18.03 10.33 -4.07
O10 P33 N . -19.37 10.45 -3.56
C9 P33 N . -19.36 10.48 -2.13
C8 P33 N . -20.40 9.52 -1.53
O7 P33 N . -20.78 8.44 -2.39
C6 P33 N . -20.03 7.23 -2.20
C5 P33 N . -20.51 6.41 -0.98
O4 P33 N . -20.30 7.14 0.25
#